data_6CZP
#
_entry.id   6CZP
#
_cell.length_a   118.769
_cell.length_b   119.659
_cell.length_c   131.175
_cell.angle_alpha   90.00
_cell.angle_beta   90.00
_cell.angle_gamma   90.00
#
_symmetry.space_group_name_H-M   'P 21 21 21'
#
loop_
_entity.id
_entity.type
_entity.pdbx_description
1 polymer 'Oxygen-insensitive NAD(P)H nitroreductase'
2 non-polymer 'FLAVIN MONONUCLEOTIDE'
3 non-polymer GLYCEROL
4 non-polymer DI(HYDROXYETHYL)ETHER
5 non-polymer 'CHLORIDE ION'
6 non-polymer 'TRIETHYLENE GLYCOL'
7 water water
#
_entity_poly.entity_id   1
_entity_poly.type   'polypeptide(L)'
_entity_poly.pdbx_seq_one_letter_code
;SNAMTIVQAAQSRYSTKAFDASRKLPEEKVAAVKELIRMSASSVNSQPWHFIVASSEEGKARIAKATQGGFAFNERKILD
ASHVVVFCAKTAIDEAYLLDLLESEDKDGRFADVEAKNGMHAGRSFFVNMHRFDLKDAHHWMEKQVYLNVGTLLLGASAM
EIDAVPIEGFDAKVLDEEFGLREKGFTSVVIVPLGYHSEDDFNAKLPKSRWSAETVFTEI
;
_entity_poly.pdbx_strand_id   A,B,C,D,E,F,G,H
#
# COMPACT_ATOMS: atom_id res chain seq x y z
N ASN A 2 19.30 -1.51 38.27
CA ASN A 2 19.63 -2.78 38.99
C ASN A 2 18.31 -3.47 39.41
N ALA A 3 18.35 -4.29 40.46
CA ALA A 3 17.15 -5.02 40.93
C ALA A 3 16.06 -4.07 41.44
N MET A 4 16.44 -3.00 42.14
CA MET A 4 15.47 -2.04 42.68
C MET A 4 14.71 -1.33 41.54
N THR A 5 15.47 -0.84 40.56
CA THR A 5 14.92 -0.07 39.45
C THR A 5 14.09 -0.95 38.50
N ILE A 6 14.46 -2.21 38.30
CA ILE A 6 13.71 -3.06 37.33
C ILE A 6 12.39 -3.53 37.97
N VAL A 7 12.41 -3.98 39.23
CA VAL A 7 11.19 -4.40 39.94
C VAL A 7 10.26 -3.19 40.05
N GLN A 8 10.88 -2.02 40.22
CA GLN A 8 10.12 -0.78 40.33
C GLN A 8 9.48 -0.49 38.97
N ALA A 9 10.24 -0.66 37.89
CA ALA A 9 9.71 -0.41 36.53
C ALA A 9 8.55 -1.38 36.23
N ALA A 10 8.65 -2.63 36.67
CA ALA A 10 7.59 -3.64 36.45
C ALA A 10 6.33 -3.37 37.30
N GLN A 11 6.50 -2.78 38.50
CA GLN A 11 5.36 -2.48 39.41
C GLN A 11 4.72 -1.12 39.09
N SER A 12 5.53 -0.14 38.68
CA SER A 12 5.04 1.21 38.38
C SER A 12 4.38 1.28 37.00
N ARG A 13 4.76 0.43 36.06
CA ARG A 13 4.10 0.51 34.76
C ARG A 13 2.66 0.01 34.93
N TYR A 14 1.82 0.40 33.97
CA TYR A 14 0.42 0.02 33.93
C TYR A 14 -0.08 0.38 32.52
N SER A 15 -1.22 -0.16 32.13
CA SER A 15 -1.78 0.12 30.81
C SER A 15 -2.52 1.48 30.80
N THR A 16 -1.83 2.49 30.24
CA THR A 16 -2.36 3.86 30.13
C THR A 16 -3.64 3.88 29.29
N LYS A 17 -4.67 4.53 29.80
CA LYS A 17 -5.97 4.63 29.12
C LYS A 17 -6.15 6.05 28.56
N ALA A 18 -5.29 6.97 28.97
CA ALA A 18 -5.41 8.34 28.45
C ALA A 18 -4.03 9.01 28.50
N PHE A 19 -3.61 9.48 27.35
CA PHE A 19 -2.34 10.13 27.22
C PHE A 19 -2.48 11.66 27.18
N ASP A 20 -1.41 12.31 27.58
CA ASP A 20 -1.32 13.76 27.57
C ASP A 20 -0.97 14.14 26.13
N ALA A 21 -1.95 14.65 25.38
CA ALA A 21 -1.79 14.97 23.93
C ALA A 21 -0.80 16.10 23.66
N SER A 22 -0.39 16.83 24.68
CA SER A 22 0.54 17.93 24.47
C SER A 22 1.99 17.49 24.70
N ARG A 23 2.23 16.31 25.27
CA ARG A 23 3.60 15.93 25.55
C ARG A 23 4.10 14.92 24.52
N LYS A 24 5.30 15.22 23.98
CA LYS A 24 5.94 14.41 22.95
C LYS A 24 7.27 13.80 23.46
N LEU A 25 7.53 12.59 23.02
CA LEU A 25 8.76 11.89 23.39
C LEU A 25 9.95 12.57 22.69
N PRO A 26 11.03 12.83 23.43
CA PRO A 26 12.25 13.42 22.88
C PRO A 26 12.95 12.36 22.03
N GLU A 27 13.66 12.80 21.01
CA GLU A 27 14.38 11.94 20.06
C GLU A 27 15.25 10.90 20.78
N GLU A 28 15.87 11.28 21.89
CA GLU A 28 16.74 10.34 22.60
C GLU A 28 15.95 9.11 23.10
N LYS A 29 14.74 9.33 23.58
CA LYS A 29 13.93 8.19 24.04
C LYS A 29 13.36 7.45 22.82
N VAL A 30 12.96 8.17 21.79
CA VAL A 30 12.44 7.54 20.57
C VAL A 30 13.52 6.62 19.99
N ALA A 31 14.75 7.11 19.87
CA ALA A 31 15.85 6.29 19.32
C ALA A 31 16.12 5.07 20.20
N ALA A 32 15.98 5.22 21.52
CA ALA A 32 16.22 4.10 22.46
C ALA A 32 15.11 3.05 22.32
N VAL A 33 13.88 3.50 22.08
CA VAL A 33 12.77 2.59 21.87
C VAL A 33 13.03 1.76 20.59
N LYS A 34 13.43 2.39 19.51
CA LYS A 34 13.66 1.69 18.26
C LYS A 34 14.82 0.69 18.38
N GLU A 35 15.90 1.07 19.04
CA GLU A 35 17.06 0.20 19.19
C GLU A 35 16.67 -1.03 20.00
N LEU A 36 15.93 -0.82 21.07
CA LEU A 36 15.46 -1.88 21.94
C LEU A 36 14.66 -2.95 21.15
N ILE A 37 13.67 -2.53 20.38
CA ILE A 37 12.86 -3.51 19.67
C ILE A 37 13.64 -4.12 18.48
N ARG A 38 14.51 -3.38 17.82
CA ARG A 38 15.27 -3.95 16.72
C ARG A 38 16.24 -5.03 17.22
N MET A 39 16.78 -4.84 18.42
CA MET A 39 17.80 -5.74 19.03
C MET A 39 17.19 -6.94 19.77
N SER A 40 15.87 -7.01 19.81
CA SER A 40 15.20 -8.07 20.51
C SER A 40 15.65 -9.44 20.03
N ALA A 41 15.64 -10.37 20.98
CA ALA A 41 15.92 -11.76 20.73
C ALA A 41 14.72 -12.36 20.01
N SER A 42 14.94 -13.47 19.33
CA SER A 42 13.92 -14.20 18.60
C SER A 42 14.44 -15.60 18.32
N SER A 43 13.54 -16.57 18.23
CA SER A 43 13.93 -17.93 17.96
C SER A 43 14.78 -17.97 16.68
N VAL A 44 15.93 -18.62 16.79
CA VAL A 44 16.95 -18.80 15.74
C VAL A 44 17.20 -17.47 15.03
N ASN A 45 17.08 -16.39 15.79
CA ASN A 45 17.33 -15.04 15.29
C ASN A 45 16.46 -14.74 14.05
N SER A 46 15.28 -15.37 13.97
CA SER A 46 14.37 -15.21 12.83
C SER A 46 13.86 -13.76 12.67
N GLN A 47 13.82 -12.96 13.75
CA GLN A 47 13.38 -11.54 13.64
C GLN A 47 12.22 -11.41 12.63
N PRO A 48 11.12 -12.15 12.83
CA PRO A 48 10.05 -12.14 11.83
C PRO A 48 9.08 -10.98 12.03
N TRP A 49 9.62 -9.78 11.96
CA TRP A 49 8.83 -8.63 12.25
C TRP A 49 9.16 -7.41 11.38
N HIS A 50 8.29 -6.42 11.54
CA HIS A 50 8.38 -5.11 10.92
C HIS A 50 7.61 -4.17 11.86
N PHE A 51 8.04 -2.92 11.96
CA PHE A 51 7.39 -2.01 12.87
C PHE A 51 7.07 -0.68 12.18
N ILE A 52 5.81 -0.27 12.30
CA ILE A 52 5.38 1.04 11.84
C ILE A 52 5.48 1.96 13.07
N VAL A 53 6.15 3.10 12.94
CA VAL A 53 6.27 4.04 14.06
C VAL A 53 5.65 5.36 13.60
N ALA A 54 4.51 5.71 14.20
CA ALA A 54 3.77 6.89 13.82
C ALA A 54 3.92 7.99 14.88
N SER A 55 4.39 9.15 14.43
CA SER A 55 4.60 10.30 15.31
C SER A 55 3.77 11.51 14.82
N SER A 56 3.35 11.50 13.57
CA SER A 56 2.56 12.63 13.07
C SER A 56 1.09 12.42 13.39
N GLU A 57 0.32 13.51 13.43
CA GLU A 57 -1.10 13.42 13.70
C GLU A 57 -1.79 12.66 12.57
N GLU A 58 -1.33 12.85 11.33
CA GLU A 58 -1.96 12.16 10.19
C GLU A 58 -1.65 10.66 10.26
N GLY A 59 -0.43 10.31 10.62
CA GLY A 59 -0.03 8.89 10.72
C GLY A 59 -0.81 8.16 11.80
N LYS A 60 -1.00 8.79 12.95
CA LYS A 60 -1.76 8.15 14.01
C LYS A 60 -3.23 8.04 13.57
N ALA A 61 -3.71 9.01 12.81
CA ALA A 61 -5.11 8.96 12.35
C ALA A 61 -5.29 7.74 11.44
N ARG A 62 -4.27 7.39 10.66
CA ARG A 62 -4.35 6.22 9.78
C ARG A 62 -4.51 4.94 10.62
N ILE A 63 -3.71 4.83 11.65
CA ILE A 63 -3.76 3.69 12.53
C ILE A 63 -5.12 3.66 13.24
N ALA A 64 -5.60 4.79 13.69
CA ALA A 64 -6.87 4.85 14.41
C ALA A 64 -8.06 4.38 13.54
N LYS A 65 -7.91 4.25 12.22
CA LYS A 65 -9.04 3.77 11.41
C LYS A 65 -9.38 2.34 11.82
N ALA A 66 -8.42 1.65 12.42
CA ALA A 66 -8.59 0.27 12.86
C ALA A 66 -9.22 0.19 14.26
N THR A 67 -9.51 1.32 14.90
CA THR A 67 -10.11 1.30 16.25
C THR A 67 -11.41 2.12 16.22
N GLN A 68 -12.39 1.58 15.52
CA GLN A 68 -13.70 2.20 15.34
C GLN A 68 -14.74 1.16 15.76
N GLY A 69 -15.98 1.62 15.90
CA GLY A 69 -17.10 0.77 16.32
C GLY A 69 -16.83 0.11 17.66
N GLY A 70 -16.89 -1.21 17.69
CA GLY A 70 -16.64 -1.96 18.94
C GLY A 70 -15.25 -1.73 19.51
N PHE A 71 -14.31 -1.20 18.71
CA PHE A 71 -12.96 -0.95 19.21
C PHE A 71 -12.69 0.55 19.39
N ALA A 72 -13.74 1.37 19.41
CA ALA A 72 -13.58 2.81 19.54
C ALA A 72 -12.95 3.16 20.88
N PHE A 73 -13.07 2.26 21.85
CA PHE A 73 -12.55 2.52 23.20
C PHE A 73 -11.02 2.64 23.17
N ASN A 74 -10.36 2.26 22.08
CA ASN A 74 -8.88 2.36 21.97
C ASN A 74 -8.45 3.53 21.07
N GLU A 75 -9.41 4.25 20.52
CA GLU A 75 -9.12 5.34 19.57
C GLU A 75 -8.28 6.47 20.18
N ARG A 76 -8.76 7.04 21.28
CA ARG A 76 -8.08 8.18 21.95
C ARG A 76 -6.65 7.79 22.36
N LYS A 77 -6.40 6.56 22.75
CA LYS A 77 -5.04 6.15 23.14
C LYS A 77 -4.10 6.31 21.95
N ILE A 78 -4.60 6.02 20.77
CA ILE A 78 -3.76 6.09 19.58
C ILE A 78 -3.59 7.56 19.16
N LEU A 79 -4.66 8.34 19.14
CA LEU A 79 -4.59 9.72 18.66
C LEU A 79 -3.81 10.63 19.63
N ASP A 80 -3.91 10.41 20.94
CA ASP A 80 -3.30 11.33 21.91
C ASP A 80 -1.88 10.97 22.31
N ALA A 81 -1.43 9.78 21.98
CA ALA A 81 -0.09 9.37 22.34
C ALA A 81 0.92 10.12 21.47
N SER A 82 2.17 10.11 21.89
CA SER A 82 3.25 10.76 21.18
C SER A 82 3.65 9.95 19.94
N HIS A 83 4.01 8.69 20.17
CA HIS A 83 4.46 7.74 19.14
C HIS A 83 3.66 6.44 19.25
N VAL A 84 3.22 5.91 18.12
CA VAL A 84 2.44 4.69 18.11
C VAL A 84 3.23 3.65 17.33
N VAL A 85 3.55 2.55 17.98
CA VAL A 85 4.31 1.49 17.33
C VAL A 85 3.35 0.35 16.96
N VAL A 86 3.32 -0.02 15.70
CA VAL A 86 2.51 -1.13 15.28
C VAL A 86 3.44 -2.32 15.06
N PHE A 87 3.30 -3.35 15.88
CA PHE A 87 4.13 -4.54 15.74
C PHE A 87 3.49 -5.44 14.69
N CYS A 88 4.27 -5.78 13.66
CA CYS A 88 3.79 -6.63 12.58
C CYS A 88 4.64 -7.90 12.54
N ALA A 89 4.01 -9.00 12.13
CA ALA A 89 4.66 -10.30 12.02
C ALA A 89 4.59 -10.79 10.58
N LYS A 90 5.62 -11.51 10.16
CA LYS A 90 5.62 -12.09 8.83
C LYS A 90 4.45 -13.09 8.74
N THR A 91 3.85 -13.24 7.56
CA THR A 91 2.74 -14.19 7.38
C THR A 91 3.23 -15.55 6.86
N ALA A 92 4.47 -15.61 6.40
CA ALA A 92 5.09 -16.81 5.89
C ALA A 92 6.61 -16.60 5.86
N ILE A 93 7.32 -17.69 5.75
CA ILE A 93 8.78 -17.67 5.77
C ILE A 93 9.25 -18.74 4.78
N ASP A 94 10.29 -18.42 4.01
CA ASP A 94 10.77 -19.36 3.00
C ASP A 94 12.30 -19.40 2.99
N GLU A 95 12.83 -20.21 2.09
CA GLU A 95 14.27 -20.37 1.97
C GLU A 95 14.95 -19.03 1.70
N ALA A 96 14.37 -18.23 0.79
CA ALA A 96 14.95 -16.93 0.41
C ALA A 96 15.08 -16.01 1.64
N TYR A 97 14.16 -16.07 2.59
CA TYR A 97 14.28 -15.21 3.77
C TYR A 97 15.41 -15.73 4.67
N LEU A 98 15.48 -17.04 4.84
CA LEU A 98 16.53 -17.65 5.65
C LEU A 98 17.92 -17.29 5.09
N LEU A 99 18.07 -17.30 3.76
CA LEU A 99 19.39 -17.00 3.17
C LEU A 99 19.72 -15.51 3.37
N ASP A 100 18.74 -14.61 3.23
CA ASP A 100 18.99 -13.19 3.45
C ASP A 100 19.51 -13.03 4.89
N LEU A 101 18.82 -13.69 5.80
CA LEU A 101 19.16 -13.67 7.22
C LEU A 101 20.57 -14.25 7.42
N LEU A 102 20.87 -15.35 6.74
CA LEU A 102 22.18 -15.96 6.91
C LEU A 102 23.26 -14.97 6.43
N GLU A 103 23.00 -14.30 5.31
CA GLU A 103 23.98 -13.35 4.76
C GLU A 103 24.17 -12.15 5.71
N SER A 104 23.10 -11.63 6.30
CA SER A 104 23.24 -10.48 7.20
C SER A 104 24.09 -10.89 8.40
N GLU A 105 23.92 -12.13 8.85
CA GLU A 105 24.69 -12.65 9.99
C GLU A 105 26.16 -12.82 9.59
N ASP A 106 26.38 -13.17 8.33
CA ASP A 106 27.73 -13.39 7.83
C ASP A 106 28.46 -12.04 7.79
N LYS A 107 27.82 -11.03 7.18
CA LYS A 107 28.39 -9.69 7.09
C LYS A 107 28.60 -9.09 8.49
N ASP A 108 27.88 -9.58 9.49
CA ASP A 108 28.03 -9.05 10.86
C ASP A 108 29.15 -9.82 11.59
N GLY A 109 29.79 -10.78 10.93
CA GLY A 109 30.92 -11.52 11.53
C GLY A 109 30.51 -12.56 12.57
N ARG A 110 29.36 -13.20 12.35
CA ARG A 110 28.83 -14.24 13.24
C ARG A 110 29.59 -15.56 13.08
N PHE A 111 30.08 -15.86 11.87
CA PHE A 111 30.71 -17.17 11.61
C PHE A 111 32.22 -17.06 11.34
N ALA A 112 32.96 -18.01 11.91
CA ALA A 112 34.41 -18.07 11.74
C ALA A 112 34.76 -18.70 10.39
N ASP A 113 34.09 -19.82 10.05
CA ASP A 113 34.30 -20.52 8.77
C ASP A 113 32.99 -20.58 7.99
N VAL A 114 33.08 -21.04 6.75
CA VAL A 114 31.90 -21.20 5.89
C VAL A 114 31.14 -22.43 6.40
N GLU A 115 31.84 -23.27 7.17
CA GLU A 115 31.26 -24.49 7.75
C GLU A 115 30.32 -24.10 8.89
N ALA A 116 30.72 -23.12 9.70
CA ALA A 116 29.92 -22.64 10.84
C ALA A 116 28.69 -21.88 10.32
N LYS A 117 28.81 -21.34 9.11
CA LYS A 117 27.72 -20.64 8.47
C LYS A 117 26.67 -21.68 8.05
N ASN A 118 27.15 -22.76 7.41
CA ASN A 118 26.30 -23.86 6.94
C ASN A 118 25.59 -24.50 8.15
N GLY A 119 26.30 -24.60 9.28
CA GLY A 119 25.76 -25.19 10.51
C GLY A 119 24.57 -24.40 11.06
N MET A 120 24.73 -23.08 11.11
CA MET A 120 23.66 -22.18 11.58
C MET A 120 22.44 -22.31 10.67
N HIS A 121 22.69 -22.45 9.35
CA HIS A 121 21.61 -22.55 8.37
C HIS A 121 20.85 -23.87 8.54
N ALA A 122 21.57 -24.98 8.73
CA ALA A 122 20.93 -26.29 8.91
C ALA A 122 20.09 -26.28 10.20
N GLY A 123 20.70 -25.81 11.29
CA GLY A 123 20.00 -25.73 12.59
C GLY A 123 18.76 -24.87 12.54
N ARG A 124 18.83 -23.73 11.81
CA ARG A 124 17.68 -22.83 11.71
C ARG A 124 16.61 -23.44 10.80
N SER A 125 17.04 -24.01 9.67
CA SER A 125 16.13 -24.65 8.74
C SER A 125 15.33 -25.75 9.44
N PHE A 126 15.96 -26.42 10.41
CA PHE A 126 15.29 -27.49 11.14
C PHE A 126 14.11 -26.93 11.94
N PHE A 127 14.36 -25.96 12.81
CA PHE A 127 13.28 -25.37 13.61
C PHE A 127 12.18 -24.79 12.71
N VAL A 128 12.58 -24.12 11.65
CA VAL A 128 11.63 -23.46 10.75
C VAL A 128 10.77 -24.50 10.03
N ASN A 129 11.39 -25.52 9.42
CA ASN A 129 10.60 -26.53 8.70
C ASN A 129 9.72 -27.31 9.69
N MET A 130 10.16 -27.47 10.93
CA MET A 130 9.32 -28.18 11.90
C MET A 130 8.00 -27.42 12.04
N HIS A 131 8.11 -26.13 12.30
CA HIS A 131 6.95 -25.28 12.49
C HIS A 131 6.12 -25.11 11.22
N ARG A 132 6.76 -25.13 10.06
CA ARG A 132 6.01 -24.94 8.82
C ARG A 132 5.25 -26.22 8.42
N PHE A 133 5.85 -27.39 8.63
CA PHE A 133 5.26 -28.60 8.12
C PHE A 133 4.91 -29.64 9.19
N ASP A 134 5.56 -29.64 10.36
CA ASP A 134 5.23 -30.68 11.36
C ASP A 134 4.15 -30.14 12.30
N LEU A 135 4.40 -29.01 12.93
CA LEU A 135 3.40 -28.43 13.81
C LEU A 135 2.43 -27.59 12.96
N LYS A 136 2.85 -27.21 11.76
CA LYS A 136 2.00 -26.41 10.84
C LYS A 136 1.51 -25.13 11.54
N ASP A 137 2.36 -24.49 12.34
CA ASP A 137 1.97 -23.27 13.10
C ASP A 137 2.98 -22.13 12.90
N ALA A 138 3.76 -22.18 11.81
CA ALA A 138 4.81 -21.18 11.50
C ALA A 138 4.31 -19.74 11.70
N HIS A 139 3.14 -19.42 11.22
CA HIS A 139 2.67 -18.04 11.37
C HIS A 139 2.46 -17.73 12.86
N HIS A 140 1.89 -18.67 13.63
CA HIS A 140 1.67 -18.41 15.05
C HIS A 140 3.01 -18.35 15.80
N TRP A 141 3.95 -19.18 15.38
CA TRP A 141 5.26 -19.22 16.01
C TRP A 141 5.99 -17.90 15.77
N MET A 142 5.87 -17.35 14.57
CA MET A 142 6.53 -16.07 14.32
C MET A 142 5.80 -14.98 15.12
N GLU A 143 4.49 -15.07 15.23
CA GLU A 143 3.79 -14.07 16.04
C GLU A 143 4.31 -14.13 17.48
N LYS A 144 4.65 -15.31 17.96
CA LYS A 144 5.14 -15.45 19.37
C LYS A 144 6.45 -14.68 19.54
N GLN A 145 7.32 -14.70 18.51
CA GLN A 145 8.58 -13.96 18.60
C GLN A 145 8.27 -12.45 18.69
N VAL A 146 7.27 -12.00 17.96
CA VAL A 146 6.87 -10.57 17.95
C VAL A 146 6.31 -10.19 19.34
N TYR A 147 5.54 -11.08 19.97
CA TYR A 147 5.00 -10.79 21.31
C TYR A 147 6.15 -10.69 22.34
N LEU A 148 7.19 -11.49 22.16
CA LEU A 148 8.34 -11.45 23.06
C LEU A 148 8.94 -10.04 22.99
N ASN A 149 9.04 -9.55 21.75
CA ASN A 149 9.57 -8.21 21.49
C ASN A 149 8.67 -7.17 22.19
N VAL A 150 7.35 -7.30 22.05
CA VAL A 150 6.42 -6.37 22.70
C VAL A 150 6.72 -6.33 24.18
N GLY A 151 6.99 -7.51 24.74
CA GLY A 151 7.33 -7.60 26.15
C GLY A 151 8.56 -6.76 26.49
N THR A 152 9.60 -6.80 25.66
CA THR A 152 10.81 -6.04 25.93
C THR A 152 10.48 -4.55 25.91
N LEU A 153 9.59 -4.14 25.00
CA LEU A 153 9.24 -2.74 24.91
C LEU A 153 8.43 -2.29 26.14
N LEU A 154 7.49 -3.10 26.61
CA LEU A 154 6.71 -2.66 27.75
C LEU A 154 7.60 -2.45 28.98
N LEU A 155 8.56 -3.34 29.22
CA LEU A 155 9.40 -3.16 30.40
C LEU A 155 10.40 -2.04 30.14
N GLY A 156 10.98 -2.05 28.94
CA GLY A 156 11.94 -1.05 28.55
C GLY A 156 11.34 0.35 28.59
N ALA A 157 10.12 0.50 28.12
CA ALA A 157 9.47 1.82 28.14
C ALA A 157 9.33 2.28 29.60
N SER A 158 8.92 1.38 30.48
CA SER A 158 8.77 1.69 31.89
C SER A 158 10.08 2.21 32.46
N ALA A 159 11.16 1.46 32.24
CA ALA A 159 12.47 1.84 32.76
C ALA A 159 12.87 3.23 32.27
N MET A 160 12.38 3.67 31.11
CA MET A 160 12.73 5.00 30.57
C MET A 160 11.68 6.03 30.98
N GLU A 161 10.76 5.67 31.86
CA GLU A 161 9.72 6.60 32.32
C GLU A 161 8.82 7.00 31.15
N ILE A 162 8.52 6.03 30.29
CA ILE A 162 7.62 6.21 29.17
C ILE A 162 6.34 5.43 29.47
N ASP A 163 5.18 6.05 29.33
CA ASP A 163 3.91 5.37 29.53
C ASP A 163 3.57 4.65 28.22
N ALA A 164 3.02 3.44 28.36
CA ALA A 164 2.67 2.61 27.24
C ALA A 164 1.42 1.77 27.55
N VAL A 165 0.82 1.24 26.48
CA VAL A 165 -0.33 0.34 26.60
C VAL A 165 -0.31 -0.61 25.39
N PRO A 166 -0.27 -1.92 25.64
CA PRO A 166 -0.33 -2.89 24.57
C PRO A 166 -1.81 -3.02 24.14
N ILE A 167 -2.04 -3.06 22.83
CA ILE A 167 -3.42 -3.10 22.31
C ILE A 167 -3.62 -4.21 21.29
N GLU A 168 -4.61 -5.06 21.54
CA GLU A 168 -5.02 -6.12 20.61
C GLU A 168 -6.42 -5.76 20.09
N GLY A 169 -7.09 -4.82 20.77
CA GLY A 169 -8.44 -4.38 20.42
C GLY A 169 -8.46 -3.46 19.20
N PHE A 170 -8.19 -4.04 18.03
CA PHE A 170 -8.18 -3.31 16.78
C PHE A 170 -8.53 -4.26 15.63
N ASP A 171 -9.04 -3.71 14.54
CA ASP A 171 -9.38 -4.49 13.36
C ASP A 171 -8.14 -4.59 12.48
N ALA A 172 -7.45 -5.70 12.61
CA ALA A 172 -6.21 -5.95 11.89
C ALA A 172 -6.41 -5.93 10.37
N LYS A 173 -7.59 -6.32 9.89
CA LYS A 173 -7.85 -6.31 8.45
C LYS A 173 -7.82 -4.87 7.94
N VAL A 174 -8.49 -3.98 8.66
CA VAL A 174 -8.53 -2.57 8.29
C VAL A 174 -7.11 -1.98 8.38
N LEU A 175 -6.37 -2.28 9.45
CA LEU A 175 -5.03 -1.71 9.60
C LEU A 175 -4.09 -2.28 8.53
N ASP A 176 -4.18 -3.57 8.23
CA ASP A 176 -3.32 -4.18 7.22
C ASP A 176 -3.57 -3.53 5.86
N GLU A 177 -4.84 -3.36 5.49
CA GLU A 177 -5.22 -2.77 4.21
C GLU A 177 -4.69 -1.33 4.14
N GLU A 178 -4.82 -0.60 5.25
CA GLU A 178 -4.40 0.81 5.30
C GLU A 178 -2.90 0.95 4.98
N PHE A 179 -2.08 -0.05 5.28
CA PHE A 179 -0.65 0.09 5.00
C PHE A 179 -0.17 -0.95 3.99
N GLY A 180 -1.11 -1.65 3.34
CA GLY A 180 -0.76 -2.71 2.38
C GLY A 180 0.21 -3.72 2.98
N LEU A 181 -0.06 -4.18 4.21
CA LEU A 181 0.88 -5.10 4.84
C LEU A 181 0.81 -6.52 4.28
N ARG A 182 -0.39 -7.01 4.01
CA ARG A 182 -0.55 -8.39 3.56
C ARG A 182 0.23 -8.64 2.26
N GLU A 183 0.17 -7.68 1.33
N GLU A 183 0.16 -7.72 1.30
CA GLU A 183 0.85 -7.76 0.04
CA GLU A 183 0.88 -7.91 0.03
C GLU A 183 2.37 -7.78 0.25
C GLU A 183 2.39 -7.85 0.29
N LYS A 184 2.82 -7.16 1.34
CA LYS A 184 4.24 -7.08 1.68
C LYS A 184 4.69 -8.30 2.51
N GLY A 185 3.77 -9.21 2.85
CA GLY A 185 4.12 -10.40 3.63
C GLY A 185 4.07 -10.17 5.14
N PHE A 186 3.31 -9.17 5.59
CA PHE A 186 3.20 -8.86 7.02
C PHE A 186 1.75 -8.65 7.44
N THR A 187 1.53 -8.76 8.74
CA THR A 187 0.21 -8.56 9.33
C THR A 187 0.39 -7.91 10.70
N SER A 188 -0.47 -6.96 11.04
CA SER A 188 -0.38 -6.25 12.31
C SER A 188 -0.94 -7.11 13.43
N VAL A 189 -0.27 -7.12 14.59
CA VAL A 189 -0.76 -7.99 15.68
C VAL A 189 -0.90 -7.23 17.00
N VAL A 190 -0.04 -6.25 17.27
CA VAL A 190 -0.16 -5.48 18.52
C VAL A 190 0.23 -4.04 18.23
N ILE A 191 -0.58 -3.12 18.75
CA ILE A 191 -0.35 -1.70 18.64
C ILE A 191 0.10 -1.22 20.02
N VAL A 192 1.17 -0.44 20.09
CA VAL A 192 1.63 0.06 21.38
C VAL A 192 1.83 1.58 21.30
N PRO A 193 0.86 2.33 21.82
CA PRO A 193 1.05 3.78 21.89
C PRO A 193 2.04 4.10 23.04
N LEU A 194 2.88 5.10 22.86
CA LEU A 194 3.88 5.52 23.84
C LEU A 194 3.71 7.02 24.07
N GLY A 195 3.95 7.46 25.30
CA GLY A 195 3.84 8.87 25.61
C GLY A 195 3.84 9.09 27.10
N TYR A 196 3.05 10.06 27.55
CA TYR A 196 2.93 10.39 28.97
C TYR A 196 1.43 10.39 29.33
N HIS A 197 1.09 9.70 30.40
CA HIS A 197 -0.31 9.62 30.80
C HIS A 197 -0.84 10.99 31.23
N SER A 198 -2.10 11.24 30.96
CA SER A 198 -2.71 12.49 31.44
C SER A 198 -3.06 12.28 32.92
N GLU A 199 -3.16 13.35 33.70
CA GLU A 199 -3.46 13.20 35.14
C GLU A 199 -4.87 12.64 35.36
N ASP A 200 -5.75 12.77 34.38
CA ASP A 200 -7.13 12.27 34.51
C ASP A 200 -7.19 10.76 34.25
N ASP A 201 -6.09 10.11 33.79
CA ASP A 201 -6.12 8.64 33.52
C ASP A 201 -6.55 7.89 34.79
N PHE A 202 -7.76 7.33 34.76
CA PHE A 202 -8.31 6.61 35.90
C PHE A 202 -7.48 5.36 36.24
N ASN A 203 -6.88 4.70 35.24
CA ASN A 203 -6.13 3.44 35.47
C ASN A 203 -4.80 3.69 36.20
N ALA A 204 -4.32 4.93 36.27
CA ALA A 204 -3.05 5.21 36.97
C ALA A 204 -3.24 5.19 38.49
N LYS A 205 -4.47 5.33 38.98
CA LYS A 205 -4.73 5.37 40.42
C LYS A 205 -5.19 3.99 40.93
N LEU A 206 -5.49 3.05 40.05
CA LEU A 206 -5.95 1.73 40.52
C LEU A 206 -4.76 0.81 40.79
N PRO A 207 -4.89 -0.06 41.81
CA PRO A 207 -3.83 -1.00 42.16
C PRO A 207 -3.69 -2.06 41.07
N LYS A 208 -2.49 -2.59 40.93
CA LYS A 208 -2.20 -3.61 39.93
C LYS A 208 -2.61 -4.96 40.50
N SER A 209 -3.35 -5.75 39.71
CA SER A 209 -3.84 -7.07 40.15
C SER A 209 -3.19 -8.22 39.37
N ARG A 210 -2.62 -9.16 40.12
CA ARG A 210 -1.99 -10.34 39.56
C ARG A 210 -2.23 -11.56 40.45
N TRP A 211 -2.10 -12.76 39.88
CA TRP A 211 -2.24 -13.96 40.70
C TRP A 211 -1.17 -13.86 41.78
N SER A 212 -1.39 -14.46 42.95
CA SER A 212 -0.39 -14.44 44.01
C SER A 212 0.79 -15.32 43.58
N ALA A 213 1.94 -15.11 44.23
CA ALA A 213 3.16 -15.86 43.94
C ALA A 213 2.94 -17.35 44.22
N GLU A 214 2.22 -17.67 45.29
CA GLU A 214 1.98 -19.07 45.64
C GLU A 214 1.19 -19.77 44.51
N THR A 215 0.36 -19.01 43.79
CA THR A 215 -0.47 -19.57 42.71
C THR A 215 0.35 -19.79 41.42
N VAL A 216 1.22 -18.86 41.06
CA VAL A 216 1.90 -18.97 39.74
C VAL A 216 3.28 -19.61 39.81
N PHE A 217 3.84 -19.89 41.00
CA PHE A 217 5.19 -20.47 41.06
C PHE A 217 5.23 -21.87 41.68
N THR A 218 6.16 -22.64 41.15
CA THR A 218 6.50 -23.98 41.61
C THR A 218 8.03 -24.01 41.70
N GLU A 219 8.53 -23.81 42.92
CA GLU A 219 9.98 -23.76 43.17
C GLU A 219 10.48 -25.16 43.52
N ILE A 220 11.58 -25.57 42.88
CA ILE A 220 12.16 -26.91 43.11
C ILE A 220 13.69 -26.79 43.10
N ALA B 3 17.15 4.60 30.01
CA ALA B 3 17.08 4.79 28.51
C ALA B 3 18.43 4.44 27.90
N MET B 4 19.49 5.00 28.46
CA MET B 4 20.86 4.73 28.00
C MET B 4 21.27 3.35 28.54
N THR B 5 20.93 3.10 29.82
CA THR B 5 21.24 1.83 30.49
C THR B 5 20.27 0.72 30.05
N ILE B 6 19.08 1.04 29.57
CA ILE B 6 18.18 -0.04 29.16
C ILE B 6 18.56 -0.46 27.72
N VAL B 7 19.07 0.51 26.93
CA VAL B 7 19.56 0.23 25.57
C VAL B 7 20.81 -0.65 25.72
N GLN B 8 21.73 -0.23 26.60
CA GLN B 8 22.96 -1.00 26.86
C GLN B 8 22.58 -2.41 27.35
N ALA B 9 21.41 -2.51 27.99
CA ALA B 9 20.93 -3.81 28.44
C ALA B 9 20.58 -4.68 27.22
N ALA B 10 19.77 -4.13 26.32
CA ALA B 10 19.34 -4.83 25.08
C ALA B 10 20.54 -5.23 24.23
N GLN B 11 21.55 -4.36 24.15
CA GLN B 11 22.75 -4.59 23.33
C GLN B 11 23.72 -5.58 23.98
N SER B 12 23.97 -5.47 25.28
CA SER B 12 24.97 -6.34 25.94
C SER B 12 24.42 -7.74 26.24
N ARG B 13 23.10 -7.93 26.41
CA ARG B 13 22.62 -9.30 26.66
C ARG B 13 22.91 -10.16 25.42
N TYR B 14 22.89 -11.47 25.60
CA TYR B 14 23.14 -12.43 24.52
C TYR B 14 22.73 -13.81 25.01
N SER B 15 22.60 -14.78 24.11
CA SER B 15 22.22 -16.15 24.52
C SER B 15 23.46 -16.90 25.07
N THR B 16 23.44 -17.14 26.38
CA THR B 16 24.54 -17.84 27.08
C THR B 16 24.53 -19.32 26.69
N LYS B 17 25.68 -19.83 26.25
CA LYS B 17 25.78 -21.25 25.85
C LYS B 17 26.49 -22.06 26.94
N ALA B 18 26.94 -21.40 28.00
CA ALA B 18 27.62 -22.09 29.08
C ALA B 18 27.61 -21.21 30.34
N PHE B 19 27.05 -21.76 31.42
CA PHE B 19 26.97 -21.07 32.70
C PHE B 19 28.03 -21.61 33.67
N ASP B 20 28.37 -20.79 34.66
CA ASP B 20 29.31 -21.16 35.70
C ASP B 20 28.49 -21.86 36.80
N ALA B 21 28.73 -23.14 37.02
CA ALA B 21 27.93 -23.89 38.03
C ALA B 21 28.20 -23.39 39.45
N SER B 22 29.30 -22.68 39.66
CA SER B 22 29.66 -22.22 41.02
C SER B 22 29.04 -20.85 41.36
N ARG B 23 28.49 -20.09 40.39
CA ARG B 23 27.90 -18.78 40.74
C ARG B 23 26.37 -18.84 40.77
N LYS B 24 25.83 -18.32 41.86
CA LYS B 24 24.41 -18.30 42.11
C LYS B 24 23.93 -16.84 42.16
N LEU B 25 22.66 -16.63 41.83
CA LEU B 25 22.09 -15.29 41.86
C LEU B 25 21.84 -14.90 43.32
N PRO B 26 22.04 -13.62 43.65
CA PRO B 26 21.75 -13.19 45.02
C PRO B 26 20.22 -13.28 45.22
N GLU B 27 19.80 -13.48 46.45
CA GLU B 27 18.39 -13.62 46.77
C GLU B 27 17.61 -12.35 46.37
N GLU B 28 18.26 -11.18 46.36
CA GLU B 28 17.55 -9.94 46.00
C GLU B 28 17.16 -9.96 44.51
N LYS B 29 17.99 -10.59 43.69
CA LYS B 29 17.73 -10.63 42.25
C LYS B 29 16.73 -11.76 41.91
N VAL B 30 16.75 -12.85 42.66
CA VAL B 30 15.79 -13.93 42.43
C VAL B 30 14.41 -13.39 42.76
N ALA B 31 14.26 -12.74 43.92
CA ALA B 31 12.96 -12.19 44.31
C ALA B 31 12.48 -11.20 43.24
N ALA B 32 13.45 -10.52 42.61
CA ALA B 32 13.17 -9.56 41.56
C ALA B 32 12.70 -10.28 40.30
N VAL B 33 13.40 -11.34 39.92
CA VAL B 33 13.03 -12.09 38.75
C VAL B 33 11.58 -12.56 38.88
N LYS B 34 11.25 -13.14 40.02
CA LYS B 34 9.92 -13.68 40.29
C LYS B 34 8.86 -12.57 40.26
N GLU B 35 9.15 -11.44 40.88
CA GLU B 35 8.17 -10.35 40.90
C GLU B 35 7.97 -9.81 39.47
N LEU B 36 9.06 -9.70 38.74
CA LEU B 36 9.05 -9.19 37.38
C LEU B 36 8.11 -9.99 36.48
N ILE B 37 8.30 -11.32 36.45
CA ILE B 37 7.50 -12.15 35.58
C ILE B 37 6.05 -12.24 36.09
N ARG B 38 5.84 -12.16 37.41
CA ARG B 38 4.47 -12.25 37.91
C ARG B 38 3.70 -10.98 37.56
N MET B 39 4.42 -9.87 37.47
CA MET B 39 3.80 -8.56 37.21
C MET B 39 3.62 -8.28 35.71
N SER B 40 4.06 -9.19 34.84
CA SER B 40 3.96 -8.96 33.41
C SER B 40 2.51 -8.71 32.98
N ALA B 41 2.40 -7.92 31.92
CA ALA B 41 1.13 -7.61 31.34
C ALA B 41 0.69 -8.82 30.48
N SER B 42 -0.59 -8.85 30.16
CA SER B 42 -1.16 -9.89 29.31
C SER B 42 -2.52 -9.37 28.80
N SER B 43 -2.93 -9.82 27.63
CA SER B 43 -4.21 -9.41 27.09
C SER B 43 -5.30 -9.72 28.12
N VAL B 44 -6.15 -8.72 28.40
CA VAL B 44 -7.26 -8.76 29.37
C VAL B 44 -6.80 -9.34 30.71
N ASN B 45 -5.55 -9.08 31.06
CA ASN B 45 -4.96 -9.52 32.32
C ASN B 45 -5.17 -11.05 32.45
N SER B 46 -5.18 -11.76 31.33
CA SER B 46 -5.44 -13.22 31.31
C SER B 46 -4.41 -14.01 32.13
N GLN B 47 -3.15 -13.54 32.19
CA GLN B 47 -2.07 -14.21 32.95
C GLN B 47 -2.19 -15.73 32.77
N PRO B 48 -2.25 -16.21 31.53
CA PRO B 48 -2.46 -17.63 31.25
C PRO B 48 -1.19 -18.48 31.42
N TRP B 49 -0.58 -18.39 32.60
CA TRP B 49 0.71 -19.04 32.77
C TRP B 49 0.95 -19.59 34.17
N HIS B 50 2.04 -20.35 34.24
CA HIS B 50 2.59 -20.91 35.48
C HIS B 50 4.11 -20.95 35.27
N PHE B 51 4.90 -20.73 36.32
CA PHE B 51 6.35 -20.73 36.17
C PHE B 51 7.01 -21.71 37.14
N ILE B 52 7.92 -22.54 36.61
CA ILE B 52 8.72 -23.45 37.42
C ILE B 52 10.08 -22.78 37.56
N VAL B 53 10.49 -22.57 38.80
CA VAL B 53 11.75 -21.97 39.08
C VAL B 53 12.60 -23.02 39.79
N ALA B 54 13.53 -23.63 39.05
CA ALA B 54 14.40 -24.69 39.56
C ALA B 54 15.78 -24.14 39.92
N SER B 55 16.22 -24.34 41.17
CA SER B 55 17.55 -23.85 41.58
C SER B 55 18.41 -24.98 42.19
N SER B 56 17.84 -26.18 42.41
CA SER B 56 18.62 -27.32 42.97
C SER B 56 19.15 -28.21 41.84
N GLU B 57 20.10 -29.08 42.15
N GLU B 57 20.09 -29.08 42.18
CA GLU B 57 20.66 -29.97 41.13
CA GLU B 57 20.67 -30.01 41.22
C GLU B 57 19.57 -30.95 40.67
C GLU B 57 19.58 -30.94 40.70
N GLU B 58 18.67 -31.33 41.59
CA GLU B 58 17.58 -32.25 41.26
C GLU B 58 16.59 -31.53 40.34
N GLY B 59 16.14 -30.35 40.77
CA GLY B 59 15.20 -29.56 39.97
C GLY B 59 15.65 -29.43 38.53
N LYS B 60 16.90 -29.00 38.35
CA LYS B 60 17.48 -28.78 37.02
C LYS B 60 17.63 -30.10 36.27
N ALA B 61 17.98 -31.18 36.95
CA ALA B 61 18.16 -32.48 36.30
C ALA B 61 16.83 -32.98 35.72
N ARG B 62 15.74 -32.78 36.45
CA ARG B 62 14.44 -33.22 35.98
C ARG B 62 14.08 -32.50 34.68
N ILE B 63 14.35 -31.20 34.63
CA ILE B 63 14.08 -30.36 33.46
C ILE B 63 15.01 -30.82 32.32
N ALA B 64 16.25 -31.12 32.65
CA ALA B 64 17.26 -31.54 31.69
C ALA B 64 16.84 -32.85 31.00
N LYS B 65 15.87 -33.58 31.53
CA LYS B 65 15.41 -34.80 30.86
C LYS B 65 14.76 -34.40 29.52
N ALA B 66 14.25 -33.17 29.46
CA ALA B 66 13.58 -32.66 28.26
C ALA B 66 14.61 -32.22 27.21
N THR B 67 15.88 -32.14 27.60
CA THR B 67 16.93 -31.73 26.65
C THR B 67 17.92 -32.87 26.47
N GLN B 68 17.49 -33.91 25.76
CA GLN B 68 18.34 -35.07 25.49
C GLN B 68 18.21 -35.41 24.00
N GLY B 69 19.12 -36.25 23.49
CA GLY B 69 19.12 -36.61 22.09
C GLY B 69 19.43 -35.40 21.22
N GLY B 70 18.54 -35.10 20.27
CA GLY B 70 18.71 -33.97 19.35
C GLY B 70 18.72 -32.61 20.06
N PHE B 71 18.28 -32.54 21.31
CA PHE B 71 18.28 -31.26 22.06
C PHE B 71 19.32 -31.28 23.18
N ALA B 72 20.34 -32.13 23.05
CA ALA B 72 21.37 -32.24 24.10
C ALA B 72 22.24 -30.98 24.16
N PHE B 73 22.30 -30.22 23.07
CA PHE B 73 23.12 -29.01 23.04
C PHE B 73 22.65 -27.98 24.09
N ASN B 74 21.44 -28.15 24.61
CA ASN B 74 20.90 -27.21 25.63
C ASN B 74 21.04 -27.77 27.05
N GLU B 75 21.58 -28.98 27.18
CA GLU B 75 21.69 -29.63 28.49
C GLU B 75 22.59 -28.83 29.45
N ARG B 76 23.84 -28.60 29.05
CA ARG B 76 24.78 -27.88 29.91
C ARG B 76 24.13 -26.56 30.38
N LYS B 77 23.35 -25.91 29.53
CA LYS B 77 22.73 -24.63 29.89
C LYS B 77 21.78 -24.78 31.10
N ILE B 78 20.95 -25.79 31.08
CA ILE B 78 19.98 -25.99 32.16
C ILE B 78 20.67 -26.44 33.47
N LEU B 79 21.73 -27.25 33.38
CA LEU B 79 22.40 -27.78 34.58
C LEU B 79 23.34 -26.77 35.25
N ASP B 80 24.06 -26.00 34.46
CA ASP B 80 25.06 -25.06 34.97
C ASP B 80 24.48 -23.70 35.42
N ALA B 81 23.23 -23.39 35.11
CA ALA B 81 22.73 -22.07 35.52
C ALA B 81 22.34 -22.07 37.01
N SER B 82 22.13 -20.88 37.54
CA SER B 82 21.73 -20.68 38.93
C SER B 82 20.26 -21.06 39.11
N HIS B 83 19.41 -20.33 38.40
CA HIS B 83 17.97 -20.54 38.44
C HIS B 83 17.46 -20.78 37.01
N VAL B 84 16.58 -21.75 36.85
CA VAL B 84 16.01 -22.05 35.53
C VAL B 84 14.50 -21.81 35.60
N VAL B 85 13.99 -20.95 34.72
CA VAL B 85 12.58 -20.63 34.69
C VAL B 85 11.90 -21.34 33.52
N VAL B 86 10.95 -22.22 33.83
CA VAL B 86 10.20 -22.87 32.78
C VAL B 86 8.87 -22.13 32.66
N PHE B 87 8.68 -21.47 31.52
CA PHE B 87 7.46 -20.75 31.22
C PHE B 87 6.42 -21.73 30.70
N CYS B 88 5.29 -21.80 31.39
CA CYS B 88 4.23 -22.72 30.99
C CYS B 88 2.96 -21.94 30.67
N ALA B 89 2.23 -22.45 29.71
CA ALA B 89 1.00 -21.84 29.29
C ALA B 89 -0.16 -22.79 29.54
N LYS B 90 -1.31 -22.19 29.78
CA LYS B 90 -2.53 -22.91 29.96
C LYS B 90 -2.85 -23.63 28.65
N THR B 91 -3.47 -24.79 28.77
CA THR B 91 -3.83 -25.61 27.62
C THR B 91 -5.22 -25.25 27.14
N ALA B 92 -6.01 -24.64 28.02
CA ALA B 92 -7.34 -24.26 27.70
C ALA B 92 -7.81 -23.19 28.70
N ILE B 93 -8.92 -22.55 28.38
CA ILE B 93 -9.40 -21.50 29.22
C ILE B 93 -10.93 -21.58 29.25
N ASP B 94 -11.51 -21.56 30.44
CA ASP B 94 -12.95 -21.70 30.52
C ASP B 94 -13.53 -20.55 31.36
N GLU B 95 -14.85 -20.59 31.46
CA GLU B 95 -15.67 -19.61 32.17
C GLU B 95 -15.26 -19.56 33.66
N ALA B 96 -14.92 -20.70 34.25
CA ALA B 96 -14.52 -20.77 35.67
C ALA B 96 -13.20 -20.02 35.88
N TYR B 97 -12.26 -20.16 34.95
CA TYR B 97 -10.99 -19.43 35.11
C TYR B 97 -11.25 -17.91 35.04
N LEU B 98 -12.14 -17.48 34.14
CA LEU B 98 -12.40 -16.03 34.00
C LEU B 98 -13.04 -15.50 35.29
N LEU B 99 -13.95 -16.27 35.86
CA LEU B 99 -14.58 -15.81 37.12
C LEU B 99 -13.52 -15.79 38.24
N ASP B 100 -12.67 -16.79 38.28
CA ASP B 100 -11.59 -16.80 39.28
C ASP B 100 -10.75 -15.52 39.17
N LEU B 101 -10.38 -15.20 37.93
CA LEU B 101 -9.56 -14.05 37.63
C LEU B 101 -10.29 -12.77 38.06
N LEU B 102 -11.57 -12.72 37.81
CA LEU B 102 -12.37 -11.58 38.18
C LEU B 102 -12.36 -11.43 39.72
N GLU B 103 -12.51 -12.54 40.44
CA GLU B 103 -12.51 -12.46 41.90
C GLU B 103 -11.15 -11.95 42.41
N SER B 104 -10.03 -12.41 41.82
CA SER B 104 -8.74 -11.92 42.30
C SER B 104 -8.65 -10.41 42.06
N GLU B 105 -9.15 -9.95 40.93
CA GLU B 105 -9.13 -8.51 40.62
C GLU B 105 -9.98 -7.77 41.64
N ASP B 106 -11.12 -8.36 42.01
CA ASP B 106 -12.02 -7.73 42.98
C ASP B 106 -11.34 -7.63 44.34
N LYS B 107 -10.70 -8.70 44.80
CA LYS B 107 -10.02 -8.67 46.11
C LYS B 107 -8.91 -7.62 46.12
N ASP B 108 -8.29 -7.38 44.97
CA ASP B 108 -7.19 -6.40 44.86
C ASP B 108 -7.73 -4.97 44.77
N GLY B 109 -9.05 -4.76 44.75
CA GLY B 109 -9.62 -3.39 44.73
C GLY B 109 -9.70 -2.75 43.34
N ARG B 110 -9.89 -3.53 42.29
CA ARG B 110 -9.98 -2.93 40.95
C ARG B 110 -11.41 -2.42 40.67
N PHE B 111 -12.41 -2.90 41.40
CA PHE B 111 -13.79 -2.54 41.07
C PHE B 111 -14.44 -1.70 42.17
N ALA B 112 -14.76 -0.46 41.81
CA ALA B 112 -15.40 0.49 42.74
C ALA B 112 -16.82 0.01 43.05
N ASP B 113 -17.47 -0.60 42.06
CA ASP B 113 -18.85 -1.12 42.23
C ASP B 113 -19.04 -2.38 41.37
N VAL B 114 -20.20 -3.00 41.49
CA VAL B 114 -20.48 -4.23 40.74
C VAL B 114 -20.59 -3.91 39.24
N GLU B 115 -20.97 -2.69 38.86
CA GLU B 115 -21.07 -2.35 37.43
C GLU B 115 -19.67 -2.43 36.79
N ALA B 116 -18.63 -2.03 37.50
CA ALA B 116 -17.28 -2.11 36.92
C ALA B 116 -16.83 -3.57 36.87
N LYS B 117 -17.22 -4.36 37.86
CA LYS B 117 -16.84 -5.77 37.88
C LYS B 117 -17.53 -6.47 36.71
N ASN B 118 -18.83 -6.27 36.59
CA ASN B 118 -19.57 -6.87 35.47
C ASN B 118 -19.01 -6.36 34.14
N GLY B 119 -18.62 -5.09 34.10
CA GLY B 119 -18.08 -4.52 32.87
C GLY B 119 -16.82 -5.23 32.43
N MET B 120 -15.88 -5.38 33.34
CA MET B 120 -14.61 -6.03 33.06
C MET B 120 -14.84 -7.50 32.66
N HIS B 121 -15.86 -8.15 33.23
CA HIS B 121 -16.09 -9.56 32.89
C HIS B 121 -16.66 -9.66 31.47
N ALA B 122 -17.56 -8.75 31.14
CA ALA B 122 -18.19 -8.74 29.81
C ALA B 122 -17.11 -8.51 28.74
N GLY B 123 -16.19 -7.59 29.03
CA GLY B 123 -15.11 -7.22 28.12
C GLY B 123 -14.14 -8.36 27.88
N ARG B 124 -13.69 -8.97 28.98
CA ARG B 124 -12.75 -10.11 28.92
C ARG B 124 -13.47 -11.32 28.30
N SER B 125 -14.73 -11.54 28.64
CA SER B 125 -15.44 -12.69 28.06
C SER B 125 -15.49 -12.56 26.54
N PHE B 126 -15.70 -11.34 26.04
CA PHE B 126 -15.78 -11.12 24.58
C PHE B 126 -14.48 -11.57 23.90
N PHE B 127 -13.33 -11.10 24.38
CA PHE B 127 -12.06 -11.46 23.75
C PHE B 127 -11.76 -12.95 23.86
N VAL B 128 -12.01 -13.53 25.04
CA VAL B 128 -11.72 -14.95 25.26
C VAL B 128 -12.65 -15.80 24.40
N ASN B 129 -13.93 -15.52 24.41
CA ASN B 129 -14.88 -16.29 23.59
C ASN B 129 -14.52 -16.17 22.10
N MET B 130 -14.06 -15.00 21.68
CA MET B 130 -13.69 -14.81 20.28
C MET B 130 -12.54 -15.74 19.92
N HIS B 131 -11.54 -15.81 20.79
CA HIS B 131 -10.40 -16.67 20.54
C HIS B 131 -10.77 -18.16 20.63
N ARG B 132 -11.59 -18.52 21.60
CA ARG B 132 -11.95 -19.94 21.75
C ARG B 132 -12.85 -20.40 20.61
N PHE B 133 -13.85 -19.59 20.24
CA PHE B 133 -14.83 -20.13 19.33
C PHE B 133 -14.86 -19.48 17.94
N ASP B 134 -14.38 -18.26 17.76
CA ASP B 134 -14.47 -17.66 16.44
C ASP B 134 -13.14 -17.82 15.71
N LEU B 135 -12.03 -17.40 16.33
CA LEU B 135 -10.74 -17.58 15.69
C LEU B 135 -10.26 -19.02 15.90
N LYS B 136 -10.70 -19.65 16.99
CA LYS B 136 -10.31 -21.04 17.31
C LYS B 136 -8.79 -21.15 17.46
N ASP B 137 -8.19 -20.17 18.13
CA ASP B 137 -6.75 -20.13 18.31
C ASP B 137 -6.40 -19.85 19.78
N ALA B 138 -7.26 -20.24 20.70
CA ALA B 138 -7.07 -19.90 22.12
C ALA B 138 -5.69 -20.28 22.67
N HIS B 139 -5.23 -21.49 22.43
CA HIS B 139 -3.93 -21.88 23.00
C HIS B 139 -2.83 -20.98 22.42
N HIS B 140 -2.86 -20.73 21.12
CA HIS B 140 -1.82 -19.85 20.49
C HIS B 140 -1.88 -18.44 21.08
N TRP B 141 -3.09 -17.97 21.31
CA TRP B 141 -3.28 -16.64 21.88
C TRP B 141 -2.69 -16.58 23.28
N MET B 142 -2.91 -17.64 24.05
CA MET B 142 -2.42 -17.69 25.42
C MET B 142 -0.89 -17.80 25.41
N GLU B 143 -0.34 -18.61 24.52
CA GLU B 143 1.12 -18.75 24.46
C GLU B 143 1.77 -17.41 24.10
N LYS B 144 1.11 -16.61 23.25
CA LYS B 144 1.65 -15.29 22.85
C LYS B 144 1.77 -14.38 24.08
N GLN B 145 0.85 -14.50 25.04
CA GLN B 145 0.93 -13.69 26.26
C GLN B 145 2.14 -14.18 27.07
N VAL B 146 2.38 -15.48 27.00
CA VAL B 146 3.52 -16.09 27.71
C VAL B 146 4.83 -15.59 27.08
N TYR B 147 4.89 -15.58 25.77
CA TYR B 147 6.10 -15.08 25.09
C TYR B 147 6.34 -13.62 25.46
N LEU B 148 5.26 -12.82 25.56
CA LEU B 148 5.41 -11.43 25.95
C LEU B 148 6.12 -11.39 27.29
N ASN B 149 5.73 -12.29 28.19
CA ASN B 149 6.30 -12.35 29.53
C ASN B 149 7.80 -12.72 29.41
N VAL B 150 8.13 -13.71 28.57
CA VAL B 150 9.54 -14.08 28.38
C VAL B 150 10.34 -12.84 27.97
N GLY B 151 9.76 -12.04 27.11
CA GLY B 151 10.42 -10.81 26.68
C GLY B 151 10.75 -9.88 27.83
N THR B 152 9.88 -9.78 28.81
CA THR B 152 10.17 -8.89 29.94
C THR B 152 11.32 -9.46 30.77
N LEU B 153 11.39 -10.80 30.87
CA LEU B 153 12.48 -11.41 31.64
C LEU B 153 13.82 -11.22 30.92
N LEU B 154 13.87 -11.43 29.61
CA LEU B 154 15.16 -11.28 28.92
C LEU B 154 15.71 -9.87 29.16
N LEU B 155 14.87 -8.86 29.05
CA LEU B 155 15.36 -7.49 29.23
C LEU B 155 15.68 -7.26 30.72
N GLY B 156 14.72 -7.57 31.58
CA GLY B 156 14.86 -7.40 33.01
C GLY B 156 16.15 -8.03 33.52
N ALA B 157 16.41 -9.26 33.07
CA ALA B 157 17.62 -9.98 33.46
C ALA B 157 18.85 -9.16 33.05
N SER B 158 18.84 -8.73 31.80
CA SER B 158 19.93 -7.94 31.26
C SER B 158 20.13 -6.67 32.11
N ALA B 159 19.03 -6.02 32.50
CA ALA B 159 19.09 -4.80 33.30
C ALA B 159 19.76 -5.07 34.64
N MET B 160 19.62 -6.29 35.14
CA MET B 160 20.23 -6.70 36.41
C MET B 160 21.58 -7.38 36.14
N GLU B 161 22.12 -7.18 34.94
CA GLU B 161 23.40 -7.77 34.57
C GLU B 161 23.41 -9.28 34.93
N ILE B 162 22.42 -9.97 34.38
CA ILE B 162 22.24 -11.41 34.54
C ILE B 162 22.24 -12.02 33.13
N ASP B 163 22.98 -13.11 32.95
CA ASP B 163 23.03 -13.77 31.66
C ASP B 163 21.78 -14.65 31.53
N ALA B 164 21.12 -14.63 30.37
CA ALA B 164 19.90 -15.42 30.21
C ALA B 164 19.71 -15.83 28.75
N VAL B 165 19.41 -17.12 28.57
CA VAL B 165 19.19 -17.71 27.24
C VAL B 165 17.78 -18.31 27.16
N PRO B 166 16.94 -17.84 26.21
CA PRO B 166 15.59 -18.38 25.98
C PRO B 166 15.72 -19.70 25.21
N ILE B 167 15.03 -20.75 25.62
CA ILE B 167 15.18 -22.04 24.94
C ILE B 167 13.84 -22.57 24.44
N GLU B 168 13.83 -22.97 23.17
CA GLU B 168 12.67 -23.58 22.50
C GLU B 168 13.01 -25.04 22.16
N GLY B 169 14.30 -25.36 22.16
CA GLY B 169 14.78 -26.72 21.81
C GLY B 169 14.75 -27.68 22.98
N PHE B 170 13.56 -28.18 23.29
CA PHE B 170 13.34 -29.15 24.35
C PHE B 170 12.09 -29.97 23.98
N ASP B 171 11.96 -31.17 24.54
CA ASP B 171 10.80 -32.02 24.26
C ASP B 171 9.70 -31.66 25.28
N ALA B 172 8.74 -30.86 24.84
CA ALA B 172 7.64 -30.40 25.70
C ALA B 172 6.88 -31.59 26.31
N LYS B 173 6.72 -32.67 25.53
CA LYS B 173 5.99 -33.83 26.02
C LYS B 173 6.74 -34.41 27.22
N VAL B 174 8.07 -34.51 27.11
CA VAL B 174 8.90 -35.08 28.18
C VAL B 174 8.92 -34.13 29.37
N LEU B 175 9.01 -32.83 29.13
CA LEU B 175 9.07 -31.91 30.27
C LEU B 175 7.72 -31.90 30.98
N ASP B 176 6.64 -31.85 30.20
CA ASP B 176 5.27 -31.82 30.75
C ASP B 176 5.00 -33.09 31.56
N GLU B 177 5.41 -34.24 31.05
CA GLU B 177 5.13 -35.50 31.75
C GLU B 177 5.93 -35.54 33.05
N GLU B 178 7.13 -34.98 33.03
CA GLU B 178 7.99 -34.97 34.19
C GLU B 178 7.30 -34.23 35.35
N PHE B 179 6.50 -33.20 35.07
CA PHE B 179 5.86 -32.44 36.16
C PHE B 179 4.34 -32.63 36.19
N GLY B 180 3.79 -33.56 35.40
CA GLY B 180 2.34 -33.76 35.35
C GLY B 180 1.60 -32.48 34.98
N LEU B 181 2.19 -31.67 34.09
CA LEU B 181 1.62 -30.38 33.71
C LEU B 181 0.29 -30.50 32.96
N ARG B 182 0.22 -31.38 31.97
CA ARG B 182 -0.99 -31.52 31.12
C ARG B 182 -2.23 -31.84 31.95
N GLU B 183 -2.12 -32.80 32.86
CA GLU B 183 -3.25 -33.13 33.70
C GLU B 183 -3.65 -31.89 34.52
N LYS B 184 -2.71 -31.00 34.81
CA LYS B 184 -3.00 -29.81 35.63
C LYS B 184 -3.46 -28.63 34.76
N GLY B 185 -3.51 -28.77 33.43
CA GLY B 185 -3.97 -27.71 32.51
C GLY B 185 -2.87 -26.75 32.06
N PHE B 186 -1.61 -27.20 32.05
CA PHE B 186 -0.48 -26.36 31.62
C PHE B 186 0.45 -27.17 30.69
N THR B 187 1.25 -26.46 29.90
CA THR B 187 2.21 -27.06 29.00
C THR B 187 3.43 -26.13 28.93
N SER B 188 4.63 -26.71 28.89
CA SER B 188 5.86 -25.94 28.84
C SER B 188 6.09 -25.36 27.44
N VAL B 189 6.46 -24.09 27.32
CA VAL B 189 6.70 -23.49 25.98
C VAL B 189 8.11 -22.88 25.86
N VAL B 190 8.69 -22.30 26.92
CA VAL B 190 10.03 -21.70 26.79
C VAL B 190 10.79 -21.91 28.10
N ILE B 191 12.05 -22.32 28.00
CA ILE B 191 12.90 -22.50 29.18
C ILE B 191 13.89 -21.34 29.18
N VAL B 192 14.06 -20.67 30.33
CA VAL B 192 15.02 -19.54 30.41
C VAL B 192 15.95 -19.73 31.61
N PRO B 193 17.13 -20.31 31.37
CA PRO B 193 18.11 -20.46 32.44
C PRO B 193 18.73 -19.09 32.76
N LEU B 194 18.94 -18.81 34.05
CA LEU B 194 19.50 -17.53 34.51
C LEU B 194 20.74 -17.78 35.36
N GLY B 195 21.79 -17.02 35.08
CA GLY B 195 23.02 -17.16 35.83
C GLY B 195 24.09 -16.23 35.29
N TYR B 196 25.33 -16.68 35.40
CA TYR B 196 26.48 -15.93 34.94
C TYR B 196 27.24 -16.84 33.97
N HIS B 197 27.58 -16.32 32.80
CA HIS B 197 28.26 -17.13 31.79
C HIS B 197 29.65 -17.54 32.28
N SER B 198 30.15 -18.65 31.76
CA SER B 198 31.49 -19.12 32.11
C SER B 198 32.50 -18.48 31.14
N GLU B 199 33.79 -18.49 31.50
CA GLU B 199 34.84 -17.90 30.65
C GLU B 199 35.00 -18.72 29.36
N ASP B 200 34.42 -19.92 29.31
CA ASP B 200 34.50 -20.79 28.13
C ASP B 200 33.22 -20.65 27.30
N ASP B 201 32.76 -19.42 27.08
CA ASP B 201 31.55 -19.16 26.30
C ASP B 201 31.94 -18.48 24.98
N PHE B 202 31.66 -19.17 23.87
CA PHE B 202 32.00 -18.69 22.53
C PHE B 202 31.02 -17.61 22.06
N ASN B 203 29.73 -17.76 22.35
CA ASN B 203 28.70 -16.82 21.89
C ASN B 203 28.80 -15.49 22.67
N ALA B 204 29.52 -15.47 23.79
CA ALA B 204 29.67 -14.26 24.58
C ALA B 204 30.68 -13.29 23.93
N LYS B 205 31.49 -13.80 23.02
CA LYS B 205 32.53 -13.00 22.36
C LYS B 205 32.09 -12.58 20.95
N LEU B 206 31.02 -13.19 20.41
CA LEU B 206 30.55 -12.85 19.06
C LEU B 206 29.64 -11.64 19.11
N PRO B 207 29.65 -10.82 18.04
CA PRO B 207 28.78 -9.65 17.97
C PRO B 207 27.33 -10.07 17.67
N LYS B 208 26.41 -9.14 17.91
CA LYS B 208 24.99 -9.35 17.75
C LYS B 208 24.53 -8.87 16.36
N SER B 209 23.87 -9.76 15.61
CA SER B 209 23.39 -9.49 14.26
C SER B 209 21.86 -9.34 14.22
N ARG B 210 21.41 -8.27 13.58
CA ARG B 210 19.99 -7.97 13.40
C ARG B 210 19.79 -7.23 12.07
N TRP B 211 18.58 -7.28 11.51
CA TRP B 211 18.33 -6.48 10.33
C TRP B 211 18.65 -5.02 10.65
N SER B 212 18.76 -4.20 9.62
CA SER B 212 19.04 -2.79 9.83
C SER B 212 17.75 -2.06 10.17
N ALA B 213 17.90 -0.83 10.60
CA ALA B 213 16.77 0.02 10.96
C ALA B 213 15.94 0.35 9.71
N GLU B 214 16.61 0.57 8.58
CA GLU B 214 15.92 0.91 7.35
C GLU B 214 15.05 -0.27 6.90
N THR B 215 15.46 -1.48 7.24
CA THR B 215 14.71 -2.65 6.86
C THR B 215 13.49 -2.88 7.78
N VAL B 216 13.63 -2.71 9.09
CA VAL B 216 12.51 -3.07 9.99
C VAL B 216 11.59 -1.88 10.31
N PHE B 217 11.95 -0.65 9.98
CA PHE B 217 11.03 0.44 10.36
C PHE B 217 10.40 1.15 9.16
N THR B 218 9.19 1.63 9.42
CA THR B 218 8.42 2.48 8.52
C THR B 218 7.95 3.63 9.42
N GLU B 219 8.58 4.80 9.30
CA GLU B 219 8.23 5.97 10.12
C GLU B 219 7.22 6.86 9.39
N ILE B 220 6.12 7.22 10.07
CA ILE B 220 5.04 8.04 9.47
C ILE B 220 4.58 9.13 10.47
N ASN C 2 -23.38 -50.03 -9.20
CA ASN C 2 -22.05 -50.67 -9.41
C ASN C 2 -20.98 -49.55 -9.55
N ALA C 3 -20.06 -49.71 -10.50
CA ALA C 3 -18.97 -48.74 -10.71
C ALA C 3 -19.47 -47.45 -11.39
N MET C 4 -20.12 -47.57 -12.55
CA MET C 4 -20.57 -46.39 -13.31
C MET C 4 -21.74 -45.64 -12.66
N THR C 5 -22.46 -46.19 -11.68
CA THR C 5 -23.58 -45.41 -11.10
C THR C 5 -23.07 -44.44 -10.03
N ILE C 6 -21.92 -44.74 -9.41
CA ILE C 6 -21.40 -43.83 -8.37
C ILE C 6 -20.60 -42.71 -9.05
N VAL C 7 -19.84 -43.04 -10.10
CA VAL C 7 -19.09 -42.03 -10.87
C VAL C 7 -20.11 -41.05 -11.46
N GLN C 8 -21.19 -41.63 -11.99
CA GLN C 8 -22.33 -40.92 -12.55
C GLN C 8 -22.85 -39.90 -11.53
N ALA C 9 -22.99 -40.36 -10.27
CA ALA C 9 -23.51 -39.53 -9.18
C ALA C 9 -22.51 -38.43 -8.78
N ALA C 10 -21.21 -38.69 -8.93
CA ALA C 10 -20.18 -37.70 -8.56
C ALA C 10 -20.07 -36.61 -9.64
N GLN C 11 -20.44 -36.95 -10.88
CA GLN C 11 -20.38 -36.00 -12.00
C GLN C 11 -21.71 -35.24 -12.14
N SER C 12 -22.82 -35.89 -11.79
CA SER C 12 -24.16 -35.26 -11.93
C SER C 12 -24.45 -34.31 -10.77
N ARG C 13 -23.99 -34.63 -9.55
CA ARG C 13 -24.25 -33.71 -8.43
C ARG C 13 -23.55 -32.37 -8.73
N TYR C 14 -24.04 -31.32 -8.06
CA TYR C 14 -23.53 -29.97 -8.20
C TYR C 14 -24.04 -29.16 -7.00
N SER C 15 -23.50 -27.97 -6.75
CA SER C 15 -23.97 -27.15 -5.62
C SER C 15 -25.26 -26.41 -6.00
N THR C 16 -26.40 -26.85 -5.44
CA THR C 16 -27.70 -26.23 -5.73
C THR C 16 -27.75 -24.80 -5.17
N LYS C 17 -28.26 -23.89 -6.00
CA LYS C 17 -28.35 -22.47 -5.65
C LYS C 17 -29.82 -22.05 -5.48
N ALA C 18 -30.76 -22.91 -5.92
CA ALA C 18 -32.18 -22.60 -5.82
C ALA C 18 -33.00 -23.88 -5.68
N PHE C 19 -33.69 -24.02 -4.54
CA PHE C 19 -34.52 -25.21 -4.30
C PHE C 19 -36.00 -24.96 -4.61
N ASP C 20 -36.67 -26.04 -4.97
CA ASP C 20 -38.10 -26.03 -5.23
C ASP C 20 -38.80 -26.16 -3.87
N ALA C 21 -39.42 -25.07 -3.42
CA ALA C 21 -40.08 -25.01 -2.12
C ALA C 21 -41.30 -25.94 -2.04
N SER C 22 -41.84 -26.38 -3.18
CA SER C 22 -43.02 -27.23 -3.13
C SER C 22 -42.63 -28.73 -3.11
N ARG C 23 -41.33 -29.05 -3.09
CA ARG C 23 -40.95 -30.47 -3.06
C ARG C 23 -40.12 -30.74 -1.80
N LYS C 24 -40.58 -31.73 -1.03
CA LYS C 24 -39.92 -32.12 0.19
C LYS C 24 -39.39 -33.54 0.01
N LEU C 25 -38.44 -33.93 0.87
CA LEU C 25 -37.91 -35.27 0.82
C LEU C 25 -38.96 -36.22 1.42
N PRO C 26 -39.21 -37.36 0.79
CA PRO C 26 -40.16 -38.31 1.40
C PRO C 26 -39.54 -38.76 2.74
N GLU C 27 -40.36 -39.24 3.66
CA GLU C 27 -39.87 -39.64 5.00
C GLU C 27 -38.86 -40.79 4.91
N GLU C 28 -38.98 -41.66 3.92
CA GLU C 28 -38.03 -42.78 3.83
C GLU C 28 -36.63 -42.23 3.46
N LYS C 29 -36.56 -41.13 2.73
CA LYS C 29 -35.23 -40.59 2.39
C LYS C 29 -34.67 -39.78 3.56
N VAL C 30 -35.54 -39.20 4.39
CA VAL C 30 -35.07 -38.47 5.53
C VAL C 30 -34.40 -39.48 6.46
N ALA C 31 -35.07 -40.61 6.69
CA ALA C 31 -34.53 -41.66 7.57
C ALA C 31 -33.21 -42.20 7.01
N ALA C 32 -33.08 -42.25 5.68
CA ALA C 32 -31.86 -42.75 5.04
C ALA C 32 -30.72 -41.71 5.19
N VAL C 33 -31.06 -40.45 5.04
CA VAL C 33 -30.07 -39.38 5.20
C VAL C 33 -29.53 -39.43 6.63
N LYS C 34 -30.42 -39.52 7.63
CA LYS C 34 -30.03 -39.58 9.04
C LYS C 34 -29.19 -40.83 9.33
N GLU C 35 -29.51 -41.95 8.72
CA GLU C 35 -28.73 -43.16 8.98
C GLU C 35 -27.33 -43.02 8.35
N LEU C 36 -27.29 -42.43 7.17
CA LEU C 36 -26.04 -42.25 6.44
C LEU C 36 -25.04 -41.42 7.27
N ILE C 37 -25.49 -40.29 7.82
CA ILE C 37 -24.58 -39.44 8.58
C ILE C 37 -24.29 -40.03 9.96
N ARG C 38 -25.22 -40.74 10.59
CA ARG C 38 -24.94 -41.33 11.93
C ARG C 38 -23.91 -42.48 11.79
N MET C 39 -23.90 -43.17 10.67
CA MET C 39 -23.00 -44.33 10.46
C MET C 39 -21.64 -43.93 9.91
N SER C 40 -21.44 -42.66 9.59
CA SER C 40 -20.14 -42.21 9.05
C SER C 40 -18.97 -42.68 9.92
N ALA C 41 -17.85 -42.90 9.25
CA ALA C 41 -16.64 -43.29 9.91
C ALA C 41 -16.00 -42.04 10.53
N SER C 42 -15.06 -42.25 11.43
CA SER C 42 -14.31 -41.13 12.04
C SER C 42 -13.05 -41.68 12.69
N SER C 43 -12.04 -40.84 12.83
CA SER C 43 -10.78 -41.29 13.47
C SER C 43 -11.12 -41.85 14.86
N VAL C 44 -10.62 -43.06 15.13
CA VAL C 44 -10.81 -43.84 16.39
C VAL C 44 -12.27 -43.83 16.87
N ASN C 45 -13.21 -43.84 15.92
CA ASN C 45 -14.67 -43.84 16.16
C ASN C 45 -15.05 -42.71 17.14
N SER C 46 -14.34 -41.58 17.05
CA SER C 46 -14.53 -40.44 17.92
C SER C 46 -15.90 -39.78 17.74
N GLN C 47 -16.52 -39.92 16.56
CA GLN C 47 -17.86 -39.37 16.28
C GLN C 47 -18.06 -38.01 16.98
N PRO C 48 -17.13 -37.06 16.78
CA PRO C 48 -17.20 -35.79 17.50
C PRO C 48 -18.18 -34.79 16.88
N TRP C 49 -19.43 -35.20 16.74
CA TRP C 49 -20.42 -34.43 16.06
C TRP C 49 -21.80 -34.49 16.73
N HIS C 50 -22.63 -33.61 16.20
CA HIS C 50 -24.04 -33.46 16.53
C HIS C 50 -24.69 -32.84 15.30
N PHE C 51 -25.94 -33.14 15.03
CA PHE C 51 -26.56 -32.63 13.84
C PHE C 51 -27.93 -32.05 14.12
N ILE C 52 -28.12 -30.80 13.72
CA ILE C 52 -29.42 -30.18 13.82
C ILE C 52 -30.12 -30.44 12.49
N VAL C 53 -31.29 -31.03 12.51
CA VAL C 53 -32.02 -31.30 11.26
C VAL C 53 -33.27 -30.42 11.28
N ALA C 54 -33.33 -29.45 10.39
CA ALA C 54 -34.47 -28.54 10.33
C ALA C 54 -35.41 -28.89 9.18
N SER C 55 -36.67 -29.20 9.52
CA SER C 55 -37.71 -29.50 8.51
C SER C 55 -38.86 -28.51 8.61
N SER C 56 -39.02 -27.80 9.73
CA SER C 56 -40.13 -26.83 9.87
C SER C 56 -39.72 -25.45 9.35
N GLU C 57 -40.70 -24.62 9.02
CA GLU C 57 -40.43 -23.28 8.50
C GLU C 57 -39.78 -22.44 9.61
N GLU C 58 -40.20 -22.66 10.86
CA GLU C 58 -39.63 -21.91 11.99
C GLU C 58 -38.17 -22.34 12.19
N GLY C 59 -37.91 -23.64 12.08
CA GLY C 59 -36.55 -24.15 12.24
C GLY C 59 -35.61 -23.62 11.19
N LYS C 60 -36.02 -23.66 9.93
CA LYS C 60 -35.18 -23.17 8.83
C LYS C 60 -34.93 -21.66 8.98
N ALA C 61 -35.93 -20.94 9.48
CA ALA C 61 -35.83 -19.48 9.68
C ALA C 61 -34.80 -19.18 10.76
N ARG C 62 -34.72 -20.05 11.78
CA ARG C 62 -33.77 -19.85 12.85
C ARG C 62 -32.35 -20.00 12.29
N ILE C 63 -32.13 -21.03 11.49
CA ILE C 63 -30.80 -21.25 10.89
C ILE C 63 -30.45 -20.07 9.98
N ALA C 64 -31.41 -19.65 9.15
CA ALA C 64 -31.24 -18.54 8.19
C ALA C 64 -30.88 -17.20 8.88
N LYS C 65 -30.99 -17.10 10.21
CA LYS C 65 -30.59 -15.86 10.90
C LYS C 65 -29.05 -15.73 10.77
N ALA C 66 -28.38 -16.85 10.49
CA ALA C 66 -26.92 -16.85 10.35
C ALA C 66 -26.50 -16.59 8.90
N THR C 67 -27.47 -16.39 8.01
CA THR C 67 -27.18 -16.12 6.60
C THR C 67 -27.83 -14.79 6.20
N GLN C 68 -27.36 -13.70 6.81
CA GLN C 68 -27.86 -12.36 6.53
C GLN C 68 -26.66 -11.47 6.16
N GLY C 69 -26.92 -10.24 5.74
CA GLY C 69 -25.84 -9.31 5.34
C GLY C 69 -24.96 -9.88 4.24
N GLY C 70 -23.67 -9.95 4.50
CA GLY C 70 -22.71 -10.49 3.54
C GLY C 70 -23.00 -11.96 3.19
N PHE C 71 -23.76 -12.67 4.02
CA PHE C 71 -24.10 -14.07 3.71
C PHE C 71 -25.56 -14.23 3.25
N ALA C 72 -26.22 -13.15 2.87
CA ALA C 72 -27.62 -13.22 2.43
C ALA C 72 -27.77 -14.08 1.16
N PHE C 73 -26.67 -14.28 0.44
CA PHE C 73 -26.73 -15.06 -0.81
C PHE C 73 -27.06 -16.53 -0.51
N ASN C 74 -26.99 -16.93 0.76
CA ASN C 74 -27.27 -18.30 1.16
C ASN C 74 -28.66 -18.41 1.81
N GLU C 75 -29.32 -17.29 2.09
CA GLU C 75 -30.59 -17.30 2.81
C GLU C 75 -31.65 -18.19 2.15
N ARG C 76 -31.99 -17.91 0.89
CA ARG C 76 -33.02 -18.68 0.14
C ARG C 76 -32.68 -20.17 0.08
N LYS C 77 -31.41 -20.52 -0.03
CA LYS C 77 -31.01 -21.93 -0.10
C LYS C 77 -31.49 -22.66 1.15
N ILE C 78 -31.44 -21.96 2.28
CA ILE C 78 -31.83 -22.53 3.55
C ILE C 78 -33.36 -22.51 3.70
N LEU C 79 -34.02 -21.40 3.37
CA LEU C 79 -35.50 -21.30 3.54
C LEU C 79 -36.29 -22.17 2.55
N ASP C 80 -35.88 -22.24 1.28
CA ASP C 80 -36.65 -23.00 0.26
C ASP C 80 -36.33 -24.51 0.27
N ALA C 81 -35.32 -24.94 1.02
CA ALA C 81 -34.95 -26.37 1.03
C ALA C 81 -35.98 -27.20 1.81
N SER C 82 -35.90 -28.50 1.63
CA SER C 82 -36.79 -29.43 2.33
C SER C 82 -36.33 -29.61 3.77
N HIS C 83 -35.11 -30.11 3.91
CA HIS C 83 -34.47 -30.36 5.17
C HIS C 83 -33.09 -29.70 5.18
N VAL C 84 -32.78 -29.00 6.27
CA VAL C 84 -31.49 -28.35 6.38
C VAL C 84 -30.72 -29.04 7.50
N VAL C 85 -29.53 -29.54 7.19
CA VAL C 85 -28.74 -30.24 8.18
C VAL C 85 -27.60 -29.35 8.65
N VAL C 86 -27.53 -29.08 9.95
CA VAL C 86 -26.42 -28.29 10.46
C VAL C 86 -25.44 -29.28 11.12
N PHE C 87 -24.26 -29.40 10.53
CA PHE C 87 -23.20 -30.25 11.07
C PHE C 87 -22.43 -29.47 12.15
N CYS C 88 -22.41 -30.05 13.34
CA CYS C 88 -21.73 -29.45 14.46
C CYS C 88 -20.56 -30.31 14.92
N ALA C 89 -19.47 -29.67 15.32
CA ALA C 89 -18.33 -30.37 15.86
C ALA C 89 -18.20 -30.09 17.36
N LYS C 90 -17.63 -31.03 18.10
CA LYS C 90 -17.37 -30.84 19.52
C LYS C 90 -16.24 -29.80 19.61
N THR C 91 -16.29 -28.92 20.61
CA THR C 91 -15.25 -27.87 20.79
C THR C 91 -14.12 -28.38 21.68
N ALA C 92 -14.33 -29.51 22.34
CA ALA C 92 -13.31 -30.07 23.22
C ALA C 92 -13.65 -31.54 23.48
N ILE C 93 -12.65 -32.26 23.94
CA ILE C 93 -12.81 -33.69 24.21
C ILE C 93 -12.01 -34.02 25.47
N ASP C 94 -12.61 -34.79 26.36
CA ASP C 94 -11.98 -35.13 27.63
C ASP C 94 -12.14 -36.62 27.92
N GLU C 95 -11.57 -37.06 29.04
CA GLU C 95 -11.60 -38.47 29.46
C GLU C 95 -13.06 -38.93 29.60
N ALA C 96 -13.94 -38.09 30.14
CA ALA C 96 -15.34 -38.49 30.35
C ALA C 96 -16.02 -38.91 29.03
N TYR C 97 -15.81 -38.15 27.97
CA TYR C 97 -16.41 -38.45 26.68
C TYR C 97 -15.84 -39.76 26.13
N LEU C 98 -14.54 -39.99 26.35
CA LEU C 98 -13.90 -41.23 25.85
C LEU C 98 -14.46 -42.46 26.58
N LEU C 99 -14.83 -42.32 27.86
CA LEU C 99 -15.38 -43.46 28.60
C LEU C 99 -16.84 -43.69 28.20
N ASP C 100 -17.55 -42.63 27.85
CA ASP C 100 -18.92 -42.81 27.40
C ASP C 100 -18.89 -43.53 26.05
N LEU C 101 -17.91 -43.14 25.24
CA LEU C 101 -17.76 -43.71 23.93
C LEU C 101 -17.43 -45.20 24.07
N LEU C 102 -16.49 -45.49 24.95
CA LEU C 102 -16.04 -46.85 25.20
C LEU C 102 -17.22 -47.72 25.65
N GLU C 103 -18.16 -47.15 26.40
CA GLU C 103 -19.33 -47.93 26.87
C GLU C 103 -20.35 -48.15 25.75
N SER C 104 -20.56 -47.17 24.87
CA SER C 104 -21.52 -47.42 23.79
C SER C 104 -21.01 -48.59 22.93
N GLU C 105 -19.70 -48.58 22.68
CA GLU C 105 -19.00 -49.62 21.89
C GLU C 105 -19.11 -50.97 22.60
N ASP C 106 -18.91 -50.94 23.91
CA ASP C 106 -18.96 -52.16 24.71
C ASP C 106 -20.37 -52.76 24.65
N LYS C 107 -21.36 -51.90 24.78
CA LYS C 107 -22.75 -52.34 24.76
C LYS C 107 -23.13 -52.82 23.35
N ASP C 108 -22.44 -52.33 22.32
CA ASP C 108 -22.76 -52.75 20.95
C ASP C 108 -22.06 -54.08 20.63
N GLY C 109 -21.27 -54.60 21.57
CA GLY C 109 -20.58 -55.88 21.38
C GLY C 109 -19.28 -55.77 20.60
N ARG C 110 -18.58 -54.66 20.67
CA ARG C 110 -17.32 -54.48 19.93
C ARG C 110 -16.16 -55.23 20.62
N PHE C 111 -16.29 -55.55 21.91
CA PHE C 111 -15.16 -56.16 22.61
C PHE C 111 -15.52 -57.56 23.11
N ALA C 112 -14.69 -58.54 22.74
CA ALA C 112 -14.90 -59.92 23.12
C ALA C 112 -14.37 -60.18 24.54
N ASP C 113 -13.51 -59.29 25.04
CA ASP C 113 -12.93 -59.48 26.38
C ASP C 113 -12.40 -58.13 26.91
N VAL C 114 -11.83 -58.14 28.12
CA VAL C 114 -11.34 -56.91 28.75
C VAL C 114 -10.10 -56.38 27.99
N GLU C 115 -9.29 -57.28 27.45
CA GLU C 115 -8.09 -56.86 26.72
C GLU C 115 -8.49 -55.97 25.53
N ALA C 116 -9.49 -56.40 24.76
CA ALA C 116 -9.94 -55.65 23.59
C ALA C 116 -10.51 -54.28 23.99
N LYS C 117 -11.16 -54.22 25.14
CA LYS C 117 -11.75 -52.96 25.61
C LYS C 117 -10.63 -51.98 26.02
N ASN C 118 -9.68 -52.45 26.83
CA ASN C 118 -8.58 -51.59 27.28
C ASN C 118 -7.71 -51.16 26.08
N GLY C 119 -7.50 -52.05 25.12
CA GLY C 119 -6.69 -51.74 23.94
C GLY C 119 -7.31 -50.63 23.11
N MET C 120 -8.64 -50.62 23.00
CA MET C 120 -9.34 -49.59 22.22
C MET C 120 -9.20 -48.24 22.94
N HIS C 121 -9.33 -48.25 24.28
CA HIS C 121 -9.24 -47.03 25.06
C HIS C 121 -7.82 -46.47 25.04
N ALA C 122 -6.83 -47.35 25.13
CA ALA C 122 -5.42 -46.96 25.10
C ALA C 122 -5.09 -46.34 23.74
N GLY C 123 -5.54 -46.98 22.66
CA GLY C 123 -5.31 -46.48 21.31
C GLY C 123 -6.01 -45.14 21.03
N ARG C 124 -7.27 -45.05 21.42
CA ARG C 124 -8.03 -43.84 21.18
C ARG C 124 -7.39 -42.68 21.97
N SER C 125 -7.04 -42.96 23.22
CA SER C 125 -6.42 -42.00 24.11
C SER C 125 -5.07 -41.52 23.55
N PHE C 126 -4.35 -42.41 22.87
CA PHE C 126 -3.09 -41.99 22.32
C PHE C 126 -3.29 -40.86 21.30
N PHE C 127 -4.17 -41.09 20.32
CA PHE C 127 -4.47 -40.14 19.26
C PHE C 127 -5.09 -38.86 19.82
N VAL C 128 -6.01 -38.97 20.78
CA VAL C 128 -6.67 -37.79 21.35
C VAL C 128 -5.63 -36.93 22.08
N ASN C 129 -4.83 -37.55 22.93
CA ASN C 129 -3.85 -36.80 23.69
C ASN C 129 -2.83 -36.17 22.74
N MET C 130 -2.44 -36.85 21.69
CA MET C 130 -1.49 -36.27 20.74
C MET C 130 -2.09 -35.00 20.14
N HIS C 131 -3.34 -35.07 19.70
CA HIS C 131 -3.98 -33.89 19.12
C HIS C 131 -4.23 -32.81 20.17
N ARG C 132 -4.60 -33.16 21.39
CA ARG C 132 -4.87 -32.14 22.40
C ARG C 132 -3.61 -31.43 22.89
N PHE C 133 -2.51 -32.17 23.08
CA PHE C 133 -1.37 -31.54 23.74
C PHE C 133 -0.10 -31.48 22.91
N ASP C 134 0.10 -32.33 21.90
CA ASP C 134 1.35 -32.25 21.10
C ASP C 134 1.13 -31.38 19.86
N LEU C 135 0.06 -31.64 19.11
CA LEU C 135 -0.23 -30.85 17.91
C LEU C 135 -1.10 -29.66 18.30
N LYS C 136 -1.74 -29.74 19.46
CA LYS C 136 -2.60 -28.67 19.99
C LYS C 136 -3.62 -28.24 18.93
N ASP C 137 -4.27 -29.21 18.29
CA ASP C 137 -5.22 -28.93 17.21
C ASP C 137 -6.45 -29.84 17.32
N ALA C 138 -6.78 -30.28 18.53
CA ALA C 138 -7.87 -31.23 18.72
C ALA C 138 -9.18 -30.75 18.08
N HIS C 139 -9.50 -29.47 18.25
CA HIS C 139 -10.75 -28.90 17.71
C HIS C 139 -10.74 -28.99 16.17
N HIS C 140 -9.61 -28.72 15.52
CA HIS C 140 -9.53 -28.82 14.07
C HIS C 140 -9.60 -30.29 13.64
N TRP C 141 -8.94 -31.15 14.40
CA TRP C 141 -8.92 -32.54 14.10
C TRP C 141 -10.35 -33.10 14.15
N MET C 142 -11.10 -32.71 15.17
CA MET C 142 -12.48 -33.19 15.30
C MET C 142 -13.32 -32.61 14.15
N GLU C 143 -13.09 -31.36 13.76
CA GLU C 143 -13.84 -30.73 12.67
C GLU C 143 -13.58 -31.50 11.37
N LYS C 144 -12.35 -31.96 11.16
CA LYS C 144 -12.00 -32.72 9.94
C LYS C 144 -12.85 -34.00 9.90
N GLN C 145 -13.16 -34.58 11.05
CA GLN C 145 -13.98 -35.80 11.07
C GLN C 145 -15.40 -35.43 10.62
N VAL C 146 -15.87 -34.23 10.99
CA VAL C 146 -17.20 -33.78 10.61
C VAL C 146 -17.22 -33.49 9.10
N TYR C 147 -16.16 -32.91 8.55
CA TYR C 147 -16.15 -32.64 7.11
C TYR C 147 -16.18 -33.96 6.33
N LEU C 148 -15.55 -34.98 6.90
CA LEU C 148 -15.55 -36.28 6.26
C LEU C 148 -16.99 -36.76 6.17
N ASN C 149 -17.73 -36.59 7.24
CA ASN C 149 -19.12 -36.98 7.30
C ASN C 149 -19.88 -36.17 6.25
N VAL C 150 -19.58 -34.86 6.14
CA VAL C 150 -20.26 -34.02 5.15
C VAL C 150 -20.07 -34.64 3.76
N GLY C 151 -18.85 -35.12 3.48
CA GLY C 151 -18.56 -35.73 2.18
C GLY C 151 -19.45 -36.92 1.89
N THR C 152 -19.64 -37.78 2.88
CA THR C 152 -20.48 -38.96 2.68
C THR C 152 -21.92 -38.53 2.40
N LEU C 153 -22.38 -37.45 3.01
CA LEU C 153 -23.76 -37.00 2.77
C LEU C 153 -23.88 -36.40 1.37
N LEU C 154 -22.85 -35.67 0.92
CA LEU C 154 -22.96 -35.07 -0.40
C LEU C 154 -23.10 -36.13 -1.48
N LEU C 155 -22.23 -37.14 -1.42
CA LEU C 155 -22.26 -38.18 -2.42
C LEU C 155 -23.49 -39.06 -2.21
N GLY C 156 -23.78 -39.41 -0.96
CA GLY C 156 -24.94 -40.23 -0.67
C GLY C 156 -26.23 -39.58 -1.16
N ALA C 157 -26.32 -38.26 -0.96
CA ALA C 157 -27.50 -37.49 -1.39
C ALA C 157 -27.64 -37.57 -2.92
N SER C 158 -26.51 -37.49 -3.62
CA SER C 158 -26.54 -37.56 -5.07
C SER C 158 -27.03 -38.95 -5.53
N ALA C 159 -26.57 -40.00 -4.86
CA ALA C 159 -26.95 -41.39 -5.23
C ALA C 159 -28.43 -41.65 -4.95
N MET C 160 -29.05 -40.87 -4.06
CA MET C 160 -30.50 -41.00 -3.75
C MET C 160 -31.30 -40.03 -4.62
N GLU C 161 -30.62 -39.34 -5.53
CA GLU C 161 -31.24 -38.35 -6.41
C GLU C 161 -31.79 -37.18 -5.58
N ILE C 162 -31.03 -36.80 -4.55
CA ILE C 162 -31.36 -35.67 -3.69
C ILE C 162 -30.42 -34.50 -4.06
N ASP C 163 -30.93 -33.28 -4.11
CA ASP C 163 -30.08 -32.13 -4.39
C ASP C 163 -29.57 -31.60 -3.04
N ALA C 164 -28.32 -31.24 -3.00
CA ALA C 164 -27.70 -30.75 -1.76
C ALA C 164 -26.71 -29.63 -2.11
N VAL C 165 -26.20 -28.96 -1.08
CA VAL C 165 -25.21 -27.91 -1.27
C VAL C 165 -24.51 -27.67 0.07
N PRO C 166 -23.19 -27.84 0.13
CA PRO C 166 -22.42 -27.57 1.36
C PRO C 166 -22.30 -26.06 1.54
N ILE C 167 -22.51 -25.55 2.74
CA ILE C 167 -22.43 -24.10 2.99
C ILE C 167 -21.51 -23.76 4.17
N GLU C 168 -20.51 -22.93 3.90
CA GLU C 168 -19.62 -22.42 4.93
C GLU C 168 -19.94 -20.93 5.09
N GLY C 169 -20.65 -20.39 4.10
CA GLY C 169 -21.02 -18.98 4.09
C GLY C 169 -22.13 -18.63 5.07
N PHE C 170 -21.84 -18.76 6.36
CA PHE C 170 -22.78 -18.41 7.40
C PHE C 170 -22.00 -17.90 8.61
N ASP C 171 -22.69 -17.20 9.49
CA ASP C 171 -22.11 -16.64 10.70
C ASP C 171 -22.27 -17.66 11.82
N ALA C 172 -21.21 -18.41 12.07
CA ALA C 172 -21.22 -19.47 13.09
C ALA C 172 -21.55 -18.93 14.49
N LYS C 173 -21.13 -17.70 14.79
CA LYS C 173 -21.42 -17.14 16.11
C LYS C 173 -22.93 -16.96 16.27
N VAL C 174 -23.61 -16.42 15.25
CA VAL C 174 -25.05 -16.25 15.34
C VAL C 174 -25.74 -17.62 15.40
N LEU C 175 -25.30 -18.58 14.60
CA LEU C 175 -25.99 -19.90 14.59
C LEU C 175 -25.79 -20.62 15.94
N ASP C 176 -24.57 -20.62 16.43
CA ASP C 176 -24.24 -21.23 17.71
C ASP C 176 -25.07 -20.62 18.85
N GLU C 177 -25.12 -19.31 18.86
CA GLU C 177 -25.84 -18.59 19.90
C GLU C 177 -27.34 -18.91 19.81
N GLU C 178 -27.85 -19.01 18.59
CA GLU C 178 -29.26 -19.28 18.37
C GLU C 178 -29.67 -20.64 18.96
N PHE C 179 -28.77 -21.61 19.01
CA PHE C 179 -29.13 -22.95 19.52
C PHE C 179 -28.35 -23.28 20.78
N GLY C 180 -27.71 -22.28 21.40
CA GLY C 180 -26.90 -22.50 22.62
C GLY C 180 -25.85 -23.59 22.44
N LEU C 181 -25.22 -23.67 21.26
CA LEU C 181 -24.28 -24.76 21.01
C LEU C 181 -22.99 -24.63 21.81
N ARG C 182 -22.42 -23.45 21.94
CA ARG C 182 -21.12 -23.30 22.62
C ARG C 182 -21.19 -23.78 24.07
N GLU C 183 -22.26 -23.46 24.79
CA GLU C 183 -22.39 -23.88 26.17
C GLU C 183 -22.51 -25.42 26.24
N LYS C 184 -23.05 -26.04 25.20
CA LYS C 184 -23.19 -27.48 25.14
C LYS C 184 -21.88 -28.15 24.68
N GLY C 185 -20.86 -27.40 24.31
CA GLY C 185 -19.62 -28.02 23.84
C GLY C 185 -19.65 -28.37 22.35
N PHE C 186 -20.46 -27.65 21.56
CA PHE C 186 -20.53 -27.85 20.12
C PHE C 186 -20.42 -26.51 19.37
N THR C 187 -20.09 -26.59 18.07
CA THR C 187 -20.02 -25.42 17.21
C THR C 187 -20.41 -25.85 15.80
N SER C 188 -21.17 -24.99 15.11
CA SER C 188 -21.64 -25.24 13.75
C SER C 188 -20.49 -25.03 12.77
N VAL C 189 -20.32 -25.92 11.78
CA VAL C 189 -19.21 -25.75 10.81
C VAL C 189 -19.70 -25.82 9.37
N VAL C 190 -20.71 -26.63 9.08
CA VAL C 190 -21.21 -26.73 7.71
C VAL C 190 -22.72 -26.91 7.73
N ILE C 191 -23.40 -26.17 6.85
CA ILE C 191 -24.84 -26.27 6.69
C ILE C 191 -25.10 -26.99 5.37
N VAL C 192 -25.93 -28.01 5.39
CA VAL C 192 -26.23 -28.72 4.15
C VAL C 192 -27.75 -28.77 3.93
N PRO C 193 -28.29 -27.83 3.13
CA PRO C 193 -29.69 -27.88 2.79
C PRO C 193 -29.88 -29.06 1.82
N LEU C 194 -31.00 -29.75 1.95
CA LEU C 194 -31.34 -30.91 1.10
C LEU C 194 -32.72 -30.70 0.49
N GLY C 195 -32.89 -31.15 -0.75
CA GLY C 195 -34.17 -31.03 -1.42
C GLY C 195 -34.05 -31.34 -2.90
N TYR C 196 -34.80 -30.57 -3.70
CA TYR C 196 -34.79 -30.72 -5.15
C TYR C 196 -34.64 -29.34 -5.79
N HIS C 197 -33.74 -29.23 -6.76
CA HIS C 197 -33.49 -27.95 -7.40
C HIS C 197 -34.70 -27.54 -8.24
N SER C 198 -34.94 -26.23 -8.30
CA SER C 198 -36.02 -25.66 -9.10
C SER C 198 -35.50 -25.47 -10.52
N GLU C 199 -36.39 -25.15 -11.47
CA GLU C 199 -36.00 -24.95 -12.88
C GLU C 199 -35.17 -23.66 -13.05
N ASP C 200 -35.18 -22.76 -12.07
CA ASP C 200 -34.42 -21.49 -12.18
C ASP C 200 -33.01 -21.63 -11.58
N ASP C 201 -32.54 -22.85 -11.32
CA ASP C 201 -31.18 -23.00 -10.76
C ASP C 201 -30.17 -22.86 -11.91
N PHE C 202 -29.49 -21.72 -11.93
CA PHE C 202 -28.51 -21.42 -12.97
C PHE C 202 -27.28 -22.35 -12.89
N ASN C 203 -26.91 -22.79 -11.68
CA ASN C 203 -25.72 -23.65 -11.55
C ASN C 203 -26.02 -25.06 -12.09
N ALA C 204 -27.29 -25.44 -12.16
CA ALA C 204 -27.67 -26.76 -12.69
C ALA C 204 -27.34 -26.87 -14.18
N LYS C 205 -27.23 -25.71 -14.84
CA LYS C 205 -26.98 -25.66 -16.28
C LYS C 205 -25.50 -25.40 -16.60
N LEU C 206 -24.63 -25.26 -15.60
CA LEU C 206 -23.21 -24.99 -15.88
C LEU C 206 -22.38 -26.27 -15.75
N PRO C 207 -21.31 -26.37 -16.55
CA PRO C 207 -20.45 -27.54 -16.49
C PRO C 207 -19.59 -27.50 -15.22
N LYS C 208 -19.29 -28.68 -14.68
CA LYS C 208 -18.48 -28.81 -13.49
C LYS C 208 -17.01 -28.62 -13.86
N SER C 209 -16.28 -27.84 -13.06
CA SER C 209 -14.86 -27.54 -13.30
C SER C 209 -13.98 -28.12 -12.19
N ARG C 210 -12.97 -28.87 -12.60
CA ARG C 210 -12.03 -29.51 -11.71
C ARG C 210 -10.65 -29.64 -12.35
N TRP C 211 -9.59 -29.65 -11.53
CA TRP C 211 -8.24 -29.88 -12.06
C TRP C 211 -8.24 -31.17 -12.88
N SER C 212 -7.39 -31.22 -13.89
CA SER C 212 -7.28 -32.41 -14.75
C SER C 212 -6.67 -33.57 -13.96
N ALA C 213 -6.81 -34.79 -14.49
CA ALA C 213 -6.27 -35.98 -13.84
C ALA C 213 -4.75 -35.87 -13.73
N GLU C 214 -4.09 -35.42 -14.80
CA GLU C 214 -2.62 -35.29 -14.82
C GLU C 214 -2.14 -34.35 -13.72
N THR C 215 -2.93 -33.34 -13.37
CA THR C 215 -2.53 -32.39 -12.35
C THR C 215 -2.68 -32.95 -10.93
N VAL C 216 -3.73 -33.73 -10.66
CA VAL C 216 -3.99 -34.19 -9.29
C VAL C 216 -3.50 -35.62 -9.02
N PHE C 217 -3.08 -36.38 -10.01
CA PHE C 217 -2.67 -37.76 -9.70
C PHE C 217 -1.19 -38.01 -10.01
N THR C 218 -0.60 -38.77 -9.09
CA THR C 218 0.75 -39.30 -9.16
C THR C 218 0.59 -40.81 -8.93
N GLU C 219 0.75 -41.58 -10.00
CA GLU C 219 0.57 -43.04 -9.95
C GLU C 219 1.92 -43.76 -9.87
N ILE C 220 2.04 -44.64 -8.88
CA ILE C 220 3.25 -45.43 -8.65
C ILE C 220 2.86 -46.90 -8.47
N ALA D 3 -32.41 -44.70 -1.92
CA ALA D 3 -32.57 -44.62 -0.43
C ALA D 3 -32.10 -45.93 0.22
N MET D 4 -32.39 -47.05 -0.43
CA MET D 4 -32.03 -48.39 0.08
C MET D 4 -30.56 -48.71 -0.24
N THR D 5 -30.13 -48.38 -1.46
CA THR D 5 -28.80 -48.72 -1.99
C THR D 5 -27.63 -47.93 -1.37
N ILE D 6 -27.75 -46.62 -1.13
CA ILE D 6 -26.56 -45.89 -0.63
C ILE D 6 -26.41 -46.00 0.90
N VAL D 7 -27.51 -46.06 1.66
CA VAL D 7 -27.40 -46.21 3.12
C VAL D 7 -26.85 -47.60 3.41
N GLN D 8 -27.25 -48.59 2.61
CA GLN D 8 -26.75 -49.97 2.74
C GLN D 8 -25.23 -49.92 2.56
N ALA D 9 -24.76 -49.02 1.70
CA ALA D 9 -23.33 -48.85 1.46
C ALA D 9 -22.66 -48.22 2.71
N ALA D 10 -23.42 -47.43 3.48
CA ALA D 10 -22.91 -46.79 4.71
C ALA D 10 -22.93 -47.77 5.90
N GLN D 11 -23.96 -48.61 5.97
CA GLN D 11 -24.13 -49.60 7.05
C GLN D 11 -23.18 -50.79 6.83
N SER D 12 -22.80 -51.01 5.57
CA SER D 12 -21.95 -52.15 5.17
C SER D 12 -20.45 -51.82 5.20
N ARG D 13 -20.05 -50.66 4.69
CA ARG D 13 -18.63 -50.29 4.67
C ARG D 13 -18.06 -50.41 6.09
N TYR D 14 -16.75 -50.62 6.18
CA TYR D 14 -16.10 -50.76 7.48
C TYR D 14 -14.58 -50.57 7.27
N SER D 15 -13.86 -50.35 8.36
CA SER D 15 -12.39 -50.15 8.30
C SER D 15 -11.66 -51.50 8.29
N THR D 16 -11.21 -51.90 7.10
CA THR D 16 -10.51 -53.17 6.87
C THR D 16 -9.15 -53.16 7.60
N LYS D 17 -8.89 -54.24 8.35
CA LYS D 17 -7.64 -54.40 9.13
C LYS D 17 -6.66 -55.32 8.38
N ALA D 18 -7.15 -56.01 7.35
CA ALA D 18 -6.28 -56.90 6.58
C ALA D 18 -6.92 -57.12 5.20
N PHE D 19 -6.12 -56.92 4.16
CA PHE D 19 -6.59 -57.09 2.79
C PHE D 19 -6.05 -58.40 2.21
N ASP D 20 -6.68 -58.81 1.12
CA ASP D 20 -6.33 -60.00 0.38
C ASP D 20 -5.23 -59.59 -0.61
N ALA D 21 -4.00 -59.99 -0.32
CA ALA D 21 -2.85 -59.65 -1.17
C ALA D 21 -2.94 -60.28 -2.57
N SER D 22 -3.97 -61.07 -2.88
CA SER D 22 -4.03 -61.66 -4.23
C SER D 22 -5.24 -61.15 -5.02
N ARG D 23 -5.93 -60.12 -4.52
CA ARG D 23 -7.10 -59.60 -5.24
C ARG D 23 -6.86 -58.14 -5.64
N LYS D 24 -6.87 -57.92 -6.96
CA LYS D 24 -6.68 -56.61 -7.58
C LYS D 24 -8.02 -56.04 -8.06
N LEU D 25 -8.15 -54.72 -7.94
CA LEU D 25 -9.35 -54.03 -8.39
C LEU D 25 -9.38 -54.01 -9.92
N PRO D 26 -10.55 -54.28 -10.53
CA PRO D 26 -10.64 -54.24 -11.98
C PRO D 26 -10.42 -52.79 -12.45
N GLU D 27 -9.96 -52.60 -13.68
CA GLU D 27 -9.66 -51.25 -14.21
C GLU D 27 -10.89 -50.34 -14.23
N GLU D 28 -12.10 -50.90 -14.30
CA GLU D 28 -13.30 -50.08 -14.29
C GLU D 28 -13.43 -49.36 -12.94
N LYS D 29 -13.20 -50.09 -11.85
CA LYS D 29 -13.35 -49.53 -10.52
C LYS D 29 -12.12 -48.69 -10.14
N VAL D 30 -10.93 -49.01 -10.66
CA VAL D 30 -9.77 -48.18 -10.34
C VAL D 30 -10.01 -46.80 -10.94
N ALA D 31 -10.50 -46.78 -12.18
CA ALA D 31 -10.77 -45.53 -12.89
C ALA D 31 -11.92 -44.78 -12.22
N ALA D 32 -12.89 -45.54 -11.72
CA ALA D 32 -14.07 -44.97 -11.06
C ALA D 32 -13.67 -44.21 -9.79
N VAL D 33 -12.71 -44.76 -9.05
CA VAL D 33 -12.23 -44.16 -7.79
C VAL D 33 -11.49 -42.85 -8.09
N LYS D 34 -10.67 -42.84 -9.14
CA LYS D 34 -9.91 -41.65 -9.50
C LYS D 34 -10.87 -40.53 -9.90
N GLU D 35 -11.86 -40.84 -10.72
CA GLU D 35 -12.85 -39.84 -11.15
C GLU D 35 -13.61 -39.30 -9.94
N LEU D 36 -13.99 -40.20 -9.05
CA LEU D 36 -14.76 -39.88 -7.87
C LEU D 36 -14.08 -38.81 -7.00
N ILE D 37 -12.83 -39.05 -6.62
CA ILE D 37 -12.13 -38.13 -5.75
C ILE D 37 -11.75 -36.83 -6.49
N ARG D 38 -11.57 -36.88 -7.79
CA ARG D 38 -11.23 -35.67 -8.53
C ARG D 38 -12.48 -34.77 -8.63
N MET D 39 -13.65 -35.37 -8.70
CA MET D 39 -14.92 -34.61 -8.84
C MET D 39 -15.46 -34.15 -7.48
N SER D 40 -14.78 -34.48 -6.38
CA SER D 40 -15.28 -34.09 -5.06
C SER D 40 -15.47 -32.56 -4.95
N ALA D 41 -16.52 -32.20 -4.22
CA ALA D 41 -16.82 -30.81 -3.90
C ALA D 41 -15.77 -30.31 -2.91
N SER D 42 -15.69 -28.98 -2.77
CA SER D 42 -14.74 -28.36 -1.85
C SER D 42 -15.15 -26.88 -1.73
N SER D 43 -14.89 -26.28 -0.57
CA SER D 43 -15.22 -24.84 -0.38
C SER D 43 -14.60 -24.00 -1.51
N VAL D 44 -15.43 -23.17 -2.13
CA VAL D 44 -15.10 -22.26 -3.26
C VAL D 44 -14.34 -23.00 -4.37
N ASN D 45 -14.59 -24.30 -4.50
CA ASN D 45 -13.94 -25.17 -5.51
C ASN D 45 -12.41 -25.07 -5.38
N SER D 46 -11.94 -24.86 -4.14
CA SER D 46 -10.50 -24.71 -3.85
C SER D 46 -9.67 -25.94 -4.25
N GLN D 47 -10.26 -27.15 -4.20
CA GLN D 47 -9.59 -28.43 -4.57
C GLN D 47 -8.14 -28.44 -4.07
N PRO D 48 -7.94 -28.12 -2.78
CA PRO D 48 -6.59 -28.00 -2.24
C PRO D 48 -5.91 -29.35 -1.99
N TRP D 49 -5.77 -30.15 -3.05
CA TRP D 49 -5.28 -31.50 -2.92
C TRP D 49 -4.49 -32.01 -4.13
N HIS D 50 -3.95 -33.20 -3.87
CA HIS D 50 -3.20 -34.04 -4.77
C HIS D 50 -3.30 -35.46 -4.20
N PHE D 51 -3.31 -36.48 -5.06
CA PHE D 51 -3.45 -37.87 -4.60
C PHE D 51 -2.38 -38.78 -5.19
N ILE D 52 -1.75 -39.56 -4.31
CA ILE D 52 -0.80 -40.58 -4.72
C ILE D 52 -1.60 -41.88 -4.76
N VAL D 53 -1.55 -42.59 -5.86
CA VAL D 53 -2.25 -43.87 -6.01
C VAL D 53 -1.18 -44.93 -6.27
N ALA D 54 -0.99 -45.83 -5.31
CA ALA D 54 0.01 -46.87 -5.42
C ALA D 54 -0.66 -48.19 -5.79
N SER D 55 -0.16 -48.82 -6.85
CA SER D 55 -0.72 -50.08 -7.32
C SER D 55 0.37 -51.17 -7.33
N SER D 56 1.62 -50.76 -7.52
CA SER D 56 2.77 -51.70 -7.57
C SER D 56 3.26 -51.99 -6.15
N GLU D 57 3.89 -53.15 -6.02
CA GLU D 57 4.41 -53.62 -4.75
C GLU D 57 5.45 -52.63 -4.18
N GLU D 58 6.32 -52.10 -5.05
CA GLU D 58 7.38 -51.17 -4.61
C GLU D 58 6.77 -49.84 -4.16
N GLY D 59 5.70 -49.39 -4.82
CA GLY D 59 5.06 -48.15 -4.45
C GLY D 59 4.42 -48.23 -3.07
N LYS D 60 3.77 -49.35 -2.77
CA LYS D 60 3.11 -49.51 -1.46
C LYS D 60 4.19 -49.63 -0.37
N ALA D 61 5.30 -50.28 -0.70
CA ALA D 61 6.41 -50.41 0.24
C ALA D 61 6.94 -49.01 0.61
N ARG D 62 6.99 -48.11 -0.37
CA ARG D 62 7.45 -46.76 -0.09
C ARG D 62 6.49 -46.08 0.89
N ILE D 63 5.20 -46.22 0.65
CA ILE D 63 4.20 -45.61 1.55
C ILE D 63 4.30 -46.23 2.95
N ALA D 64 4.46 -47.57 2.98
CA ALA D 64 4.55 -48.32 4.24
C ALA D 64 5.78 -47.89 5.07
N LYS D 65 6.69 -47.12 4.49
CA LYS D 65 7.85 -46.66 5.28
C LYS D 65 7.37 -45.66 6.34
N ALA D 66 6.20 -45.09 6.09
CA ALA D 66 5.62 -44.11 6.99
C ALA D 66 4.84 -44.80 8.11
N THR D 67 4.72 -46.13 8.07
CA THR D 67 3.99 -46.90 9.08
C THR D 67 4.94 -47.90 9.77
N GLN D 68 5.77 -47.39 10.67
CA GLN D 68 6.75 -48.20 11.38
C GLN D 68 6.66 -47.88 12.88
N GLY D 69 7.20 -48.79 13.68
CA GLY D 69 7.22 -48.65 15.12
C GLY D 69 5.82 -48.59 15.70
N GLY D 70 5.49 -47.45 16.31
CA GLY D 70 4.18 -47.25 16.91
C GLY D 70 3.07 -47.37 15.88
N PHE D 71 3.39 -47.05 14.62
CA PHE D 71 2.39 -47.13 13.55
C PHE D 71 2.57 -48.41 12.72
N ALA D 72 3.25 -49.41 13.28
CA ALA D 72 3.49 -50.68 12.58
C ALA D 72 2.17 -51.42 12.33
N PHE D 73 1.15 -51.15 13.13
CA PHE D 73 -0.15 -51.86 12.99
C PHE D 73 -0.87 -51.50 11.68
N ASN D 74 -0.44 -50.48 10.95
CA ASN D 74 -1.08 -50.13 9.67
C ASN D 74 -0.22 -50.59 8.49
N GLU D 75 0.94 -51.20 8.76
CA GLU D 75 1.86 -51.59 7.69
C GLU D 75 1.26 -52.66 6.77
N ARG D 76 0.69 -53.72 7.34
CA ARG D 76 0.11 -54.82 6.55
C ARG D 76 -1.07 -54.30 5.70
N LYS D 77 -1.85 -53.36 6.23
CA LYS D 77 -3.03 -52.81 5.50
C LYS D 77 -2.58 -52.11 4.21
N ILE D 78 -1.44 -51.42 4.24
CA ILE D 78 -0.92 -50.71 3.09
C ILE D 78 -0.28 -51.71 2.09
N LEU D 79 0.60 -52.58 2.57
CA LEU D 79 1.32 -53.55 1.70
C LEU D 79 0.37 -54.53 1.00
N ASP D 80 -0.61 -55.07 1.69
CA ASP D 80 -1.48 -56.10 1.10
C ASP D 80 -2.66 -55.53 0.31
N ALA D 81 -2.95 -54.25 0.45
CA ALA D 81 -4.10 -53.68 -0.27
C ALA D 81 -3.86 -53.73 -1.78
N SER D 82 -4.96 -53.62 -2.53
CA SER D 82 -4.92 -53.59 -3.98
C SER D 82 -4.33 -52.26 -4.46
N HIS D 83 -5.00 -51.19 -4.07
CA HIS D 83 -4.59 -49.84 -4.41
C HIS D 83 -4.62 -49.00 -3.15
N VAL D 84 -3.61 -48.14 -2.99
CA VAL D 84 -3.51 -47.27 -1.83
C VAL D 84 -3.56 -45.81 -2.31
N VAL D 85 -4.45 -45.03 -1.70
CA VAL D 85 -4.58 -43.62 -2.05
C VAL D 85 -4.02 -42.78 -0.89
N VAL D 86 -3.08 -41.90 -1.19
CA VAL D 86 -2.56 -41.01 -0.16
C VAL D 86 -3.16 -39.64 -0.47
N PHE D 87 -4.03 -39.17 0.44
CA PHE D 87 -4.67 -37.85 0.32
C PHE D 87 -3.69 -36.79 0.81
N CYS D 88 -3.28 -35.91 -0.10
CA CYS D 88 -2.33 -34.86 0.23
C CYS D 88 -3.06 -33.51 0.18
N ALA D 89 -2.76 -32.65 1.14
CA ALA D 89 -3.36 -31.34 1.17
C ALA D 89 -2.29 -30.30 0.85
N LYS D 90 -2.74 -29.15 0.34
CA LYS D 90 -1.82 -28.04 0.11
C LYS D 90 -1.31 -27.55 1.47
N THR D 91 -0.06 -27.08 1.47
CA THR D 91 0.57 -26.55 2.67
C THR D 91 0.33 -25.03 2.79
N ALA D 92 0.03 -24.39 1.67
CA ALA D 92 -0.23 -22.94 1.62
C ALA D 92 -1.06 -22.63 0.39
N ILE D 93 -1.73 -21.48 0.41
CA ILE D 93 -2.55 -21.04 -0.68
C ILE D 93 -2.33 -19.54 -0.85
N ASP D 94 -2.14 -19.13 -2.11
CA ASP D 94 -1.87 -17.74 -2.41
C ASP D 94 -2.70 -17.32 -3.62
N GLU D 95 -2.61 -16.03 -3.93
CA GLU D 95 -3.34 -15.40 -5.05
C GLU D 95 -3.02 -16.10 -6.38
N ALA D 96 -1.77 -16.51 -6.56
CA ALA D 96 -1.37 -17.18 -7.83
C ALA D 96 -2.20 -18.47 -8.02
N TYR D 97 -2.39 -19.23 -6.95
CA TYR D 97 -3.18 -20.47 -7.04
C TYR D 97 -4.64 -20.14 -7.39
N LEU D 98 -5.21 -19.12 -6.78
CA LEU D 98 -6.61 -18.75 -7.07
C LEU D 98 -6.76 -18.38 -8.55
N LEU D 99 -5.80 -17.61 -9.10
CA LEU D 99 -5.90 -17.21 -10.51
C LEU D 99 -5.73 -18.43 -11.42
N ASP D 100 -4.88 -19.40 -11.05
CA ASP D 100 -4.77 -20.60 -11.88
C ASP D 100 -6.12 -21.32 -11.80
N LEU D 101 -6.66 -21.39 -10.60
CA LEU D 101 -7.95 -22.03 -10.40
C LEU D 101 -9.02 -21.33 -11.24
N LEU D 102 -8.95 -20.00 -11.34
CA LEU D 102 -9.94 -19.20 -12.10
C LEU D 102 -9.79 -19.48 -13.60
N GLU D 103 -8.54 -19.44 -14.08
CA GLU D 103 -8.23 -19.74 -15.46
C GLU D 103 -8.72 -21.15 -15.80
N SER D 104 -8.60 -22.05 -14.83
CA SER D 104 -9.03 -23.44 -14.99
C SER D 104 -10.53 -23.50 -15.21
N GLU D 105 -11.27 -22.80 -14.36
CA GLU D 105 -12.73 -22.76 -14.44
C GLU D 105 -13.14 -22.04 -15.73
N ASP D 106 -12.44 -20.96 -16.05
CA ASP D 106 -12.76 -20.19 -17.23
C ASP D 106 -12.66 -21.07 -18.48
N LYS D 107 -11.60 -21.89 -18.58
CA LYS D 107 -11.37 -22.77 -19.74
C LYS D 107 -12.37 -23.94 -19.77
N ASP D 108 -13.10 -24.17 -18.67
CA ASP D 108 -14.09 -25.25 -18.62
C ASP D 108 -15.48 -24.67 -18.93
N GLY D 109 -15.56 -23.36 -19.22
CA GLY D 109 -16.82 -22.68 -19.59
C GLY D 109 -17.69 -22.24 -18.42
N ARG D 110 -17.12 -22.11 -17.24
CA ARG D 110 -17.86 -21.72 -16.02
C ARG D 110 -18.43 -20.28 -16.07
N PHE D 111 -17.87 -19.36 -16.84
CA PHE D 111 -18.40 -17.99 -16.80
C PHE D 111 -18.94 -17.55 -18.17
N ALA D 112 -20.09 -16.87 -18.13
CA ALA D 112 -20.72 -16.36 -19.35
C ALA D 112 -19.96 -15.12 -19.85
N ASP D 113 -19.68 -14.21 -18.93
CA ASP D 113 -18.98 -12.97 -19.26
C ASP D 113 -17.82 -12.77 -18.27
N VAL D 114 -17.17 -11.62 -18.35
CA VAL D 114 -16.05 -11.28 -17.47
C VAL D 114 -16.61 -10.89 -16.10
N GLU D 115 -17.86 -10.42 -16.05
CA GLU D 115 -18.46 -10.01 -14.77
C GLU D 115 -18.58 -11.22 -13.84
N ALA D 116 -19.03 -12.35 -14.38
CA ALA D 116 -19.16 -13.55 -13.58
C ALA D 116 -17.77 -13.97 -13.07
N LYS D 117 -16.80 -13.96 -13.98
CA LYS D 117 -15.43 -14.33 -13.66
C LYS D 117 -14.90 -13.40 -12.55
N ASN D 118 -14.96 -12.09 -12.77
CA ASN D 118 -14.52 -11.12 -11.77
C ASN D 118 -15.25 -11.38 -10.45
N GLY D 119 -16.55 -11.66 -10.53
CA GLY D 119 -17.38 -11.91 -9.35
C GLY D 119 -16.97 -13.18 -8.61
N MET D 120 -16.81 -14.27 -9.34
CA MET D 120 -16.41 -15.52 -8.74
C MET D 120 -15.07 -15.31 -8.02
N HIS D 121 -14.17 -14.55 -8.64
CA HIS D 121 -12.85 -14.34 -8.07
C HIS D 121 -12.93 -13.55 -6.75
N ALA D 122 -13.80 -12.54 -6.73
CA ALA D 122 -13.97 -11.70 -5.55
C ALA D 122 -14.46 -12.54 -4.37
N GLY D 123 -15.50 -13.31 -4.61
CA GLY D 123 -16.10 -14.18 -3.58
C GLY D 123 -15.12 -15.18 -3.02
N ARG D 124 -14.34 -15.81 -3.90
CA ARG D 124 -13.38 -16.80 -3.46
C ARG D 124 -12.21 -16.10 -2.74
N SER D 125 -11.75 -14.96 -3.24
CA SER D 125 -10.63 -14.25 -2.57
C SER D 125 -11.05 -13.85 -1.16
N PHE D 126 -12.33 -13.49 -0.98
CA PHE D 126 -12.82 -13.10 0.32
C PHE D 126 -12.69 -14.29 1.27
N PHE D 127 -13.17 -15.45 0.86
CA PHE D 127 -13.07 -16.58 1.73
C PHE D 127 -11.61 -16.95 2.01
N VAL D 128 -10.77 -16.99 0.98
CA VAL D 128 -9.40 -17.45 1.14
C VAL D 128 -8.59 -16.47 2.01
N ASN D 129 -8.68 -15.17 1.72
CA ASN D 129 -7.94 -14.20 2.51
C ASN D 129 -8.42 -14.22 3.97
N MET D 130 -9.72 -14.43 4.20
CA MET D 130 -10.20 -14.50 5.56
C MET D 130 -9.51 -15.68 6.27
N HIS D 131 -9.41 -16.82 5.60
CA HIS D 131 -8.76 -17.97 6.25
C HIS D 131 -7.26 -17.75 6.38
N ARG D 132 -6.62 -17.16 5.39
CA ARG D 132 -5.16 -16.93 5.46
C ARG D 132 -4.76 -15.90 6.50
N PHE D 133 -5.47 -14.78 6.53
CA PHE D 133 -5.02 -13.66 7.34
C PHE D 133 -5.91 -13.28 8.53
N ASP D 134 -7.21 -13.61 8.52
CA ASP D 134 -8.07 -13.21 9.63
C ASP D 134 -8.16 -14.38 10.62
N LEU D 135 -8.62 -15.54 10.16
CA LEU D 135 -8.70 -16.71 11.04
C LEU D 135 -7.29 -17.31 11.22
N LYS D 136 -6.45 -17.23 10.20
CA LYS D 136 -5.08 -17.78 10.25
C LYS D 136 -5.12 -19.30 10.44
N ASP D 137 -6.03 -19.95 9.72
CA ASP D 137 -6.22 -21.40 9.81
C ASP D 137 -6.28 -22.02 8.41
N ALA D 138 -5.62 -21.39 7.44
CA ALA D 138 -5.70 -21.84 6.05
C ALA D 138 -5.31 -23.31 5.89
N HIS D 139 -4.28 -23.79 6.54
CA HIS D 139 -3.91 -25.20 6.32
C HIS D 139 -5.02 -26.10 6.89
N HIS D 140 -5.58 -25.75 8.04
CA HIS D 140 -6.65 -26.59 8.59
C HIS D 140 -7.88 -26.57 7.68
N TRP D 141 -8.20 -25.38 7.18
CA TRP D 141 -9.36 -25.20 6.33
C TRP D 141 -9.24 -26.07 5.07
N MET D 142 -8.07 -26.03 4.44
CA MET D 142 -7.83 -26.83 3.24
C MET D 142 -7.88 -28.31 3.61
N GLU D 143 -7.29 -28.68 4.74
CA GLU D 143 -7.28 -30.06 5.17
C GLU D 143 -8.72 -30.54 5.38
N LYS D 144 -9.61 -29.67 5.84
CA LYS D 144 -11.01 -30.08 6.03
C LYS D 144 -11.67 -30.38 4.67
N GLN D 145 -11.24 -29.72 3.60
CA GLN D 145 -11.78 -30.00 2.28
C GLN D 145 -11.27 -31.38 1.82
N VAL D 146 -10.04 -31.73 2.21
CA VAL D 146 -9.45 -33.02 1.83
C VAL D 146 -10.19 -34.15 2.57
N TYR D 147 -10.50 -33.94 3.84
CA TYR D 147 -11.26 -34.95 4.59
C TYR D 147 -12.66 -35.15 3.99
N LEU D 148 -13.27 -34.09 3.50
CA LEU D 148 -14.60 -34.20 2.88
C LEU D 148 -14.48 -35.15 1.69
N ASN D 149 -13.39 -35.00 0.96
CA ASN D 149 -13.13 -35.81 -0.21
C ASN D 149 -12.94 -37.27 0.26
N VAL D 150 -12.22 -37.48 1.36
CA VAL D 150 -11.99 -38.83 1.89
C VAL D 150 -13.35 -39.49 2.16
N GLY D 151 -14.27 -38.71 2.71
CA GLY D 151 -15.63 -39.21 3.00
C GLY D 151 -16.35 -39.65 1.73
N THR D 152 -16.19 -38.92 0.62
CA THR D 152 -16.85 -39.31 -0.61
C THR D 152 -16.27 -40.64 -1.07
N LEU D 153 -14.97 -40.83 -0.89
CA LEU D 153 -14.37 -42.08 -1.34
C LEU D 153 -14.85 -43.25 -0.46
N LEU D 154 -14.90 -43.07 0.85
CA LEU D 154 -15.35 -44.15 1.72
C LEU D 154 -16.75 -44.59 1.31
N LEU D 155 -17.63 -43.64 0.98
CA LEU D 155 -18.99 -44.04 0.61
C LEU D 155 -18.99 -44.64 -0.81
N GLY D 156 -18.25 -44.02 -1.71
CA GLY D 156 -18.23 -44.48 -3.09
C GLY D 156 -17.68 -45.89 -3.19
N ALA D 157 -16.61 -46.13 -2.45
CA ALA D 157 -15.95 -47.42 -2.43
C ALA D 157 -16.94 -48.48 -1.96
N SER D 158 -17.75 -48.10 -0.98
CA SER D 158 -18.73 -49.04 -0.43
C SER D 158 -19.76 -49.42 -1.50
N ALA D 159 -20.37 -48.41 -2.11
CA ALA D 159 -21.37 -48.57 -3.16
C ALA D 159 -20.82 -49.45 -4.29
N MET D 160 -19.49 -49.43 -4.50
CA MET D 160 -18.86 -50.25 -5.55
C MET D 160 -18.43 -51.60 -4.97
N GLU D 161 -18.90 -51.91 -3.76
CA GLU D 161 -18.55 -53.17 -3.10
C GLU D 161 -17.02 -53.33 -3.04
N ILE D 162 -16.35 -52.26 -2.60
CA ILE D 162 -14.90 -52.20 -2.42
C ILE D 162 -14.65 -51.98 -0.93
N ASP D 163 -13.58 -52.56 -0.40
CA ASP D 163 -13.24 -52.39 1.01
C ASP D 163 -12.21 -51.25 1.12
N ALA D 164 -12.36 -50.40 2.14
CA ALA D 164 -11.48 -49.27 2.31
C ALA D 164 -11.35 -48.87 3.78
N VAL D 165 -10.15 -48.46 4.18
CA VAL D 165 -9.92 -48.03 5.57
C VAL D 165 -9.21 -46.67 5.56
N PRO D 166 -9.74 -45.69 6.31
CA PRO D 166 -9.11 -44.37 6.42
C PRO D 166 -7.96 -44.51 7.43
N ILE D 167 -6.78 -43.97 7.14
CA ILE D 167 -5.64 -44.14 8.07
C ILE D 167 -4.99 -42.78 8.36
N GLU D 168 -4.87 -42.50 9.66
CA GLU D 168 -4.21 -41.30 10.18
C GLU D 168 -2.92 -41.72 10.89
N GLY D 169 -2.81 -43.01 11.21
CA GLY D 169 -1.66 -43.57 11.93
C GLY D 169 -0.47 -43.83 11.04
N PHE D 170 0.20 -42.76 10.66
CA PHE D 170 1.38 -42.83 9.83
C PHE D 170 2.22 -41.58 10.09
N ASP D 171 3.53 -41.65 9.84
CA ASP D 171 4.45 -40.51 10.08
C ASP D 171 4.52 -39.65 8.82
N ALA D 172 3.75 -38.57 8.81
CA ALA D 172 3.67 -37.64 7.69
C ALA D 172 5.04 -37.09 7.30
N LYS D 173 5.95 -36.89 8.25
CA LYS D 173 7.27 -36.37 7.91
C LYS D 173 7.99 -37.39 7.03
N VAL D 174 7.91 -38.67 7.40
CA VAL D 174 8.59 -39.72 6.65
C VAL D 174 7.91 -39.89 5.28
N LEU D 175 6.58 -39.82 5.24
CA LEU D 175 5.88 -40.04 3.96
C LEU D 175 6.12 -38.86 3.02
N ASP D 176 6.05 -37.64 3.56
CA ASP D 176 6.27 -36.43 2.78
C ASP D 176 7.68 -36.44 2.18
N GLU D 177 8.69 -36.74 3.01
CA GLU D 177 10.12 -36.78 2.56
C GLU D 177 10.33 -37.86 1.49
N GLU D 178 9.64 -38.97 1.64
CA GLU D 178 9.77 -40.08 0.69
C GLU D 178 9.33 -39.62 -0.71
N PHE D 179 8.43 -38.64 -0.78
CA PHE D 179 7.92 -38.20 -2.11
C PHE D 179 8.20 -36.71 -2.37
N GLY D 180 9.07 -36.11 -1.56
CA GLY D 180 9.40 -34.69 -1.73
C GLY D 180 8.15 -33.84 -1.87
N LEU D 181 7.14 -34.12 -1.06
CA LEU D 181 5.86 -33.43 -1.14
C LEU D 181 5.94 -32.00 -0.62
N ARG D 182 6.62 -31.77 0.50
CA ARG D 182 6.70 -30.44 1.13
C ARG D 182 7.30 -29.41 0.16
N GLU D 183 8.33 -29.78 -0.57
CA GLU D 183 8.94 -28.85 -1.53
C GLU D 183 7.95 -28.56 -2.68
N LYS D 184 6.98 -29.44 -2.92
CA LYS D 184 6.00 -29.25 -4.01
C LYS D 184 4.73 -28.57 -3.49
N GLY D 185 4.68 -28.21 -2.21
CA GLY D 185 3.49 -27.53 -1.67
C GLY D 185 2.42 -28.48 -1.16
N PHE D 186 2.73 -29.76 -0.92
CA PHE D 186 1.71 -30.70 -0.43
C PHE D 186 2.20 -31.44 0.83
N THR D 187 1.26 -32.07 1.51
CA THR D 187 1.57 -32.83 2.71
C THR D 187 0.50 -33.93 2.89
N SER D 188 0.95 -35.15 3.19
CA SER D 188 0.05 -36.29 3.37
C SER D 188 -0.79 -36.13 4.65
N VAL D 189 -2.10 -36.34 4.55
CA VAL D 189 -2.97 -36.22 5.71
C VAL D 189 -3.71 -37.54 5.95
N VAL D 190 -4.26 -38.17 4.93
CA VAL D 190 -4.93 -39.45 5.18
C VAL D 190 -4.51 -40.48 4.12
N ILE D 191 -4.33 -41.73 4.55
CA ILE D 191 -3.99 -42.84 3.65
C ILE D 191 -5.24 -43.72 3.55
N VAL D 192 -5.68 -44.05 2.35
CA VAL D 192 -6.86 -44.92 2.21
C VAL D 192 -6.50 -46.16 1.38
N PRO D 193 -6.27 -47.30 2.04
CA PRO D 193 -6.00 -48.50 1.28
C PRO D 193 -7.33 -49.07 0.76
N LEU D 194 -7.30 -49.54 -0.50
CA LEU D 194 -8.44 -50.11 -1.17
C LEU D 194 -8.13 -51.56 -1.57
N GLY D 195 -9.16 -52.37 -1.60
CA GLY D 195 -9.01 -53.77 -1.99
C GLY D 195 -10.22 -54.59 -1.57
N TYR D 196 -9.98 -55.85 -1.25
CA TYR D 196 -11.02 -56.75 -0.79
C TYR D 196 -10.57 -57.33 0.54
N HIS D 197 -11.48 -57.33 1.51
CA HIS D 197 -11.18 -57.82 2.85
C HIS D 197 -10.85 -59.32 2.81
N SER D 198 -9.84 -59.70 3.59
CA SER D 198 -9.42 -61.11 3.70
C SER D 198 -10.39 -61.80 4.66
N GLU D 199 -10.49 -63.11 4.57
CA GLU D 199 -11.40 -63.86 5.42
C GLU D 199 -10.97 -63.76 6.89
N ASP D 200 -9.67 -63.60 7.16
CA ASP D 200 -9.17 -63.53 8.55
C ASP D 200 -9.28 -62.12 9.14
N ASP D 201 -9.93 -61.18 8.46
CA ASP D 201 -10.10 -59.83 9.05
C ASP D 201 -11.23 -59.90 10.08
N PHE D 202 -10.87 -59.73 11.34
CA PHE D 202 -11.85 -59.81 12.45
C PHE D 202 -12.80 -58.61 12.47
N ASN D 203 -12.33 -57.42 12.04
CA ASN D 203 -13.15 -56.19 12.11
C ASN D 203 -14.32 -56.23 11.11
N ALA D 204 -14.19 -57.01 10.04
CA ALA D 204 -15.26 -57.13 9.05
C ALA D 204 -16.51 -57.76 9.68
N LYS D 205 -16.32 -58.55 10.73
CA LYS D 205 -17.41 -59.27 11.36
C LYS D 205 -18.01 -58.49 12.54
N LEU D 206 -17.23 -57.66 13.23
CA LEU D 206 -17.76 -56.94 14.40
C LEU D 206 -18.90 -56.01 14.00
N PRO D 207 -19.93 -55.87 14.85
CA PRO D 207 -21.03 -54.97 14.53
C PRO D 207 -20.53 -53.52 14.59
N LYS D 208 -21.06 -52.67 13.74
CA LYS D 208 -20.64 -51.28 13.70
C LYS D 208 -21.24 -50.56 14.93
N SER D 209 -20.43 -49.84 15.69
CA SER D 209 -20.94 -49.11 16.86
C SER D 209 -20.93 -47.60 16.60
N ARG D 210 -22.05 -46.96 16.92
CA ARG D 210 -22.21 -45.52 16.77
C ARG D 210 -23.17 -45.01 17.85
N TRP D 211 -23.08 -43.72 18.13
CA TRP D 211 -24.01 -43.11 19.06
C TRP D 211 -25.41 -43.37 18.51
N SER D 212 -26.38 -43.35 19.41
CA SER D 212 -27.77 -43.52 19.04
C SER D 212 -28.28 -42.26 18.36
N ALA D 213 -29.31 -42.42 17.53
CA ALA D 213 -29.94 -41.32 16.81
C ALA D 213 -30.38 -40.23 17.80
N GLU D 214 -30.96 -40.64 18.93
CA GLU D 214 -31.45 -39.68 19.96
C GLU D 214 -30.27 -38.87 20.54
N THR D 215 -29.06 -39.40 20.54
CA THR D 215 -27.91 -38.66 21.04
C THR D 215 -27.41 -37.64 20.02
N VAL D 216 -27.33 -37.99 18.74
CA VAL D 216 -26.68 -37.07 17.76
C VAL D 216 -27.65 -36.17 16.97
N PHE D 217 -28.95 -36.35 17.10
CA PHE D 217 -29.84 -35.52 16.31
C PHE D 217 -30.74 -34.65 17.18
N THR D 218 -30.95 -33.44 16.66
CA THR D 218 -31.87 -32.47 17.23
C THR D 218 -32.76 -32.02 16.07
N GLU D 219 -34.01 -32.47 16.07
CA GLU D 219 -34.94 -32.16 14.99
C GLU D 219 -35.77 -30.93 15.38
N ILE D 220 -35.87 -29.99 14.45
CA ILE D 220 -36.60 -28.78 14.69
C ILE D 220 -37.45 -28.44 13.46
N ASN E 2 28.61 -3.68 -31.42
CA ASN E 2 28.81 -3.12 -32.78
C ASN E 2 27.77 -2.03 -33.04
N ALA E 3 28.09 -1.13 -33.96
CA ALA E 3 27.20 -0.02 -34.33
C ALA E 3 26.03 -0.51 -35.19
N MET E 4 26.28 -1.57 -35.98
CA MET E 4 25.27 -2.14 -36.87
C MET E 4 24.21 -2.92 -36.07
N THR E 5 24.56 -3.42 -34.87
CA THR E 5 23.59 -4.18 -34.05
C THR E 5 22.78 -3.23 -33.17
N ILE E 6 23.38 -2.14 -32.69
CA ILE E 6 22.59 -1.23 -31.85
C ILE E 6 21.57 -0.51 -32.76
N VAL E 7 21.95 -0.26 -34.02
CA VAL E 7 21.03 0.35 -35.00
C VAL E 7 19.95 -0.68 -35.33
N GLN E 8 20.35 -1.94 -35.44
CA GLN E 8 19.43 -3.04 -35.73
C GLN E 8 18.37 -3.16 -34.62
N ALA E 9 18.79 -2.88 -33.38
CA ALA E 9 17.89 -2.95 -32.23
C ALA E 9 16.88 -1.79 -32.30
N ALA E 10 17.37 -0.61 -32.67
CA ALA E 10 16.53 0.60 -32.76
C ALA E 10 15.51 0.47 -33.90
N GLN E 11 15.89 -0.22 -34.98
CA GLN E 11 15.03 -0.38 -36.15
C GLN E 11 14.08 -1.58 -36.01
N SER E 12 14.51 -2.65 -35.34
CA SER E 12 13.65 -3.88 -35.23
C SER E 12 12.62 -3.75 -34.09
N ARG E 13 12.91 -2.98 -33.04
CA ARG E 13 11.95 -2.85 -31.94
C ARG E 13 10.72 -2.07 -32.44
N TYR E 14 9.63 -2.19 -31.69
CA TYR E 14 8.35 -1.50 -32.00
C TYR E 14 7.44 -1.67 -30.76
N SER E 15 6.36 -0.90 -30.67
CA SER E 15 5.45 -1.02 -29.54
C SER E 15 4.51 -2.21 -29.73
N THR E 16 4.80 -3.31 -29.02
CA THR E 16 3.98 -4.54 -29.06
C THR E 16 2.55 -4.19 -28.61
N LYS E 17 1.56 -4.61 -29.40
CA LYS E 17 0.15 -4.34 -29.07
C LYS E 17 -0.51 -5.62 -28.54
N ALA E 18 0.12 -6.77 -28.78
CA ALA E 18 -0.43 -8.03 -28.29
C ALA E 18 0.72 -8.97 -27.91
N PHE E 19 0.67 -9.45 -26.68
CA PHE E 19 1.69 -10.33 -26.18
C PHE E 19 1.22 -11.78 -26.11
N ASP E 20 2.17 -12.68 -26.27
CA ASP E 20 1.95 -14.11 -26.15
C ASP E 20 1.92 -14.40 -24.64
N ALA E 21 0.75 -14.76 -24.13
CA ALA E 21 0.54 -14.99 -22.69
C ALA E 21 1.21 -16.28 -22.20
N SER E 22 1.54 -17.19 -23.11
CA SER E 22 2.17 -18.45 -22.68
C SER E 22 3.70 -18.32 -22.59
N ARG E 23 4.30 -17.20 -22.98
CA ARG E 23 5.78 -17.11 -22.98
C ARG E 23 6.26 -16.12 -21.90
N LYS E 24 7.20 -16.61 -21.10
CA LYS E 24 7.75 -15.88 -19.98
C LYS E 24 9.24 -15.62 -20.16
N LEU E 25 9.69 -14.45 -19.69
CA LEU E 25 11.10 -14.07 -19.75
C LEU E 25 11.93 -14.99 -18.85
N PRO E 26 13.11 -15.40 -19.32
CA PRO E 26 13.95 -16.21 -18.45
C PRO E 26 14.62 -15.29 -17.43
N GLU E 27 15.00 -15.84 -16.28
CA GLU E 27 15.65 -15.07 -15.20
C GLU E 27 16.89 -14.30 -15.72
N GLU E 28 17.68 -14.84 -16.66
CA GLU E 28 18.87 -14.08 -17.16
C GLU E 28 18.42 -12.72 -17.73
N LYS E 29 17.36 -12.71 -18.53
CA LYS E 29 16.85 -11.45 -19.11
C LYS E 29 16.16 -10.61 -18.04
N VAL E 30 15.44 -11.25 -17.11
CA VAL E 30 14.79 -10.46 -16.04
C VAL E 30 15.87 -9.72 -15.23
N ALA E 31 16.90 -10.43 -14.82
CA ALA E 31 17.97 -9.81 -14.01
C ALA E 31 18.68 -8.71 -14.80
N ALA E 32 18.81 -8.86 -16.11
CA ALA E 32 19.48 -7.84 -16.93
C ALA E 32 18.64 -6.56 -17.00
N VAL E 33 17.32 -6.71 -17.08
CA VAL E 33 16.39 -5.57 -17.16
C VAL E 33 16.48 -4.73 -15.89
N LYS E 34 16.47 -5.38 -14.74
CA LYS E 34 16.53 -4.70 -13.44
C LYS E 34 17.86 -3.94 -13.27
N GLU E 35 18.95 -4.58 -13.63
CA GLU E 35 20.28 -3.97 -13.50
C GLU E 35 20.36 -2.77 -14.44
N LEU E 36 19.86 -2.95 -15.63
CA LEU E 36 19.88 -1.90 -16.61
C LEU E 36 19.18 -0.63 -16.09
N ILE E 37 18.00 -0.76 -15.50
CA ILE E 37 17.29 0.43 -15.07
C ILE E 37 17.86 0.98 -13.76
N ARG E 38 18.42 0.14 -12.90
CA ARG E 38 18.95 0.64 -11.64
C ARG E 38 20.22 1.47 -11.88
N MET E 39 20.96 1.13 -12.94
CA MET E 39 22.27 1.76 -13.29
C MET E 39 22.09 2.96 -14.23
N SER E 40 20.85 3.35 -14.49
CA SER E 40 20.62 4.46 -15.39
C SER E 40 21.23 5.75 -14.86
N ALA E 41 21.67 6.58 -15.78
CA ALA E 41 22.17 7.89 -15.45
C ALA E 41 20.99 8.76 -15.02
N SER E 42 21.30 9.85 -14.33
CA SER E 42 20.29 10.80 -13.90
C SER E 42 20.99 12.09 -13.49
N SER E 43 20.34 13.23 -13.71
CA SER E 43 20.92 14.51 -13.35
C SER E 43 21.39 14.46 -11.89
N VAL E 44 22.64 14.90 -11.67
CA VAL E 44 23.32 14.92 -10.34
C VAL E 44 23.07 13.61 -9.59
N ASN E 45 23.04 12.51 -10.35
CA ASN E 45 22.84 11.15 -9.83
C ASN E 45 21.64 11.11 -8.85
N SER E 46 20.62 11.91 -9.13
CA SER E 46 19.43 12.03 -8.26
C SER E 46 18.61 10.73 -8.18
N GLN E 47 18.65 9.85 -9.18
CA GLN E 47 17.89 8.57 -9.18
C GLN E 47 16.53 8.77 -8.48
N PRO E 48 15.72 9.75 -8.94
CA PRO E 48 14.44 10.06 -8.26
C PRO E 48 13.33 9.09 -8.65
N TRP E 49 13.62 7.80 -8.51
CA TRP E 49 12.68 6.79 -8.95
C TRP E 49 12.55 5.60 -8.01
N HIS E 50 11.56 4.79 -8.38
CA HIS E 50 11.22 3.52 -7.77
C HIS E 50 10.53 2.70 -8.87
N PHE E 51 10.73 1.38 -8.86
CA PHE E 51 10.17 0.55 -9.91
C PHE E 51 9.40 -0.65 -9.36
N ILE E 52 8.15 -0.82 -9.80
CA ILE E 52 7.40 -1.99 -9.44
C ILE E 52 7.64 -3.00 -10.56
N VAL E 53 7.98 -4.21 -10.21
CA VAL E 53 8.20 -5.22 -11.25
C VAL E 53 7.23 -6.36 -11.00
N ALA E 54 6.21 -6.47 -11.84
CA ALA E 54 5.19 -7.50 -11.69
C ALA E 54 5.54 -8.70 -12.57
N SER E 55 5.65 -9.86 -11.94
CA SER E 55 5.96 -11.11 -12.66
C SER E 55 4.82 -12.12 -12.51
N SER E 56 3.97 -11.94 -11.49
CA SER E 56 2.85 -12.84 -11.23
C SER E 56 1.57 -12.33 -11.91
N GLU E 57 0.61 -13.22 -12.06
CA GLU E 57 -0.68 -12.89 -12.67
C GLU E 57 -1.41 -11.88 -11.77
N GLU E 58 -1.29 -12.08 -10.46
CA GLU E 58 -1.96 -11.21 -9.47
C GLU E 58 -1.32 -9.83 -9.50
N GLY E 59 -0.01 -9.77 -9.64
CA GLY E 59 0.67 -8.48 -9.68
C GLY E 59 0.28 -7.70 -10.93
N LYS E 60 0.20 -8.38 -12.05
CA LYS E 60 -0.18 -7.73 -13.27
C LYS E 60 -1.65 -7.28 -13.17
N ALA E 61 -2.48 -8.07 -12.53
CA ALA E 61 -3.90 -7.71 -12.39
C ALA E 61 -4.04 -6.44 -11.55
N ARG E 62 -3.17 -6.25 -10.56
CA ARG E 62 -3.24 -5.06 -9.71
C ARG E 62 -2.91 -3.81 -10.54
N ILE E 63 -1.96 -3.95 -11.47
CA ILE E 63 -1.56 -2.82 -12.33
C ILE E 63 -2.68 -2.52 -13.35
N ALA E 64 -3.26 -3.57 -13.92
CA ALA E 64 -4.32 -3.46 -14.94
C ALA E 64 -5.59 -2.77 -14.41
N LYS E 65 -5.76 -2.67 -13.09
CA LYS E 65 -6.91 -1.95 -12.55
C LYS E 65 -6.85 -0.50 -13.02
N ALA E 66 -5.65 -0.02 -13.34
CA ALA E 66 -5.44 1.35 -13.77
C ALA E 66 -5.65 1.49 -15.28
N THR E 67 -5.99 0.41 -15.98
CA THR E 67 -6.24 0.48 -17.43
C THR E 67 -7.63 -0.08 -17.74
N GLN E 68 -8.63 0.68 -17.34
CA GLN E 68 -10.04 0.33 -17.52
C GLN E 68 -10.75 1.52 -18.20
N GLY E 69 -12.01 1.37 -18.52
CA GLY E 69 -12.76 2.44 -19.16
C GLY E 69 -12.08 2.87 -20.44
N GLY E 70 -11.81 4.17 -20.58
CA GLY E 70 -11.17 4.70 -21.79
C GLY E 70 -9.74 4.21 -21.99
N PHE E 71 -9.14 3.63 -20.96
CA PHE E 71 -7.78 3.13 -21.07
C PHE E 71 -7.76 1.60 -21.18
N ALA E 72 -8.92 0.98 -21.36
CA ALA E 72 -9.01 -0.49 -21.44
C ALA E 72 -8.20 -1.03 -22.63
N PHE E 73 -7.89 -0.18 -23.62
CA PHE E 73 -7.14 -0.67 -24.77
C PHE E 73 -5.74 -1.12 -24.33
N ASN E 74 -5.28 -0.69 -23.17
CA ASN E 74 -3.95 -1.09 -22.67
C ASN E 74 -4.04 -2.26 -21.70
N GLU E 75 -5.25 -2.70 -21.34
CA GLU E 75 -5.42 -3.78 -20.36
C GLU E 75 -4.73 -5.10 -20.78
N ARG E 76 -5.02 -5.60 -21.97
CA ARG E 76 -4.46 -6.89 -22.43
C ARG E 76 -2.93 -6.86 -22.50
N LYS E 77 -2.32 -5.72 -22.74
CA LYS E 77 -0.85 -5.64 -22.83
C LYS E 77 -0.23 -5.94 -21.47
N ILE E 78 -0.88 -5.40 -20.45
CA ILE E 78 -0.41 -5.57 -19.09
C ILE E 78 -0.66 -7.00 -18.62
N LEU E 79 -1.87 -7.52 -18.82
CA LEU E 79 -2.20 -8.88 -18.35
C LEU E 79 -1.47 -9.98 -19.15
N ASP E 80 -1.18 -9.80 -20.43
CA ASP E 80 -0.61 -10.89 -21.25
C ASP E 80 0.93 -10.89 -21.23
N ALA E 81 1.54 -9.76 -20.90
CA ALA E 81 3.00 -9.68 -20.84
C ALA E 81 3.55 -10.60 -19.74
N SER E 82 4.85 -10.85 -19.86
CA SER E 82 5.58 -11.69 -18.92
C SER E 82 5.86 -10.91 -17.62
N HIS E 83 6.48 -9.76 -17.79
CA HIS E 83 6.82 -8.87 -16.68
C HIS E 83 6.33 -7.45 -17.00
N VAL E 84 5.87 -6.72 -16.01
CA VAL E 84 5.42 -5.35 -16.24
C VAL E 84 6.20 -4.46 -15.28
N VAL E 85 6.89 -3.48 -15.82
CA VAL E 85 7.66 -2.58 -14.98
C VAL E 85 6.91 -1.27 -14.85
N VAL E 86 6.58 -0.86 -13.61
CA VAL E 86 5.94 0.42 -13.41
C VAL E 86 7.01 1.42 -12.95
N PHE E 87 7.32 2.37 -13.81
CA PHE E 87 8.27 3.41 -13.48
C PHE E 87 7.57 4.48 -12.67
N CYS E 88 8.13 4.76 -11.48
CA CYS E 88 7.62 5.75 -10.57
C CYS E 88 8.65 6.86 -10.32
N ALA E 89 8.17 8.08 -10.14
CA ALA E 89 9.05 9.19 -9.88
C ALA E 89 8.77 9.77 -8.48
N LYS E 90 9.76 10.37 -7.84
CA LYS E 90 9.53 11.00 -6.56
C LYS E 90 8.53 12.13 -6.74
N THR E 91 7.76 12.43 -5.71
CA THR E 91 6.79 13.49 -5.76
C THR E 91 7.43 14.78 -5.25
N ALA E 92 8.51 14.67 -4.51
CA ALA E 92 9.20 15.84 -3.97
C ALA E 92 10.60 15.39 -3.54
N ILE E 93 11.44 16.34 -3.21
CA ILE E 93 12.79 16.05 -2.89
C ILE E 93 13.23 17.11 -1.87
N ASP E 94 13.90 16.64 -0.82
CA ASP E 94 14.35 17.53 0.25
C ASP E 94 15.80 17.21 0.62
N GLU E 95 16.26 17.91 1.65
CA GLU E 95 17.62 17.78 2.15
C GLU E 95 17.90 16.36 2.67
N ALA E 96 16.99 15.79 3.45
CA ALA E 96 17.21 14.43 4.00
C ALA E 96 17.51 13.42 2.88
N TYR E 97 16.87 13.60 1.71
CA TYR E 97 17.09 12.69 0.58
C TYR E 97 18.49 12.93 -0.02
N LEU E 98 18.87 14.20 -0.17
CA LEU E 98 20.20 14.50 -0.72
C LEU E 98 21.29 14.01 0.24
N LEU E 99 21.00 13.96 1.54
CA LEU E 99 22.01 13.48 2.53
C LEU E 99 22.11 11.94 2.49
N ASP E 100 20.99 11.27 2.31
CA ASP E 100 21.01 9.79 2.22
C ASP E 100 21.74 9.40 0.94
N LEU E 101 21.57 10.21 -0.09
CA LEU E 101 22.21 9.97 -1.38
C LEU E 101 23.72 10.21 -1.28
N LEU E 102 24.09 11.33 -0.66
CA LEU E 102 25.49 11.70 -0.48
C LEU E 102 26.24 10.57 0.23
N GLU E 103 25.56 10.01 1.22
CA GLU E 103 26.04 8.95 2.08
C GLU E 103 26.19 7.64 1.29
N SER E 104 25.29 7.36 0.35
CA SER E 104 25.42 6.11 -0.40
C SER E 104 26.60 6.23 -1.37
N GLU E 105 26.81 7.45 -1.89
CA GLU E 105 27.90 7.70 -2.82
C GLU E 105 29.23 7.56 -2.06
N ASP E 106 29.28 8.14 -0.86
CA ASP E 106 30.48 8.12 -0.03
C ASP E 106 30.90 6.68 0.28
N LYS E 107 29.94 5.85 0.68
CA LYS E 107 30.22 4.45 1.02
C LYS E 107 30.55 3.65 -0.25
N ASP E 108 30.18 4.19 -1.42
CA ASP E 108 30.50 3.54 -2.69
C ASP E 108 31.88 4.01 -3.17
N GLY E 109 32.57 4.82 -2.35
CA GLY E 109 33.93 5.29 -2.66
C GLY E 109 33.98 6.30 -3.80
N ARG E 110 33.01 7.21 -3.84
CA ARG E 110 32.95 8.22 -4.89
C ARG E 110 33.84 9.43 -4.56
N PHE E 111 34.13 9.70 -3.29
CA PHE E 111 34.91 10.89 -2.93
C PHE E 111 36.26 10.50 -2.34
N ALA E 112 37.25 11.34 -2.59
CA ALA E 112 38.58 11.10 -2.08
C ALA E 112 38.74 11.73 -0.69
N ASP E 113 37.98 12.79 -0.43
CA ASP E 113 38.06 13.47 0.86
C ASP E 113 36.78 14.24 1.14
N VAL E 114 36.68 14.73 2.37
CA VAL E 114 35.52 15.48 2.85
C VAL E 114 35.27 16.69 1.92
N GLU E 115 36.34 17.22 1.32
CA GLU E 115 36.24 18.40 0.45
C GLU E 115 35.41 18.10 -0.80
N ALA E 116 35.78 17.06 -1.54
CA ALA E 116 35.03 16.72 -2.76
C ALA E 116 33.59 16.35 -2.39
N LYS E 117 33.44 15.66 -1.25
CA LYS E 117 32.12 15.24 -0.78
C LYS E 117 31.24 16.48 -0.54
N ASN E 118 31.70 17.41 0.29
CA ASN E 118 30.93 18.64 0.58
C ASN E 118 30.70 19.41 -0.73
N GLY E 119 31.64 19.28 -1.66
CA GLY E 119 31.53 19.96 -2.96
C GLY E 119 30.38 19.42 -3.79
N MET E 120 30.28 18.09 -3.82
CA MET E 120 29.22 17.40 -4.56
C MET E 120 27.86 17.78 -3.96
N HIS E 121 27.78 17.86 -2.64
CA HIS E 121 26.53 18.20 -1.97
C HIS E 121 26.15 19.66 -2.29
N ALA E 122 27.12 20.56 -2.21
CA ALA E 122 26.89 21.96 -2.53
C ALA E 122 26.40 22.06 -3.98
N GLY E 123 27.16 21.44 -4.89
CA GLY E 123 26.83 21.44 -6.31
C GLY E 123 25.44 20.88 -6.57
N ARG E 124 25.11 19.75 -5.94
CA ARG E 124 23.79 19.13 -6.15
C ARG E 124 22.67 19.94 -5.48
N SER E 125 22.92 20.49 -4.30
CA SER E 125 21.90 21.31 -3.63
C SER E 125 21.54 22.51 -4.52
N PHE E 126 22.51 22.96 -5.32
CA PHE E 126 22.28 24.08 -6.21
C PHE E 126 21.18 23.75 -7.23
N PHE E 127 21.39 22.68 -8.01
CA PHE E 127 20.42 22.27 -9.01
C PHE E 127 19.06 21.99 -8.38
N VAL E 128 19.04 21.17 -7.33
CA VAL E 128 17.80 20.78 -6.69
C VAL E 128 16.99 22.01 -6.23
N ASN E 129 17.58 22.89 -5.43
CA ASN E 129 16.87 24.09 -4.93
C ASN E 129 16.44 24.97 -6.09
N MET E 130 17.27 25.03 -7.13
CA MET E 130 16.94 25.84 -8.29
C MET E 130 15.67 25.27 -8.94
N HIS E 131 15.56 23.96 -9.04
CA HIS E 131 14.34 23.35 -9.62
C HIS E 131 13.16 23.49 -8.66
N ARG E 132 13.43 23.35 -7.36
CA ARG E 132 12.34 23.44 -6.40
C ARG E 132 11.81 24.87 -6.25
N PHE E 133 12.66 25.91 -6.23
CA PHE E 133 12.14 27.24 -5.89
C PHE E 133 12.31 28.31 -6.97
N ASP E 134 13.17 28.13 -7.98
CA ASP E 134 13.29 29.20 -8.99
C ASP E 134 12.47 28.82 -10.21
N LEU E 135 12.61 27.59 -10.68
CA LEU E 135 11.83 27.13 -11.83
C LEU E 135 10.51 26.52 -11.32
N LYS E 136 10.48 26.11 -10.06
CA LYS E 136 9.27 25.53 -9.43
C LYS E 136 8.74 24.37 -10.30
N ASP E 137 9.61 23.47 -10.67
CA ASP E 137 9.27 22.38 -11.56
C ASP E 137 10.02 21.11 -11.16
N ALA E 138 10.33 20.98 -9.87
CA ALA E 138 11.09 19.81 -9.38
C ALA E 138 10.43 18.47 -9.80
N HIS E 139 9.11 18.36 -9.71
CA HIS E 139 8.43 17.09 -10.07
C HIS E 139 8.62 16.77 -11.55
N HIS E 140 8.48 17.77 -12.42
CA HIS E 140 8.69 17.53 -13.84
C HIS E 140 10.15 17.18 -14.12
N TRP E 141 11.07 17.83 -13.40
CA TRP E 141 12.49 17.58 -13.56
C TRP E 141 12.82 16.13 -13.16
N MET E 142 12.26 15.66 -12.07
CA MET E 142 12.51 14.29 -11.64
C MET E 142 11.84 13.29 -12.61
N GLU E 143 10.63 13.56 -13.07
CA GLU E 143 9.99 12.66 -14.01
C GLU E 143 10.81 12.55 -15.29
N LYS E 144 11.48 13.64 -15.68
CA LYS E 144 12.28 13.61 -16.91
C LYS E 144 13.42 12.60 -16.77
N GLN E 145 13.99 12.48 -15.57
CA GLN E 145 15.07 11.53 -15.35
C GLN E 145 14.48 10.11 -15.49
N VAL E 146 13.25 9.96 -15.00
CA VAL E 146 12.57 8.69 -15.09
C VAL E 146 12.36 8.34 -16.56
N TYR E 147 11.87 9.29 -17.34
CA TYR E 147 11.68 9.04 -18.79
C TYR E 147 13.01 8.68 -19.44
N LEU E 148 14.11 9.26 -18.96
CA LEU E 148 15.45 8.94 -19.54
C LEU E 148 15.72 7.44 -19.34
N ASN E 149 15.38 6.98 -18.15
CA ASN E 149 15.54 5.60 -17.74
C ASN E 149 14.66 4.72 -18.65
N VAL E 150 13.42 5.14 -18.88
CA VAL E 150 12.52 4.36 -19.75
C VAL E 150 13.20 4.15 -21.11
N GLY E 151 13.83 5.20 -21.64
CA GLY E 151 14.50 5.10 -22.94
C GLY E 151 15.60 4.04 -22.92
N THR E 152 16.36 4.00 -21.83
CA THR E 152 17.43 2.99 -21.72
C THR E 152 16.80 1.59 -21.73
N LEU E 153 15.66 1.41 -21.06
CA LEU E 153 15.00 0.09 -21.05
C LEU E 153 14.45 -0.28 -22.44
N LEU E 154 13.81 0.66 -23.15
CA LEU E 154 13.24 0.31 -24.47
C LEU E 154 14.34 -0.17 -25.42
N LEU E 155 15.50 0.50 -25.41
CA LEU E 155 16.56 0.10 -26.33
C LEU E 155 17.24 -1.17 -25.81
N GLY E 156 17.50 -1.22 -24.52
CA GLY E 156 18.09 -2.41 -23.92
C GLY E 156 17.23 -3.65 -24.15
N ALA E 157 15.91 -3.48 -23.97
CA ALA E 157 14.96 -4.58 -24.18
C ALA E 157 15.14 -5.13 -25.60
N SER E 158 15.15 -4.22 -26.56
CA SER E 158 15.29 -4.62 -27.94
C SER E 158 16.60 -5.37 -28.18
N ALA E 159 17.70 -4.88 -27.63
CA ALA E 159 18.99 -5.54 -27.82
C ALA E 159 18.95 -6.97 -27.27
N MET E 160 18.14 -7.19 -26.23
CA MET E 160 18.00 -8.52 -25.59
C MET E 160 16.91 -9.35 -26.28
N GLU E 161 16.35 -8.88 -27.38
CA GLU E 161 15.33 -9.62 -28.06
C GLU E 161 14.11 -9.79 -27.14
N ILE E 162 13.72 -8.70 -26.50
CA ILE E 162 12.55 -8.66 -25.61
C ILE E 162 11.55 -7.66 -26.22
N ASP E 163 10.29 -8.04 -26.26
CA ASP E 163 9.31 -7.14 -26.79
C ASP E 163 8.85 -6.24 -25.63
N ALA E 164 8.60 -4.97 -25.92
CA ALA E 164 8.16 -4.03 -24.90
C ALA E 164 7.22 -2.99 -25.50
N VAL E 165 6.57 -2.24 -24.63
CA VAL E 165 5.72 -1.14 -25.04
C VAL E 165 5.59 -0.18 -23.87
N PRO E 166 5.95 1.10 -24.09
CA PRO E 166 5.83 2.18 -23.12
C PRO E 166 4.36 2.59 -23.09
N ILE E 167 3.80 2.76 -21.91
CA ILE E 167 2.39 3.10 -21.77
C ILE E 167 2.21 4.30 -20.83
N GLU E 168 1.51 5.30 -21.35
CA GLU E 168 1.12 6.48 -20.59
C GLU E 168 -0.40 6.42 -20.37
N GLY E 169 -1.08 5.60 -21.16
CA GLY E 169 -2.53 5.46 -21.11
C GLY E 169 -3.00 4.61 -19.94
N PHE E 170 -2.93 5.20 -18.74
CA PHE E 170 -3.38 4.53 -17.52
C PHE E 170 -3.80 5.59 -16.51
N ASP E 171 -4.58 5.19 -15.52
CA ASP E 171 -5.04 6.11 -14.48
C ASP E 171 -4.04 6.03 -13.33
N ALA E 172 -3.14 6.99 -13.24
CA ALA E 172 -2.09 7.03 -12.22
C ALA E 172 -2.69 7.17 -10.81
N LYS E 173 -3.84 7.81 -10.68
CA LYS E 173 -4.45 7.91 -9.34
C LYS E 173 -4.86 6.52 -8.86
N VAL E 174 -5.46 5.73 -9.74
CA VAL E 174 -5.87 4.38 -9.40
C VAL E 174 -4.62 3.53 -9.14
N LEU E 175 -3.58 3.63 -9.98
CA LEU E 175 -2.39 2.77 -9.79
C LEU E 175 -1.63 3.19 -8.52
N ASP E 176 -1.56 4.49 -8.27
CA ASP E 176 -0.87 5.01 -7.09
C ASP E 176 -1.56 4.48 -5.82
N GLU E 177 -2.89 4.59 -5.75
CA GLU E 177 -3.65 4.14 -4.58
C GLU E 177 -3.52 2.62 -4.41
N GLU E 178 -3.53 1.88 -5.52
CA GLU E 178 -3.46 0.43 -5.42
C GLU E 178 -2.15 0.02 -4.72
N PHE E 179 -1.09 0.79 -4.91
CA PHE E 179 0.22 0.45 -4.35
C PHE E 179 0.64 1.38 -3.21
N GLY E 180 -0.24 2.31 -2.78
CA GLY E 180 0.10 3.27 -1.70
C GLY E 180 1.34 4.09 -2.02
N LEU E 181 1.52 4.47 -3.30
CA LEU E 181 2.77 5.19 -3.69
C LEU E 181 2.84 6.63 -3.17
N ARG E 182 1.76 7.37 -3.16
CA ARG E 182 1.81 8.77 -2.77
C ARG E 182 2.31 8.90 -1.33
N GLU E 183 1.78 8.06 -0.45
N GLU E 183 1.77 8.09 -0.42
CA GLU E 183 2.15 8.06 0.95
CA GLU E 183 2.19 8.14 0.98
C GLU E 183 3.65 7.76 1.09
C GLU E 183 3.68 7.80 1.08
N LYS E 184 4.22 7.07 0.09
CA LYS E 184 5.64 6.69 0.11
C LYS E 184 6.48 7.71 -0.67
N GLY E 185 5.86 8.80 -1.13
CA GLY E 185 6.60 9.82 -1.86
C GLY E 185 6.82 9.48 -3.33
N PHE E 186 6.03 8.58 -3.90
CA PHE E 186 6.23 8.26 -5.32
C PHE E 186 4.91 8.35 -6.10
N THR E 187 5.04 8.42 -7.43
CA THR E 187 3.88 8.47 -8.31
C THR E 187 4.22 7.73 -9.62
N SER E 188 3.28 6.92 -10.12
CA SER E 188 3.49 6.15 -11.35
C SER E 188 3.42 7.07 -12.57
N VAL E 189 4.37 6.92 -13.51
CA VAL E 189 4.39 7.79 -14.70
C VAL E 189 4.38 6.97 -16.00
N VAL E 190 5.14 5.88 -16.09
CA VAL E 190 5.13 5.07 -17.31
C VAL E 190 5.09 3.58 -16.95
N ILE E 191 4.26 2.83 -17.68
CA ILE E 191 4.18 1.41 -17.50
C ILE E 191 4.83 0.77 -18.72
N VAL E 192 5.71 -0.20 -18.51
CA VAL E 192 6.38 -0.85 -19.63
C VAL E 192 6.23 -2.36 -19.49
N PRO E 193 5.30 -2.96 -20.23
CA PRO E 193 5.10 -4.40 -20.24
C PRO E 193 6.22 -5.03 -21.07
N LEU E 194 6.77 -6.17 -20.64
CA LEU E 194 7.86 -6.87 -21.35
C LEU E 194 7.45 -8.32 -21.59
N GLY E 195 7.89 -8.88 -22.72
CA GLY E 195 7.61 -10.27 -23.06
C GLY E 195 7.89 -10.55 -24.52
N TYR E 196 7.02 -11.33 -25.13
CA TYR E 196 7.17 -11.69 -26.54
C TYR E 196 5.85 -11.41 -27.24
N HIS E 197 5.95 -10.83 -28.43
CA HIS E 197 4.75 -10.50 -29.18
C HIS E 197 4.11 -11.78 -29.72
N SER E 198 2.78 -11.78 -29.73
CA SER E 198 2.03 -12.88 -30.29
C SER E 198 2.20 -12.83 -31.82
N GLU E 199 2.11 -13.97 -32.48
CA GLU E 199 2.28 -14.04 -33.93
C GLU E 199 1.20 -13.22 -34.65
N ASP E 200 0.12 -12.83 -33.96
CA ASP E 200 -0.94 -12.05 -34.62
C ASP E 200 -0.85 -10.56 -34.24
N ASP E 201 0.27 -10.10 -33.68
CA ASP E 201 0.43 -8.68 -33.36
C ASP E 201 0.54 -7.95 -34.70
N PHE E 202 -0.49 -7.16 -35.03
CA PHE E 202 -0.56 -6.42 -36.31
C PHE E 202 0.57 -5.39 -36.41
N ASN E 203 0.95 -4.78 -35.28
CA ASN E 203 1.96 -3.71 -35.28
C ASN E 203 3.35 -4.30 -35.58
N ALA E 204 3.55 -5.59 -35.34
CA ALA E 204 4.85 -6.21 -35.64
C ALA E 204 5.11 -6.27 -37.16
N LYS E 205 4.05 -6.23 -37.96
CA LYS E 205 4.15 -6.34 -39.43
C LYS E 205 4.16 -4.97 -40.12
N LEU E 206 3.91 -3.88 -39.39
CA LEU E 206 3.89 -2.55 -40.00
C LEU E 206 5.28 -1.90 -39.94
N PRO E 207 5.60 -1.10 -40.95
CA PRO E 207 6.88 -0.43 -40.95
C PRO E 207 6.89 0.71 -39.91
N LYS E 208 8.09 1.06 -39.46
CA LYS E 208 8.29 2.11 -38.48
C LYS E 208 8.27 3.46 -39.21
N SER E 209 7.58 4.45 -38.64
CA SER E 209 7.45 5.78 -39.24
C SER E 209 8.05 6.87 -38.34
N ARG E 210 8.91 7.70 -38.95
CA ARG E 210 9.58 8.80 -38.27
C ARG E 210 9.88 9.94 -39.27
N TRP E 211 10.02 11.14 -38.74
CA TRP E 211 10.39 12.25 -39.60
C TRP E 211 11.71 11.88 -40.29
N SER E 212 12.04 12.54 -41.39
CA SER E 212 13.27 12.26 -42.12
C SER E 212 14.46 12.87 -41.40
N ALA E 213 15.66 12.44 -41.77
CA ALA E 213 16.89 12.98 -41.18
C ALA E 213 16.99 14.48 -41.50
N GLU E 214 16.59 14.86 -42.70
CA GLU E 214 16.65 16.25 -43.15
C GLU E 214 15.79 17.13 -42.21
N THR E 215 14.63 16.62 -41.80
CA THR E 215 13.74 17.41 -40.94
C THR E 215 14.27 17.52 -39.50
N VAL E 216 14.80 16.43 -38.96
CA VAL E 216 15.17 16.45 -37.53
C VAL E 216 16.63 16.84 -37.29
N PHE E 217 17.51 16.96 -38.28
CA PHE E 217 18.88 17.28 -37.94
C PHE E 217 19.39 18.59 -38.56
N THR E 218 20.18 19.28 -37.74
CA THR E 218 20.88 20.48 -38.10
C THR E 218 22.36 20.20 -37.81
N GLU E 219 23.08 19.77 -38.85
CA GLU E 219 24.50 19.44 -38.72
C GLU E 219 25.31 20.72 -38.91
N ILE E 220 26.24 20.97 -38.00
CA ILE E 220 27.08 22.15 -38.05
C ILE E 220 28.54 21.73 -37.79
N ALA F 3 22.06 -8.77 -23.87
CA ALA F 3 21.90 -9.27 -22.46
C ALA F 3 23.17 -8.96 -21.67
N MET F 4 24.26 -9.69 -21.97
CA MET F 4 25.52 -9.47 -21.29
C MET F 4 26.10 -8.12 -21.76
N THR F 5 26.14 -7.90 -23.07
CA THR F 5 26.65 -6.65 -23.62
C THR F 5 25.88 -5.46 -23.06
N ILE F 6 24.54 -5.53 -23.15
CA ILE F 6 23.66 -4.42 -22.70
C ILE F 6 23.86 -4.09 -21.22
N VAL F 7 23.95 -5.10 -20.35
CA VAL F 7 24.16 -4.86 -18.92
C VAL F 7 25.53 -4.18 -18.72
N GLN F 8 26.57 -4.74 -19.34
CA GLN F 8 27.94 -4.20 -19.21
C GLN F 8 28.03 -2.80 -19.83
N ALA F 9 27.16 -2.51 -20.80
CA ALA F 9 27.14 -1.19 -21.40
C ALA F 9 26.64 -0.17 -20.37
N ALA F 10 25.64 -0.58 -19.59
CA ALA F 10 25.05 0.27 -18.53
C ALA F 10 26.01 0.42 -17.33
N GLN F 11 26.87 -0.58 -17.12
CA GLN F 11 27.81 -0.57 -15.98
C GLN F 11 29.14 0.11 -16.32
N SER F 12 29.62 -0.04 -17.56
CA SER F 12 30.93 0.54 -17.96
C SER F 12 30.79 2.01 -18.38
N ARG F 13 29.60 2.43 -18.82
CA ARG F 13 29.43 3.84 -19.22
C ARG F 13 29.54 4.72 -17.98
N TYR F 14 29.79 6.01 -18.18
CA TYR F 14 29.89 6.98 -17.08
C TYR F 14 29.89 8.39 -17.69
N SER F 15 29.74 9.40 -16.85
CA SER F 15 29.76 10.79 -17.31
C SER F 15 31.21 11.29 -17.43
N THR F 16 31.69 11.37 -18.68
CA THR F 16 33.06 11.83 -18.99
C THR F 16 33.17 13.33 -18.66
N LYS F 17 34.23 13.69 -17.92
CA LYS F 17 34.45 15.09 -17.51
C LYS F 17 35.51 15.75 -18.40
N ALA F 18 36.17 14.96 -19.25
CA ALA F 18 37.19 15.47 -20.17
C ALA F 18 37.40 14.45 -21.30
N PHE F 19 37.24 14.91 -22.54
CA PHE F 19 37.43 14.06 -23.71
C PHE F 19 38.79 14.33 -24.34
N ASP F 20 39.17 13.44 -25.26
CA ASP F 20 40.41 13.53 -26.01
C ASP F 20 40.10 14.30 -27.30
N ALA F 21 40.62 15.53 -27.42
CA ALA F 21 40.36 16.40 -28.57
C ALA F 21 40.95 15.85 -29.87
N SER F 22 41.89 14.91 -29.81
CA SER F 22 42.50 14.37 -31.04
C SER F 22 41.72 13.16 -31.58
N ARG F 23 40.77 12.65 -30.81
CA ARG F 23 39.97 11.47 -31.17
C ARG F 23 38.59 11.86 -31.70
N LYS F 24 38.23 11.29 -32.84
CA LYS F 24 36.94 11.55 -33.48
C LYS F 24 36.24 10.21 -33.75
N LEU F 25 34.93 10.26 -33.80
CA LEU F 25 34.17 9.07 -34.05
C LEU F 25 34.25 8.74 -35.55
N PRO F 26 34.37 7.44 -35.88
CA PRO F 26 34.36 7.03 -37.28
C PRO F 26 32.95 7.38 -37.80
N GLU F 27 32.84 7.74 -39.08
CA GLU F 27 31.53 8.19 -39.60
C GLU F 27 30.46 7.10 -39.53
N GLU F 28 30.82 5.82 -39.52
CA GLU F 28 29.80 4.77 -39.45
C GLU F 28 29.08 4.82 -38.10
N LYS F 29 29.80 5.25 -37.05
CA LYS F 29 29.20 5.34 -35.72
C LYS F 29 28.40 6.64 -35.62
N VAL F 30 28.81 7.68 -36.32
CA VAL F 30 28.07 8.95 -36.31
C VAL F 30 26.71 8.69 -36.96
N ALA F 31 26.73 7.90 -38.03
CA ALA F 31 25.52 7.57 -38.74
C ALA F 31 24.61 6.73 -37.83
N ALA F 32 25.22 5.84 -37.04
CA ALA F 32 24.46 4.99 -36.13
C ALA F 32 23.84 5.84 -35.02
N VAL F 33 24.57 6.83 -34.54
CA VAL F 33 24.07 7.72 -33.49
C VAL F 33 22.84 8.48 -34.00
N LYS F 34 22.91 8.97 -35.22
CA LYS F 34 21.79 9.75 -35.80
C LYS F 34 20.57 8.85 -36.06
N GLU F 35 20.79 7.64 -36.57
CA GLU F 35 19.70 6.71 -36.85
C GLU F 35 19.05 6.28 -35.53
N LEU F 36 19.86 6.12 -34.51
CA LEU F 36 19.39 5.70 -33.21
C LEU F 36 18.43 6.73 -32.59
N ILE F 37 18.82 8.01 -32.58
CA ILE F 37 17.97 9.02 -31.92
C ILE F 37 16.78 9.38 -32.81
N ARG F 38 16.88 9.17 -34.11
CA ARG F 38 15.75 9.50 -34.98
C ARG F 38 14.66 8.43 -34.85
N MET F 39 15.05 7.19 -34.57
CA MET F 39 14.13 6.03 -34.47
C MET F 39 13.57 5.87 -33.05
N SER F 40 13.94 6.74 -32.13
CA SER F 40 13.44 6.64 -30.77
C SER F 40 11.90 6.65 -30.72
N ALA F 41 11.38 5.90 -29.74
CA ALA F 41 9.97 5.90 -29.46
C ALA F 41 9.62 7.26 -28.83
N SER F 42 8.32 7.55 -28.77
CA SER F 42 7.79 8.74 -28.14
C SER F 42 6.28 8.53 -27.95
N SER F 43 5.70 9.10 -26.91
CA SER F 43 4.25 8.95 -26.73
C SER F 43 3.56 9.36 -28.04
N VAL F 44 2.65 8.51 -28.50
CA VAL F 44 1.85 8.65 -29.73
C VAL F 44 2.71 9.07 -30.95
N ASN F 45 3.96 8.63 -31.01
CA ASN F 45 4.85 8.94 -32.13
C ASN F 45 4.92 10.47 -32.35
N SER F 46 4.77 11.23 -31.28
CA SER F 46 4.79 12.70 -31.34
C SER F 46 6.15 13.25 -31.82
N GLN F 47 7.24 12.52 -31.59
CA GLN F 47 8.58 12.91 -32.00
C GLN F 47 8.74 14.43 -31.85
N PRO F 48 8.52 14.98 -30.66
CA PRO F 48 8.56 16.45 -30.51
C PRO F 48 9.97 16.99 -30.30
N TRP F 49 10.86 16.75 -31.27
CA TRP F 49 12.22 17.10 -31.11
C TRP F 49 12.90 17.54 -32.41
N HIS F 50 14.11 18.06 -32.20
CA HIS F 50 15.06 18.48 -33.22
C HIS F 50 16.45 18.28 -32.61
N PHE F 51 17.44 17.91 -33.39
CA PHE F 51 18.75 17.66 -32.81
C PHE F 51 19.85 18.42 -33.54
N ILE F 52 20.63 19.19 -32.78
CA ILE F 52 21.77 19.86 -33.38
C ILE F 52 22.97 18.92 -33.17
N VAL F 53 23.67 18.61 -34.23
CA VAL F 53 24.86 17.76 -34.15
C VAL F 53 26.05 18.60 -34.59
N ALA F 54 26.94 18.92 -33.64
CA ALA F 54 28.10 19.73 -33.92
C ALA F 54 29.36 18.88 -33.90
N SER F 55 30.17 19.02 -34.95
CA SER F 55 31.43 18.29 -35.06
C SER F 55 32.58 19.27 -35.32
N SER F 56 32.30 20.45 -35.89
CA SER F 56 33.35 21.45 -36.18
C SER F 56 33.72 22.18 -34.87
N GLU F 57 34.88 22.85 -34.87
CA GLU F 57 35.37 23.55 -33.67
C GLU F 57 34.48 24.76 -33.33
N GLU F 58 33.98 25.49 -34.31
CA GLU F 58 33.14 26.67 -34.01
C GLU F 58 31.76 26.19 -33.52
N GLY F 59 31.15 25.28 -34.27
CA GLY F 59 29.83 24.74 -33.90
C GLY F 59 29.78 24.43 -32.41
N LYS F 60 30.81 23.74 -31.94
CA LYS F 60 30.91 23.38 -30.53
C LYS F 60 31.14 24.65 -29.70
N ALA F 61 31.96 25.55 -30.21
CA ALA F 61 32.25 26.80 -29.51
C ALA F 61 30.96 27.61 -29.31
N ARG F 62 30.08 27.62 -30.31
CA ARG F 62 28.79 28.33 -30.21
C ARG F 62 27.94 27.69 -29.10
N ILE F 63 27.98 26.36 -29.03
CA ILE F 63 27.26 25.64 -28.00
C ILE F 63 27.91 25.96 -26.65
N ALA F 64 29.25 26.00 -26.64
CA ALA F 64 30.05 26.29 -25.42
C ALA F 64 29.67 27.66 -24.82
N LYS F 65 29.20 28.60 -25.64
CA LYS F 65 28.78 29.90 -25.14
C LYS F 65 27.72 29.71 -24.04
N ALA F 66 26.95 28.63 -24.16
CA ALA F 66 25.90 28.32 -23.20
C ALA F 66 26.48 27.83 -21.87
N THR F 67 27.76 27.48 -21.83
CA THR F 67 28.38 26.99 -20.59
C THR F 67 29.48 27.96 -20.15
N GLN F 68 29.08 29.14 -19.72
CA GLN F 68 30.01 30.15 -19.24
C GLN F 68 29.56 30.59 -17.85
N GLY F 69 30.52 31.02 -17.02
CA GLY F 69 30.21 31.44 -15.66
C GLY F 69 30.01 30.23 -14.75
N GLY F 70 28.85 30.16 -14.10
CA GLY F 70 28.52 29.05 -13.20
C GLY F 70 28.50 27.71 -13.92
N PHE F 71 28.39 27.74 -15.25
CA PHE F 71 28.35 26.51 -16.04
C PHE F 71 29.65 26.31 -16.82
N ALA F 72 30.71 27.05 -16.47
CA ALA F 72 32.00 26.96 -17.17
C ALA F 72 32.64 25.57 -17.01
N PHE F 73 32.25 24.81 -15.99
CA PHE F 73 32.83 23.48 -15.77
C PHE F 73 32.38 22.49 -16.86
N ASN F 74 31.36 22.84 -17.65
CA ASN F 74 30.88 21.97 -18.74
C ASN F 74 31.49 22.39 -20.08
N GLU F 75 32.27 23.47 -20.09
CA GLU F 75 32.87 24.00 -21.33
C GLU F 75 33.82 22.96 -21.95
N ARG F 76 34.84 22.56 -21.20
CA ARG F 76 35.81 21.58 -21.69
C ARG F 76 35.10 20.39 -22.35
N LYS F 77 34.08 19.80 -21.70
CA LYS F 77 33.42 18.61 -22.30
C LYS F 77 32.81 18.90 -23.68
N ILE F 78 32.31 20.11 -23.88
CA ILE F 78 31.66 20.46 -25.13
C ILE F 78 32.70 20.73 -26.23
N LEU F 79 33.79 21.42 -25.92
CA LEU F 79 34.81 21.80 -26.94
C LEU F 79 35.73 20.63 -27.34
N ASP F 80 36.08 19.75 -26.40
CA ASP F 80 37.05 18.68 -26.68
C ASP F 80 36.38 17.39 -27.19
N ALA F 81 35.05 17.30 -27.19
CA ALA F 81 34.37 16.09 -27.65
C ALA F 81 34.44 15.97 -29.18
N SER F 82 34.14 14.78 -29.69
CA SER F 82 34.14 14.54 -31.14
C SER F 82 32.86 15.11 -31.77
N HIS F 83 31.71 14.74 -31.22
CA HIS F 83 30.39 15.22 -31.69
C HIS F 83 29.54 15.62 -30.48
N VAL F 84 28.82 16.72 -30.62
CA VAL F 84 27.99 17.21 -29.54
C VAL F 84 26.55 17.28 -30.06
N VAL F 85 25.65 16.55 -29.39
CA VAL F 85 24.28 16.54 -29.80
C VAL F 85 23.45 17.40 -28.84
N VAL F 86 22.76 18.38 -29.38
CA VAL F 86 21.89 19.19 -28.57
C VAL F 86 20.47 18.69 -28.79
N PHE F 87 19.88 18.12 -27.75
CA PHE F 87 18.51 17.66 -27.81
C PHE F 87 17.60 18.87 -27.62
N CYS F 88 16.69 19.10 -28.57
CA CYS F 88 15.77 20.22 -28.50
C CYS F 88 14.33 19.67 -28.47
N ALA F 89 13.45 20.36 -27.75
CA ALA F 89 12.04 19.98 -27.64
C ALA F 89 11.15 21.03 -28.31
N LYS F 90 10.05 20.60 -28.89
CA LYS F 90 9.10 21.54 -29.44
C LYS F 90 8.61 22.41 -28.27
N THR F 91 8.30 23.66 -28.52
CA THR F 91 7.85 24.56 -27.46
C THR F 91 6.32 24.61 -27.39
N ALA F 92 5.68 24.08 -28.42
CA ALA F 92 4.23 24.05 -28.50
C ALA F 92 3.87 23.02 -29.57
N ILE F 93 2.64 22.54 -29.51
CA ILE F 93 2.17 21.53 -30.46
C ILE F 93 0.72 21.88 -30.82
N ASP F 94 0.41 21.86 -32.11
CA ASP F 94 -0.91 22.24 -32.60
C ASP F 94 -1.46 21.17 -33.55
N GLU F 95 -2.69 21.43 -33.97
CA GLU F 95 -3.46 20.55 -34.82
C GLU F 95 -2.77 20.31 -36.17
N ALA F 96 -2.12 21.32 -36.72
CA ALA F 96 -1.43 21.18 -38.02
C ALA F 96 -0.26 20.21 -37.91
N TYR F 97 0.45 20.22 -36.78
CA TYR F 97 1.57 19.30 -36.61
C TYR F 97 1.05 17.86 -36.52
N LEU F 98 -0.07 17.64 -35.82
CA LEU F 98 -0.62 16.29 -35.69
C LEU F 98 -1.05 15.75 -37.07
N LEU F 99 -1.66 16.58 -37.91
CA LEU F 99 -2.08 16.11 -39.23
C LEU F 99 -0.85 15.88 -40.13
N ASP F 100 0.19 16.69 -39.99
CA ASP F 100 1.44 16.51 -40.76
C ASP F 100 2.04 15.14 -40.43
N LEU F 101 2.09 14.84 -39.14
CA LEU F 101 2.60 13.60 -38.62
C LEU F 101 1.72 12.47 -39.17
N LEU F 102 0.42 12.65 -39.06
CA LEU F 102 -0.48 11.62 -39.53
C LEU F 102 -0.19 11.30 -41.00
N GLU F 103 0.05 12.34 -41.81
CA GLU F 103 0.29 12.12 -43.23
C GLU F 103 1.64 11.39 -43.44
N SER F 104 2.68 11.73 -42.66
CA SER F 104 3.97 11.05 -42.85
C SER F 104 3.80 9.55 -42.54
N GLU F 105 3.02 9.24 -41.50
CA GLU F 105 2.73 7.86 -41.13
C GLU F 105 1.99 7.18 -42.29
N ASP F 106 1.03 7.89 -42.87
CA ASP F 106 0.23 7.39 -43.97
C ASP F 106 1.15 7.04 -45.14
N LYS F 107 2.04 7.94 -45.52
CA LYS F 107 2.97 7.69 -46.63
C LYS F 107 3.92 6.52 -46.31
N ASP F 108 4.26 6.33 -45.04
CA ASP F 108 5.17 5.25 -44.66
C ASP F 108 4.45 3.90 -44.66
N GLY F 109 3.14 3.89 -44.94
CA GLY F 109 2.39 2.60 -45.01
C GLY F 109 1.94 2.07 -43.65
N ARG F 110 1.72 2.95 -42.69
CA ARG F 110 1.28 2.54 -41.35
C ARG F 110 -0.22 2.20 -41.30
N PHE F 111 -1.02 2.69 -42.24
CA PHE F 111 -2.46 2.48 -42.16
C PHE F 111 -2.98 1.69 -43.36
N ALA F 112 -3.42 0.46 -43.08
CA ALA F 112 -3.95 -0.43 -44.13
C ALA F 112 -5.28 0.13 -44.65
N ASP F 113 -5.98 0.93 -43.84
CA ASP F 113 -7.24 1.53 -44.24
C ASP F 113 -7.44 2.85 -43.49
N VAL F 114 -8.46 3.59 -43.90
CA VAL F 114 -8.74 4.90 -43.33
C VAL F 114 -9.19 4.74 -41.86
N GLU F 115 -9.77 3.60 -41.50
CA GLU F 115 -10.19 3.44 -40.10
C GLU F 115 -8.94 3.46 -39.20
N ALA F 116 -7.84 2.90 -39.69
CA ALA F 116 -6.61 2.88 -38.88
C ALA F 116 -6.04 4.31 -38.81
N LYS F 117 -6.08 5.01 -39.94
CA LYS F 117 -5.61 6.39 -40.00
C LYS F 117 -6.42 7.24 -39.01
N ASN F 118 -7.73 7.18 -39.12
CA ASN F 118 -8.61 7.94 -38.22
C ASN F 118 -8.38 7.50 -36.77
N GLY F 119 -8.16 6.20 -36.55
CA GLY F 119 -7.96 5.67 -35.19
C GLY F 119 -6.73 6.26 -34.50
N MET F 120 -5.63 6.31 -35.23
CA MET F 120 -4.37 6.82 -34.74
C MET F 120 -4.53 8.31 -34.43
N HIS F 121 -5.25 9.02 -35.30
CA HIS F 121 -5.44 10.43 -35.13
C HIS F 121 -6.28 10.70 -33.88
N ALA F 122 -7.37 9.96 -33.72
CA ALA F 122 -8.24 10.15 -32.56
C ALA F 122 -7.45 9.89 -31.27
N GLY F 123 -6.65 8.84 -31.26
CA GLY F 123 -5.88 8.50 -30.07
C GLY F 123 -4.83 9.54 -29.74
N ARG F 124 -4.11 9.98 -30.76
CA ARG F 124 -3.09 11.01 -30.57
C ARG F 124 -3.73 12.34 -30.12
N SER F 125 -4.81 12.75 -30.73
CA SER F 125 -5.46 14.00 -30.36
C SER F 125 -5.89 13.94 -28.89
N PHE F 126 -6.39 12.78 -28.47
CA PHE F 126 -6.84 12.69 -27.10
C PHE F 126 -5.71 13.01 -26.12
N PHE F 127 -4.56 12.37 -26.31
CA PHE F 127 -3.45 12.58 -25.42
C PHE F 127 -2.88 14.00 -25.55
N VAL F 128 -2.73 14.48 -26.79
CA VAL F 128 -2.17 15.80 -27.01
C VAL F 128 -3.09 16.85 -26.40
N ASN F 129 -4.40 16.74 -26.63
CA ASN F 129 -5.33 17.71 -26.09
C ASN F 129 -5.39 17.63 -24.56
N MET F 130 -5.27 16.46 -24.01
CA MET F 130 -5.31 16.32 -22.56
C MET F 130 -4.15 17.12 -21.97
N HIS F 131 -2.97 16.93 -22.53
CA HIS F 131 -1.77 17.61 -22.01
C HIS F 131 -1.82 19.12 -22.26
N ARG F 132 -2.34 19.54 -23.40
CA ARG F 132 -2.37 20.96 -23.70
C ARG F 132 -3.37 21.70 -22.82
N PHE F 133 -4.57 21.15 -22.61
CA PHE F 133 -5.64 21.91 -21.93
C PHE F 133 -6.13 21.34 -20.58
N ASP F 134 -5.92 20.06 -20.27
CA ASP F 134 -6.42 19.55 -18.99
C ASP F 134 -5.27 19.55 -17.99
N LEU F 135 -4.16 18.93 -18.32
CA LEU F 135 -3.00 18.93 -17.42
C LEU F 135 -2.21 20.22 -17.64
N LYS F 136 -2.37 20.86 -18.81
CA LYS F 136 -1.67 22.12 -19.09
C LYS F 136 -0.16 21.96 -18.86
N ASP F 137 0.39 20.83 -19.30
CA ASP F 137 1.80 20.55 -19.12
C ASP F 137 2.39 20.05 -20.44
N ALA F 138 1.83 20.47 -21.56
CA ALA F 138 2.26 19.98 -22.88
C ALA F 138 3.78 20.13 -23.08
N HIS F 139 4.34 21.26 -22.71
CA HIS F 139 5.78 21.47 -22.92
C HIS F 139 6.62 20.47 -22.11
N HIS F 140 6.24 20.21 -20.86
CA HIS F 140 6.98 19.25 -20.03
C HIS F 140 6.80 17.83 -20.59
N TRP F 141 5.59 17.55 -21.04
CA TRP F 141 5.28 16.26 -21.62
C TRP F 141 6.15 16.01 -22.85
N MET F 142 6.33 17.02 -23.68
CA MET F 142 7.15 16.85 -24.87
C MET F 142 8.63 16.71 -24.48
N GLU F 143 9.05 17.46 -23.47
CA GLU F 143 10.44 17.37 -23.03
C GLU F 143 10.72 15.96 -22.49
N LYS F 144 9.74 15.37 -21.81
CA LYS F 144 9.88 14.00 -21.27
C LYS F 144 10.14 13.01 -22.42
N GLN F 145 9.47 13.16 -23.55
CA GLN F 145 9.74 12.28 -24.70
C GLN F 145 11.20 12.50 -25.14
N VAL F 146 11.64 13.75 -25.11
CA VAL F 146 13.02 14.05 -25.52
C VAL F 146 14.02 13.38 -24.54
N TYR F 147 13.72 13.39 -23.24
CA TYR F 147 14.62 12.73 -22.27
C TYR F 147 14.68 11.23 -22.53
N LEU F 148 13.55 10.63 -22.92
CA LEU F 148 13.51 9.19 -23.24
C LEU F 148 14.52 8.91 -24.35
N ASN F 149 14.53 9.79 -25.35
CA ASN F 149 15.42 9.71 -26.50
C ASN F 149 16.86 9.79 -26.00
N VAL F 150 17.12 10.73 -25.09
CA VAL F 150 18.44 10.87 -24.51
C VAL F 150 18.86 9.53 -23.90
N GLY F 151 17.95 8.89 -23.17
CA GLY F 151 18.27 7.59 -22.55
C GLY F 151 18.69 6.56 -23.58
N THR F 152 17.98 6.53 -24.72
CA THR F 152 18.35 5.56 -25.76
C THR F 152 19.77 5.88 -26.26
N LEU F 153 20.11 7.16 -26.37
CA LEU F 153 21.48 7.49 -26.85
C LEU F 153 22.55 7.10 -25.83
N LEU F 154 22.31 7.35 -24.54
CA LEU F 154 23.33 7.02 -23.53
C LEU F 154 23.63 5.52 -23.54
N LEU F 155 22.60 4.69 -23.69
CA LEU F 155 22.84 3.26 -23.69
C LEU F 155 23.45 2.84 -25.03
N GLY F 156 22.95 3.44 -26.10
CA GLY F 156 23.42 3.12 -27.44
C GLY F 156 24.90 3.42 -27.62
N ALA F 157 25.32 4.58 -27.13
CA ALA F 157 26.70 5.01 -27.21
C ALA F 157 27.60 4.06 -26.41
N SER F 158 27.12 3.63 -25.25
CA SER F 158 27.90 2.73 -24.42
C SER F 158 28.08 1.39 -25.14
N ALA F 159 27.01 0.91 -25.78
CA ALA F 159 27.05 -0.36 -26.52
C ALA F 159 28.04 -0.27 -27.68
N MET F 160 28.21 0.94 -28.22
CA MET F 160 29.13 1.17 -29.34
C MET F 160 30.52 1.58 -28.82
N GLU F 161 30.74 1.49 -27.51
CA GLU F 161 32.03 1.84 -26.91
C GLU F 161 32.35 3.32 -27.18
N ILE F 162 31.36 4.17 -26.95
CA ILE F 162 31.49 5.62 -27.12
C ILE F 162 31.27 6.26 -25.74
N ASP F 163 32.07 7.25 -25.39
CA ASP F 163 31.88 7.91 -24.10
C ASP F 163 30.89 9.07 -24.29
N ALA F 164 30.01 9.27 -23.32
CA ALA F 164 29.00 10.31 -23.43
C ALA F 164 28.48 10.74 -22.05
N VAL F 165 28.32 12.06 -21.92
CA VAL F 165 27.83 12.69 -20.68
C VAL F 165 26.61 13.55 -21.02
N PRO F 166 25.49 13.34 -20.32
CA PRO F 166 24.32 14.21 -20.54
C PRO F 166 24.57 15.51 -19.77
N ILE F 167 24.24 16.66 -20.35
CA ILE F 167 24.48 17.91 -19.65
C ILE F 167 23.19 18.72 -19.56
N GLU F 168 22.88 19.18 -18.35
CA GLU F 168 21.73 20.07 -18.05
C GLU F 168 22.26 21.45 -17.65
N GLY F 169 23.52 21.47 -17.22
CA GLY F 169 24.18 22.71 -16.77
C GLY F 169 24.64 23.58 -17.92
N PHE F 170 23.68 24.29 -18.52
CA PHE F 170 23.93 25.19 -19.62
C PHE F 170 22.83 26.25 -19.60
N ASP F 171 23.10 27.41 -20.20
CA ASP F 171 22.09 28.47 -20.27
C ASP F 171 21.27 28.27 -21.54
N ALA F 172 20.07 27.74 -21.39
CA ALA F 172 19.19 27.45 -22.52
C ALA F 172 18.76 28.74 -23.22
N LYS F 173 18.71 29.85 -22.50
CA LYS F 173 18.34 31.11 -23.12
C LYS F 173 19.45 31.52 -24.10
N VAL F 174 20.68 31.44 -23.63
CA VAL F 174 21.85 31.79 -24.43
C VAL F 174 21.98 30.82 -25.61
N LEU F 175 21.73 29.53 -25.37
CA LEU F 175 21.88 28.52 -26.43
C LEU F 175 20.76 28.62 -27.47
N ASP F 176 19.53 28.88 -27.02
CA ASP F 176 18.40 28.97 -27.95
C ASP F 176 18.61 30.18 -28.87
N GLU F 177 18.96 31.33 -28.30
CA GLU F 177 19.17 32.57 -29.08
C GLU F 177 20.33 32.39 -30.08
N GLU F 178 21.36 31.68 -29.66
CA GLU F 178 22.52 31.45 -30.52
C GLU F 178 22.12 30.69 -31.81
N PHE F 179 21.04 29.91 -31.76
CA PHE F 179 20.60 29.15 -32.93
C PHE F 179 19.19 29.54 -33.37
N GLY F 180 18.61 30.60 -32.78
CA GLY F 180 17.24 31.03 -33.13
C GLY F 180 16.22 29.90 -33.03
N LEU F 181 16.29 29.12 -31.94
CA LEU F 181 15.38 27.97 -31.79
C LEU F 181 13.96 28.38 -31.39
N ARG F 182 13.83 29.37 -30.52
CA ARG F 182 12.51 29.79 -30.02
C ARG F 182 11.62 30.31 -31.15
N GLU F 183 12.20 31.04 -32.09
CA GLU F 183 11.44 31.56 -33.23
C GLU F 183 10.99 30.39 -34.12
N LYS F 184 11.82 29.33 -34.18
CA LYS F 184 11.50 28.13 -35.00
C LYS F 184 10.59 27.17 -34.22
N GLY F 185 10.31 27.44 -32.95
CA GLY F 185 9.41 26.58 -32.16
C GLY F 185 10.13 25.47 -31.40
N PHE F 186 11.40 25.64 -31.07
CA PHE F 186 12.15 24.63 -30.32
C PHE F 186 12.94 25.27 -29.19
N THR F 187 13.33 24.44 -28.21
CA THR F 187 14.14 24.88 -27.07
C THR F 187 15.13 23.77 -26.68
N SER F 188 16.36 24.15 -26.34
CA SER F 188 17.40 23.21 -25.96
C SER F 188 17.13 22.68 -24.55
N VAL F 189 17.27 21.36 -24.35
CA VAL F 189 16.98 20.76 -23.02
C VAL F 189 18.18 19.93 -22.51
N VAL F 190 18.84 19.16 -23.36
CA VAL F 190 19.98 18.39 -22.88
C VAL F 190 21.08 18.40 -23.95
N ILE F 191 22.32 18.59 -23.51
CA ILE F 191 23.46 18.56 -24.43
C ILE F 191 24.19 17.23 -24.18
N VAL F 192 24.52 16.49 -25.24
CA VAL F 192 25.24 15.24 -25.02
C VAL F 192 26.50 15.21 -25.89
N PRO F 193 27.64 15.59 -25.30
CA PRO F 193 28.89 15.49 -26.06
C PRO F 193 29.26 14.00 -26.16
N LEU F 194 29.72 13.59 -27.35
CA LEU F 194 30.13 12.21 -27.62
C LEU F 194 31.62 12.17 -28.00
N GLY F 195 32.30 11.08 -27.67
CA GLY F 195 33.72 10.97 -28.02
C GLY F 195 34.45 9.91 -27.20
N TYR F 196 35.74 10.15 -27.00
CA TYR F 196 36.61 9.27 -26.24
C TYR F 196 37.25 10.07 -25.11
N HIS F 197 37.16 9.53 -23.90
CA HIS F 197 37.70 10.21 -22.72
C HIS F 197 39.23 10.24 -22.77
N SER F 198 39.81 11.27 -22.15
CA SER F 198 41.25 11.41 -22.04
C SER F 198 41.70 10.78 -20.71
N GLU F 199 43.00 10.58 -20.51
CA GLU F 199 43.48 9.98 -19.25
C GLU F 199 43.49 11.06 -18.15
N ASP F 200 43.11 12.28 -18.53
CA ASP F 200 43.01 13.41 -17.57
C ASP F 200 41.65 13.32 -16.85
N ASP F 201 40.76 12.45 -17.35
CA ASP F 201 39.42 12.29 -16.77
C ASP F 201 39.48 11.49 -15.47
N PHE F 202 39.19 12.19 -14.38
CA PHE F 202 39.20 11.63 -13.02
C PHE F 202 38.02 10.68 -12.80
N ASN F 203 36.84 11.06 -13.31
CA ASN F 203 35.57 10.32 -13.11
C ASN F 203 35.63 8.93 -13.78
N ALA F 204 36.46 8.77 -14.80
CA ALA F 204 36.60 7.48 -15.47
C ALA F 204 37.11 6.41 -14.50
N LYS F 205 37.79 6.87 -13.45
CA LYS F 205 38.41 5.99 -12.43
C LYS F 205 37.44 5.71 -11.27
N LEU F 206 36.58 6.68 -10.92
CA LEU F 206 35.64 6.51 -9.80
C LEU F 206 34.64 5.39 -10.14
N PRO F 207 34.18 4.64 -9.12
CA PRO F 207 33.20 3.56 -9.31
C PRO F 207 31.79 4.17 -9.43
N LYS F 208 30.88 3.45 -10.06
CA LYS F 208 29.50 3.93 -10.26
C LYS F 208 28.67 3.71 -8.99
N SER F 209 27.98 4.75 -8.53
CA SER F 209 27.17 4.66 -7.28
C SER F 209 25.67 4.72 -7.57
N ARG F 210 24.92 3.77 -7.00
CA ARG F 210 23.48 3.74 -7.20
C ARG F 210 22.79 3.16 -5.96
N TRP F 211 21.49 3.43 -5.83
CA TRP F 211 20.71 2.83 -4.76
C TRP F 211 20.79 1.31 -4.96
N SER F 212 20.54 0.56 -3.89
CA SER F 212 20.56 -0.91 -4.00
C SER F 212 19.24 -1.41 -4.61
N ALA F 213 19.23 -2.66 -5.07
CA ALA F 213 18.02 -3.26 -5.64
C ALA F 213 16.90 -3.25 -4.59
N GLU F 214 17.29 -3.50 -3.34
CA GLU F 214 16.40 -3.51 -2.20
C GLU F 214 15.59 -2.22 -2.14
N THR F 215 16.28 -1.10 -2.33
CA THR F 215 15.69 0.22 -2.20
C THR F 215 14.79 0.58 -3.39
N VAL F 216 15.25 0.35 -4.62
CA VAL F 216 14.52 0.84 -5.82
C VAL F 216 13.50 -0.15 -6.38
N PHE F 217 13.46 -1.40 -5.91
CA PHE F 217 12.51 -2.32 -6.50
C PHE F 217 11.47 -2.85 -5.51
N THR F 218 10.27 -3.00 -6.04
CA THR F 218 9.16 -3.63 -5.37
C THR F 218 8.73 -4.75 -6.34
N GLU F 219 9.12 -5.99 -6.06
CA GLU F 219 8.78 -7.14 -6.92
C GLU F 219 7.45 -7.74 -6.48
N ILE F 220 6.54 -7.99 -7.41
CA ILE F 220 5.22 -8.54 -7.05
C ILE F 220 4.82 -9.62 -8.07
N MET G 4 -20.57 51.28 -9.50
CA MET G 4 -21.15 52.50 -8.86
C MET G 4 -20.00 53.38 -8.34
N THR G 5 -19.65 53.25 -7.06
CA THR G 5 -18.54 53.99 -6.45
C THR G 5 -17.30 53.07 -6.43
N ILE G 6 -17.53 51.76 -6.60
CA ILE G 6 -16.42 50.81 -6.61
C ILE G 6 -15.84 50.73 -8.03
N VAL G 7 -16.67 50.95 -9.06
CA VAL G 7 -16.19 50.96 -10.46
C VAL G 7 -15.31 52.22 -10.59
N GLN G 8 -15.70 53.26 -9.84
CA GLN G 8 -14.97 54.52 -9.75
C GLN G 8 -13.51 54.20 -9.39
N ALA G 9 -13.37 53.47 -8.29
CA ALA G 9 -12.08 53.03 -7.78
C ALA G 9 -11.34 52.20 -8.85
N ALA G 10 -12.08 51.46 -9.66
CA ALA G 10 -11.50 50.60 -10.72
C ALA G 10 -10.90 51.46 -11.86
N GLN G 11 -11.56 52.57 -12.20
CA GLN G 11 -11.10 53.44 -13.29
C GLN G 11 -10.11 54.49 -12.76
N SER G 12 -10.15 54.85 -11.47
CA SER G 12 -9.24 55.89 -10.95
C SER G 12 -7.88 55.28 -10.52
N ARG G 13 -7.87 54.00 -10.14
CA ARG G 13 -6.60 53.39 -9.75
C ARG G 13 -5.72 53.24 -10.98
N TYR G 14 -4.41 53.21 -10.77
CA TYR G 14 -3.45 53.06 -11.85
C TYR G 14 -2.11 52.61 -11.25
N SER G 15 -1.23 52.07 -12.08
CA SER G 15 0.08 51.62 -11.59
C SER G 15 0.97 52.83 -11.31
N THR G 16 1.13 53.16 -10.04
CA THR G 16 1.96 54.30 -9.58
C THR G 16 3.43 54.04 -9.92
N LYS G 17 4.05 55.00 -10.61
CA LYS G 17 5.47 54.89 -11.01
C LYS G 17 6.36 55.75 -10.10
N ALA G 18 5.74 56.52 -9.19
CA ALA G 18 6.51 57.37 -8.26
C ALA G 18 5.60 57.80 -7.11
N PHE G 19 6.07 57.59 -5.88
CA PHE G 19 5.30 57.94 -4.68
C PHE G 19 5.90 59.18 -4.02
N ASP G 20 5.09 59.78 -3.14
CA ASP G 20 5.46 60.93 -2.36
C ASP G 20 6.10 60.41 -1.07
N ALA G 21 7.41 60.55 -0.96
CA ALA G 21 8.18 60.04 0.19
C ALA G 21 7.80 60.72 1.52
N SER G 22 7.12 61.87 1.48
CA SER G 22 6.78 62.55 2.74
C SER G 22 5.38 62.14 3.25
N ARG G 23 4.48 61.70 2.38
CA ARG G 23 3.13 61.30 2.83
C ARG G 23 3.12 59.83 3.26
N LYS G 24 2.65 59.60 4.49
CA LYS G 24 2.56 58.25 5.10
C LYS G 24 1.07 57.93 5.36
N LEU G 25 0.70 56.67 5.16
CA LEU G 25 -0.70 56.26 5.40
C LEU G 25 -1.03 56.44 6.89
N PRO G 26 -2.26 56.89 7.21
CA PRO G 26 -2.63 57.00 8.61
C PRO G 26 -2.80 55.57 9.15
N GLU G 27 -2.65 55.39 10.46
CA GLU G 27 -2.74 54.06 11.10
C GLU G 27 -4.13 53.43 10.89
N GLU G 28 -5.16 54.22 10.65
CA GLU G 28 -6.50 53.68 10.45
C GLU G 28 -6.54 52.88 9.14
N LYS G 29 -6.00 53.45 8.05
CA LYS G 29 -6.01 52.80 6.75
C LYS G 29 -4.96 51.68 6.70
N VAL G 30 -3.87 51.80 7.46
CA VAL G 30 -2.87 50.73 7.47
C VAL G 30 -3.54 49.49 8.07
N ALA G 31 -4.28 49.67 9.15
CA ALA G 31 -4.95 48.54 9.79
C ALA G 31 -6.01 47.96 8.83
N ALA G 32 -6.71 48.83 8.09
CA ALA G 32 -7.75 48.37 7.14
C ALA G 32 -7.10 47.53 6.03
N VAL G 33 -5.93 47.95 5.56
CA VAL G 33 -5.23 47.23 4.53
C VAL G 33 -4.95 45.80 5.01
N LYS G 34 -4.41 45.69 6.22
CA LYS G 34 -4.05 44.39 6.78
C LYS G 34 -5.31 43.51 6.96
N GLU G 35 -6.39 44.08 7.46
CA GLU G 35 -7.60 43.30 7.68
C GLU G 35 -8.17 42.83 6.34
N LEU G 36 -8.17 43.73 5.37
CA LEU G 36 -8.67 43.41 4.06
C LEU G 36 -7.94 42.19 3.47
N ILE G 37 -6.62 42.21 3.44
CA ILE G 37 -5.89 41.09 2.80
C ILE G 37 -5.96 39.82 3.67
N ARG G 38 -6.21 39.94 4.97
CA ARG G 38 -6.28 38.73 5.81
C ARG G 38 -7.63 38.03 5.62
N MET G 39 -8.67 38.80 5.32
CA MET G 39 -10.05 38.31 5.15
C MET G 39 -10.31 37.82 3.73
N SER G 40 -9.33 37.92 2.85
CA SER G 40 -9.52 37.49 1.45
C SER G 40 -9.97 36.03 1.38
N ALA G 41 -10.75 35.76 0.34
CA ALA G 41 -11.21 34.43 0.08
C ALA G 41 -10.05 33.65 -0.56
N SER G 42 -10.16 32.33 -0.53
CA SER G 42 -9.18 31.44 -1.11
C SER G 42 -9.83 30.07 -1.32
N SER G 43 -9.44 29.35 -2.37
CA SER G 43 -10.01 28.00 -2.59
C SER G 43 -9.84 27.16 -1.31
N VAL G 44 -10.96 26.55 -0.89
CA VAL G 44 -11.13 25.69 0.31
C VAL G 44 -10.56 26.35 1.57
N ASN G 45 -10.58 27.68 1.59
CA ASN G 45 -10.10 28.49 2.72
C ASN G 45 -8.63 28.15 3.01
N SER G 46 -7.89 27.72 1.99
CA SER G 46 -6.49 27.31 2.15
C SER G 46 -5.58 28.45 2.66
N GLN G 47 -5.88 29.71 2.36
CA GLN G 47 -5.06 30.85 2.82
C GLN G 47 -3.58 30.51 2.74
N PRO G 48 -3.12 30.03 1.58
CA PRO G 48 -1.73 29.61 1.46
C PRO G 48 -0.78 30.79 1.30
N TRP G 49 -0.81 31.72 2.25
CA TRP G 49 -0.01 32.93 2.12
C TRP G 49 0.60 33.40 3.44
N HIS G 50 1.41 34.43 3.27
CA HIS G 50 2.04 35.18 4.34
C HIS G 50 2.28 36.60 3.81
N PHE G 51 2.32 37.60 4.67
CA PHE G 51 2.50 38.96 4.17
C PHE G 51 3.58 39.71 4.96
N ILE G 52 4.53 40.30 4.23
CA ILE G 52 5.55 41.13 4.81
C ILE G 52 5.08 42.58 4.61
N VAL G 53 4.99 43.33 5.68
CA VAL G 53 4.52 44.72 5.61
C VAL G 53 5.66 45.64 6.06
N ALA G 54 6.30 46.30 5.09
CA ALA G 54 7.41 47.20 5.36
C ALA G 54 6.91 48.65 5.51
N SER G 55 7.38 49.33 6.56
CA SER G 55 6.99 50.72 6.82
C SER G 55 8.23 51.58 7.13
N SER G 56 9.36 50.95 7.47
CA SER G 56 10.60 51.67 7.80
C SER G 56 11.52 51.73 6.57
N GLU G 57 12.48 52.65 6.61
CA GLU G 57 13.39 52.82 5.49
C GLU G 57 14.24 51.56 5.30
N GLU G 58 14.68 50.93 6.40
CA GLU G 58 15.52 49.72 6.28
C GLU G 58 14.68 48.59 5.67
N GLY G 59 13.46 48.39 6.16
CA GLY G 59 12.57 47.33 5.66
C GLY G 59 12.32 47.43 4.16
N LYS G 60 11.90 48.61 3.70
CA LYS G 60 11.61 48.83 2.28
C LYS G 60 12.89 48.64 1.45
N ALA G 61 14.03 49.04 2.00
CA ALA G 61 15.29 48.90 1.30
C ALA G 61 15.65 47.41 1.20
N ARG G 62 15.33 46.64 2.24
CA ARG G 62 15.60 45.20 2.19
C ARG G 62 14.86 44.60 0.98
N ILE G 63 13.65 45.05 0.76
CA ILE G 63 12.83 44.56 -0.34
C ILE G 63 13.43 45.07 -1.67
N ALA G 64 13.85 46.35 -1.68
CA ALA G 64 14.41 46.96 -2.89
C ALA G 64 15.68 46.23 -3.34
N LYS G 65 16.29 45.40 -2.49
CA LYS G 65 17.48 44.64 -2.92
C LYS G 65 17.12 43.74 -4.11
N ALA G 66 15.84 43.43 -4.22
CA ALA G 66 15.35 42.57 -5.27
C ALA G 66 15.01 43.36 -6.53
N THR G 67 15.08 44.69 -6.48
CA THR G 67 14.77 45.48 -7.67
C THR G 67 15.99 46.29 -8.09
N GLN G 68 17.05 45.58 -8.48
CA GLN G 68 18.30 46.21 -8.90
C GLN G 68 18.69 45.73 -10.31
N GLY G 69 19.51 46.53 -10.98
CA GLY G 69 19.98 46.22 -12.33
C GLY G 69 18.85 46.25 -13.35
N GLY G 70 18.51 45.09 -13.88
CA GLY G 70 17.44 44.96 -14.87
C GLY G 70 16.10 45.40 -14.32
N PHE G 71 15.88 45.23 -13.01
CA PHE G 71 14.60 45.60 -12.42
C PHE G 71 14.69 46.93 -11.65
N ALA G 72 15.80 47.66 -11.80
CA ALA G 72 16.02 48.93 -11.07
C ALA G 72 14.88 49.94 -11.31
N PHE G 73 14.13 49.77 -12.41
CA PHE G 73 13.05 50.70 -12.72
C PHE G 73 11.95 50.67 -11.65
N ASN G 74 11.93 49.65 -10.79
CA ASN G 74 10.90 49.50 -9.73
C ASN G 74 11.42 49.91 -8.35
N GLU G 75 12.70 50.30 -8.25
CA GLU G 75 13.31 50.61 -6.93
C GLU G 75 12.63 51.80 -6.23
N ARG G 76 12.45 52.93 -6.91
CA ARG G 76 11.87 54.12 -6.26
C ARG G 76 10.42 53.82 -5.80
N LYS G 77 9.68 53.05 -6.57
CA LYS G 77 8.30 52.72 -6.21
C LYS G 77 8.28 52.09 -4.81
N ILE G 78 9.26 51.25 -4.53
CA ILE G 78 9.34 50.57 -3.24
C ILE G 78 9.80 51.55 -2.15
N LEU G 79 10.99 52.16 -2.34
CA LEU G 79 11.64 53.05 -1.33
C LEU G 79 10.82 54.31 -0.98
N ASP G 80 10.14 54.93 -1.94
CA ASP G 80 9.43 56.19 -1.66
C ASP G 80 8.00 55.95 -1.18
N ALA G 81 7.53 54.70 -1.22
CA ALA G 81 6.15 54.38 -0.80
C ALA G 81 6.03 54.47 0.73
N SER G 82 4.80 54.48 1.22
CA SER G 82 4.51 54.54 2.66
C SER G 82 4.65 53.15 3.26
N HIS G 83 3.89 52.21 2.69
CA HIS G 83 3.87 50.81 3.13
C HIS G 83 4.01 49.90 1.90
N VAL G 84 4.91 48.93 1.99
CA VAL G 84 5.15 47.99 0.92
C VAL G 84 4.70 46.61 1.40
N VAL G 85 3.85 45.96 0.63
CA VAL G 85 3.34 44.64 1.04
C VAL G 85 3.91 43.59 0.08
N VAL G 86 4.59 42.60 0.64
CA VAL G 86 5.13 41.51 -0.15
C VAL G 86 4.17 40.34 0.04
N PHE G 87 3.50 39.96 -1.03
CA PHE G 87 2.57 38.83 -1.01
C PHE G 87 3.38 37.54 -1.20
N CYS G 88 3.31 36.65 -0.22
CA CYS G 88 4.07 35.39 -0.23
C CYS G 88 3.12 34.20 -0.31
N ALA G 89 3.49 33.20 -1.10
CA ALA G 89 2.71 32.00 -1.23
C ALA G 89 3.49 30.84 -0.62
N LYS G 90 2.76 29.84 -0.14
CA LYS G 90 3.40 28.63 0.37
C LYS G 90 4.04 27.89 -0.81
N THR G 91 5.18 27.27 -0.57
CA THR G 91 5.88 26.50 -1.57
C THR G 91 5.35 25.05 -1.62
N ALA G 92 4.68 24.60 -0.56
CA ALA G 92 4.16 23.23 -0.50
C ALA G 92 3.02 23.19 0.51
N ILE G 93 2.22 22.13 0.44
CA ILE G 93 1.09 21.98 1.32
C ILE G 93 0.96 20.49 1.66
N ASP G 94 0.71 20.21 2.93
CA ASP G 94 0.62 18.83 3.36
C ASP G 94 -0.55 18.67 4.34
N GLU G 95 -0.72 17.45 4.82
CA GLU G 95 -1.80 17.10 5.72
C GLU G 95 -1.68 17.86 7.04
N ALA G 96 -0.47 18.04 7.53
CA ALA G 96 -0.26 18.76 8.80
C ALA G 96 -0.89 20.15 8.72
N TYR G 97 -0.68 20.83 7.60
CA TYR G 97 -1.20 22.19 7.42
C TYR G 97 -2.73 22.15 7.33
N LEU G 98 -3.29 21.14 6.68
CA LEU G 98 -4.73 21.05 6.56
C LEU G 98 -5.35 20.78 7.95
N LEU G 99 -4.67 20.01 8.80
CA LEU G 99 -5.21 19.74 10.14
C LEU G 99 -5.15 21.03 10.96
N ASP G 100 -4.04 21.77 10.85
CA ASP G 100 -3.91 23.04 11.56
C ASP G 100 -5.03 23.97 11.09
N LEU G 101 -5.34 23.94 9.80
CA LEU G 101 -6.39 24.78 9.24
C LEU G 101 -7.75 24.34 9.80
N LEU G 102 -7.96 23.02 9.85
CA LEU G 102 -9.22 22.49 10.35
C LEU G 102 -9.43 22.95 11.80
N GLU G 103 -8.35 22.92 12.56
CA GLU G 103 -8.34 23.33 13.96
C GLU G 103 -8.70 24.81 14.09
N SER G 104 -8.14 25.72 13.27
CA SER G 104 -8.51 27.15 13.42
C SER G 104 -9.99 27.32 13.07
N GLU G 105 -10.48 26.59 12.08
CA GLU G 105 -11.91 26.69 11.71
C GLU G 105 -12.77 26.17 12.87
N ASP G 106 -12.37 25.03 13.45
CA ASP G 106 -13.13 24.44 14.57
C ASP G 106 -13.22 25.46 15.71
N LYS G 107 -12.09 26.02 16.16
CA LYS G 107 -12.12 27.00 17.26
C LYS G 107 -12.95 28.23 16.85
N ASP G 108 -13.06 28.52 15.56
CA ASP G 108 -13.83 29.69 15.11
C ASP G 108 -15.34 29.38 15.04
N GLY G 109 -15.73 28.13 15.28
CA GLY G 109 -17.15 27.75 15.30
C GLY G 109 -17.75 27.51 13.92
N ARG G 110 -16.98 26.95 12.99
CA ARG G 110 -17.47 26.67 11.64
C ARG G 110 -18.24 25.36 11.57
N PHE G 111 -18.08 24.47 12.57
CA PHE G 111 -18.73 23.16 12.49
C PHE G 111 -19.72 22.93 13.64
N ALA G 112 -20.92 22.46 13.29
CA ALA G 112 -21.99 22.18 14.27
C ALA G 112 -21.65 20.93 15.08
N ASP G 113 -20.97 19.98 14.45
CA ASP G 113 -20.58 18.72 15.12
C ASP G 113 -19.29 18.20 14.47
N VAL G 114 -18.76 17.12 15.04
CA VAL G 114 -17.51 16.51 14.56
C VAL G 114 -17.74 15.82 13.20
N GLU G 115 -18.99 15.59 12.80
CA GLU G 115 -19.25 14.94 11.50
C GLU G 115 -19.07 15.95 10.36
N ALA G 116 -19.50 17.18 10.57
CA ALA G 116 -19.38 18.23 9.55
C ALA G 116 -17.91 18.68 9.45
N LYS G 117 -17.17 18.50 10.54
CA LYS G 117 -15.75 18.83 10.56
C LYS G 117 -15.02 17.79 9.71
N ASN G 118 -15.41 16.53 9.86
CA ASN G 118 -14.80 15.43 9.10
C ASN G 118 -15.09 15.62 7.61
N GLY G 119 -16.30 16.04 7.28
CA GLY G 119 -16.69 16.24 5.90
C GLY G 119 -15.93 17.40 5.26
N MET G 120 -15.68 18.43 6.05
CA MET G 120 -14.96 19.58 5.54
C MET G 120 -13.52 19.15 5.21
N HIS G 121 -12.95 18.32 6.08
CA HIS G 121 -11.57 17.86 5.89
C HIS G 121 -11.47 16.97 4.65
N ALA G 122 -12.49 16.15 4.38
CA ALA G 122 -12.49 15.29 3.21
C ALA G 122 -12.64 16.14 1.93
N GLY G 123 -13.57 17.08 1.96
CA GLY G 123 -13.78 17.96 0.81
C GLY G 123 -12.50 18.70 0.46
N ARG G 124 -11.85 19.26 1.49
CA ARG G 124 -10.62 20.02 1.28
C ARG G 124 -9.48 19.09 0.86
N SER G 125 -9.35 17.95 1.50
CA SER G 125 -8.26 17.02 1.16
C SER G 125 -8.36 16.58 -0.30
N PHE G 126 -9.59 16.45 -0.81
CA PHE G 126 -9.78 16.03 -2.19
C PHE G 126 -9.23 17.11 -3.13
N PHE G 127 -9.61 18.36 -2.92
CA PHE G 127 -9.10 19.39 -3.80
C PHE G 127 -7.57 19.51 -3.69
N VAL G 128 -7.05 19.45 -2.48
CA VAL G 128 -5.61 19.64 -2.27
C VAL G 128 -4.81 18.51 -2.91
N ASN G 129 -5.16 17.27 -2.59
CA ASN G 129 -4.46 16.12 -3.11
C ASN G 129 -4.59 16.05 -4.63
N MET G 130 -5.69 16.56 -5.17
CA MET G 130 -5.82 16.55 -6.61
C MET G 130 -4.75 17.48 -7.20
N HIS G 131 -4.62 18.66 -6.60
CA HIS G 131 -3.62 19.60 -7.10
C HIS G 131 -2.20 19.08 -6.86
N ARG G 132 -1.95 18.49 -5.70
CA ARG G 132 -0.58 18.03 -5.43
C ARG G 132 -0.18 16.85 -6.31
N PHE G 133 -1.09 15.91 -6.53
CA PHE G 133 -0.67 14.64 -7.20
C PHE G 133 -1.27 14.37 -8.58
N ASP G 134 -2.44 14.91 -8.91
CA ASP G 134 -3.06 14.63 -10.24
C ASP G 134 -2.68 15.74 -11.22
N LEU G 135 -2.97 17.00 -10.89
CA LEU G 135 -2.58 18.11 -11.76
C LEU G 135 -1.12 18.47 -11.49
N LYS G 136 -0.59 18.09 -10.32
CA LYS G 136 0.82 18.37 -9.96
C LYS G 136 1.14 19.87 -10.13
N ASP G 137 0.22 20.73 -9.69
CA ASP G 137 0.37 22.17 -9.83
C ASP G 137 0.07 22.87 -8.51
N ALA G 138 0.21 22.18 -7.39
CA ALA G 138 -0.10 22.74 -6.06
C ALA G 138 0.52 24.14 -5.87
N HIS G 139 1.77 24.33 -6.23
CA HIS G 139 2.40 25.67 -6.02
C HIS G 139 1.72 26.73 -6.91
N HIS G 140 1.36 26.41 -8.15
CA HIS G 140 0.69 27.42 -9.01
C HIS G 140 -0.73 27.69 -8.49
N TRP G 141 -1.37 26.63 -8.02
CA TRP G 141 -2.70 26.73 -7.48
C TRP G 141 -2.71 27.65 -6.26
N MET G 142 -1.73 27.50 -5.37
CA MET G 142 -1.68 28.35 -4.18
C MET G 142 -1.35 29.80 -4.58
N GLU G 143 -0.43 29.99 -5.52
CA GLU G 143 -0.06 31.34 -5.98
C GLU G 143 -1.30 32.06 -6.57
N LYS G 144 -2.18 31.32 -7.25
CA LYS G 144 -3.39 31.94 -7.85
C LYS G 144 -4.28 32.50 -6.75
N GLN G 145 -4.35 31.80 -5.60
CA GLN G 145 -5.13 32.29 -4.50
C GLN G 145 -4.46 33.59 -4.02
N VAL G 146 -3.12 33.62 -4.00
CA VAL G 146 -2.41 34.84 -3.55
C VAL G 146 -2.72 35.98 -4.53
N TYR G 147 -2.73 35.70 -5.83
CA TYR G 147 -3.04 36.75 -6.81
C TYR G 147 -4.45 37.28 -6.61
N LEU G 148 -5.37 36.39 -6.25
CA LEU G 148 -6.75 36.80 -6.02
C LEU G 148 -6.75 37.81 -4.87
N ASN G 149 -5.92 37.54 -3.89
CA ASN G 149 -5.79 38.39 -2.73
C ASN G 149 -5.23 39.75 -3.21
N VAL G 150 -4.23 39.72 -4.09
CA VAL G 150 -3.68 41.00 -4.60
C VAL G 150 -4.80 41.83 -5.23
N GLY G 151 -5.67 41.18 -6.01
CA GLY G 151 -6.78 41.87 -6.64
C GLY G 151 -7.64 42.64 -5.63
N THR G 152 -7.93 42.01 -4.51
CA THR G 152 -8.75 42.66 -3.51
C THR G 152 -7.98 43.86 -2.95
N LEU G 153 -6.66 43.75 -2.79
CA LEU G 153 -5.92 44.89 -2.23
C LEU G 153 -5.93 46.06 -3.23
N LEU G 154 -5.71 45.79 -4.52
CA LEU G 154 -5.66 46.88 -5.50
C LEU G 154 -6.98 47.65 -5.52
N LEU G 155 -8.09 46.94 -5.41
CA LEU G 155 -9.38 47.62 -5.46
C LEU G 155 -9.70 48.23 -4.10
N GLY G 156 -9.39 47.53 -3.01
CA GLY G 156 -9.63 48.11 -1.69
C GLY G 156 -8.83 49.39 -1.50
N ALA G 157 -7.56 49.35 -1.90
CA ALA G 157 -6.68 50.53 -1.78
C ALA G 157 -7.30 51.71 -2.51
N SER G 158 -7.71 51.48 -3.75
CA SER G 158 -8.31 52.51 -4.56
C SER G 158 -9.56 53.08 -3.88
N ALA G 159 -10.41 52.20 -3.33
CA ALA G 159 -11.65 52.65 -2.64
C ALA G 159 -11.31 53.51 -1.42
N MET G 160 -10.13 53.29 -0.84
CA MET G 160 -9.66 54.03 0.33
C MET G 160 -8.79 55.22 -0.10
N GLU G 161 -8.83 55.53 -1.40
CA GLU G 161 -8.08 56.65 -1.95
C GLU G 161 -6.58 56.45 -1.76
N ILE G 162 -6.11 55.19 -1.78
CA ILE G 162 -4.68 54.88 -1.66
C ILE G 162 -4.15 54.50 -3.05
N ASP G 163 -2.97 54.98 -3.40
CA ASP G 163 -2.34 54.64 -4.68
C ASP G 163 -1.60 53.30 -4.49
N ALA G 164 -1.76 52.37 -5.43
CA ALA G 164 -1.13 51.04 -5.31
C ALA G 164 -0.68 50.52 -6.68
N VAL G 165 0.52 49.91 -6.69
CA VAL G 165 1.08 49.35 -7.92
C VAL G 165 1.52 47.90 -7.68
N PRO G 166 0.98 46.95 -8.48
CA PRO G 166 1.40 45.54 -8.36
C PRO G 166 2.76 45.37 -9.06
N ILE G 167 3.72 44.75 -8.39
CA ILE G 167 5.04 44.57 -8.99
C ILE G 167 5.38 43.08 -9.09
N GLU G 168 5.77 42.65 -10.30
CA GLU G 168 6.25 41.29 -10.54
C GLU G 168 7.74 41.37 -10.89
N GLY G 169 8.16 42.56 -11.36
CA GLY G 169 9.57 42.81 -11.76
C GLY G 169 10.52 42.89 -10.59
N PHE G 170 10.87 41.74 -10.03
CA PHE G 170 11.80 41.67 -8.90
C PHE G 170 12.47 40.29 -8.90
N ASP G 171 13.65 40.20 -8.28
CA ASP G 171 14.36 38.93 -8.21
C ASP G 171 13.85 38.19 -6.98
N ALA G 172 12.98 37.22 -7.20
CA ALA G 172 12.37 36.44 -6.13
C ALA G 172 13.45 35.71 -5.32
N LYS G 173 14.51 35.27 -5.97
CA LYS G 173 15.58 34.56 -5.26
C LYS G 173 16.21 35.51 -4.23
N VAL G 174 16.43 36.75 -4.63
CA VAL G 174 17.03 37.75 -3.75
C VAL G 174 16.03 38.13 -2.66
N LEU G 175 14.76 38.31 -3.01
CA LEU G 175 13.81 38.71 -1.98
C LEU G 175 13.59 37.54 -1.01
N ASP G 176 13.51 36.31 -1.52
CA ASP G 176 13.28 35.13 -0.67
C ASP G 176 14.45 34.94 0.30
N GLU G 177 15.68 34.91 -0.23
CA GLU G 177 16.90 34.70 0.60
C GLU G 177 17.09 35.86 1.59
N GLU G 178 16.62 37.06 1.26
CA GLU G 178 16.75 38.20 2.16
C GLU G 178 15.90 37.98 3.43
N PHE G 179 14.82 37.20 3.33
CA PHE G 179 13.94 36.96 4.50
C PHE G 179 13.89 35.48 4.89
N GLY G 180 14.77 34.66 4.33
CA GLY G 180 14.78 33.21 4.63
C GLY G 180 13.40 32.58 4.39
N LEU G 181 12.71 33.01 3.35
CA LEU G 181 11.35 32.50 3.07
C LEU G 181 11.33 31.03 2.66
N ARG G 182 12.20 30.64 1.75
CA ARG G 182 12.18 29.28 1.20
C ARG G 182 12.32 28.23 2.31
N GLU G 183 13.19 28.47 3.28
CA GLU G 183 13.39 27.53 4.38
C GLU G 183 12.13 27.47 5.26
N LYS G 184 11.35 28.55 5.30
CA LYS G 184 10.14 28.61 6.11
C LYS G 184 8.94 28.11 5.30
N GLY G 185 9.17 27.74 4.04
CA GLY G 185 8.09 27.22 3.18
C GLY G 185 7.27 28.29 2.48
N PHE G 186 7.88 29.46 2.22
CA PHE G 186 7.18 30.55 1.53
C PHE G 186 8.04 31.10 0.39
N THR G 187 7.40 31.84 -0.51
CA THR G 187 8.10 32.43 -1.65
C THR G 187 7.37 33.71 -2.08
N SER G 188 8.16 34.74 -2.36
CA SER G 188 7.67 36.04 -2.77
C SER G 188 7.12 35.96 -4.21
N VAL G 189 5.90 36.46 -4.43
CA VAL G 189 5.31 36.37 -5.75
C VAL G 189 4.91 37.76 -6.28
N VAL G 190 4.37 38.64 -5.44
CA VAL G 190 3.96 40.00 -5.90
C VAL G 190 4.28 41.03 -4.82
N ILE G 191 4.73 42.20 -5.24
CA ILE G 191 5.03 43.30 -4.32
C ILE G 191 4.03 44.42 -4.61
N VAL G 192 3.39 44.95 -3.58
CA VAL G 192 2.43 46.03 -3.77
C VAL G 192 2.78 47.20 -2.85
N PRO G 193 3.49 48.20 -3.39
CA PRO G 193 3.79 49.37 -2.58
C PRO G 193 2.50 50.20 -2.48
N LEU G 194 2.30 50.83 -1.33
CA LEU G 194 1.12 51.65 -1.06
C LEU G 194 1.56 53.05 -0.62
N GLY G 195 0.76 54.06 -0.94
CA GLY G 195 1.07 55.42 -0.56
C GLY G 195 0.28 56.43 -1.37
N TYR G 196 0.92 57.55 -1.68
CA TYR G 196 0.31 58.59 -2.48
C TYR G 196 1.31 59.00 -3.57
N HIS G 197 0.85 59.11 -4.81
CA HIS G 197 1.75 59.45 -5.93
C HIS G 197 2.22 60.89 -5.81
N SER G 198 3.42 61.16 -6.34
CA SER G 198 4.00 62.50 -6.34
C SER G 198 3.45 63.30 -7.53
N GLU G 199 3.71 64.60 -7.52
CA GLU G 199 3.23 65.50 -8.57
C GLU G 199 3.83 65.12 -9.94
N ASP G 200 5.00 64.48 -9.97
CA ASP G 200 5.65 64.14 -11.25
C ASP G 200 5.46 62.66 -11.65
N ASP G 201 4.44 61.97 -11.14
CA ASP G 201 4.20 60.56 -11.58
C ASP G 201 3.61 60.65 -12.99
N PHE G 202 4.41 60.35 -14.01
CA PHE G 202 3.99 60.46 -15.42
C PHE G 202 2.78 59.56 -15.75
N ASN G 203 2.70 58.39 -15.11
CA ASN G 203 1.62 57.42 -15.39
C ASN G 203 0.31 57.88 -14.74
N ALA G 204 0.38 58.78 -13.77
CA ALA G 204 -0.84 59.27 -13.10
C ALA G 204 -1.70 60.12 -14.05
N LYS G 205 -1.10 60.65 -15.10
CA LYS G 205 -1.80 61.54 -16.06
C LYS G 205 -2.34 60.76 -17.26
N LEU G 206 -1.63 59.71 -17.67
CA LEU G 206 -2.03 58.93 -18.85
C LEU G 206 -3.39 58.26 -18.65
N PRO G 207 -4.09 57.99 -19.76
CA PRO G 207 -5.38 57.32 -19.72
C PRO G 207 -5.19 55.80 -19.57
N LYS G 208 -6.21 55.16 -19.03
CA LYS G 208 -6.21 53.72 -18.78
C LYS G 208 -6.59 53.00 -20.08
N SER G 209 -5.70 52.13 -20.57
CA SER G 209 -5.96 51.43 -21.82
C SER G 209 -6.40 49.98 -21.55
N ARG G 210 -7.51 49.60 -22.15
CA ARG G 210 -8.05 48.27 -22.01
C ARG G 210 -8.75 47.86 -23.29
N TRP G 211 -8.88 46.55 -23.50
CA TRP G 211 -9.65 46.05 -24.62
C TRP G 211 -11.09 46.57 -24.44
N SER G 212 -11.84 46.60 -25.54
CA SER G 212 -13.23 47.05 -25.48
C SER G 212 -14.09 45.92 -24.89
N ALA G 213 -15.29 46.28 -24.46
CA ALA G 213 -16.26 45.33 -23.90
C ALA G 213 -16.67 44.31 -24.98
N GLU G 214 -16.71 44.77 -26.22
CA GLU G 214 -17.08 43.92 -27.35
C GLU G 214 -16.08 42.76 -27.49
N THR G 215 -14.83 43.04 -27.13
CA THR G 215 -13.76 42.08 -27.26
C THR G 215 -13.73 41.08 -26.09
N VAL G 216 -13.87 41.56 -24.86
CA VAL G 216 -13.69 40.69 -23.68
C VAL G 216 -14.98 39.99 -23.23
N PHE G 217 -16.14 40.35 -23.75
CA PHE G 217 -17.35 39.71 -23.21
C PHE G 217 -18.18 38.94 -24.24
N THR G 218 -18.79 37.88 -23.71
CA THR G 218 -19.72 37.04 -24.43
C THR G 218 -20.94 36.94 -23.53
N GLU G 219 -22.01 37.60 -23.92
CA GLU G 219 -23.24 37.60 -23.15
C GLU G 219 -24.16 36.47 -23.63
N ILE G 220 -24.66 35.67 -22.71
CA ILE G 220 -25.56 34.58 -23.06
C ILE G 220 -26.73 34.53 -22.06
N ALA H 3 -12.20 53.65 4.27
CA ALA H 3 -11.24 53.14 5.30
C ALA H 3 -11.92 52.09 6.19
N MET H 4 -13.16 52.36 6.60
CA MET H 4 -13.93 51.45 7.47
C MET H 4 -14.98 50.68 6.65
N THR H 5 -15.51 51.32 5.60
CA THR H 5 -16.55 50.71 4.77
C THR H 5 -15.99 49.55 3.92
N ILE H 6 -14.77 49.69 3.39
CA ILE H 6 -14.21 48.61 2.56
C ILE H 6 -13.89 47.39 3.44
N VAL H 7 -13.48 47.64 4.69
CA VAL H 7 -13.17 46.57 5.64
C VAL H 7 -14.44 45.76 5.89
N GLN H 8 -15.55 46.44 6.19
CA GLN H 8 -16.84 45.77 6.45
C GLN H 8 -17.29 45.00 5.20
N ALA H 9 -16.87 45.45 4.03
CA ALA H 9 -17.19 44.75 2.78
C ALA H 9 -16.38 43.44 2.71
N ALA H 10 -15.16 43.49 3.23
CA ALA H 10 -14.28 42.32 3.27
C ALA H 10 -14.74 41.33 4.36
N GLN H 11 -15.20 41.88 5.48
CA GLN H 11 -15.66 41.08 6.63
C GLN H 11 -17.09 40.59 6.44
N SER H 12 -17.91 41.29 5.66
CA SER H 12 -19.33 40.88 5.52
C SER H 12 -19.54 39.95 4.32
N ARG H 13 -18.66 39.97 3.33
CA ARG H 13 -18.86 39.04 2.20
C ARG H 13 -18.50 37.62 2.66
N TYR H 14 -19.00 36.64 1.91
CA TYR H 14 -18.77 35.22 2.19
C TYR H 14 -19.14 34.41 0.94
N SER H 15 -18.73 33.15 0.90
CA SER H 15 -19.05 32.29 -0.21
C SER H 15 -20.50 31.80 -0.07
N THR H 16 -21.41 32.39 -0.88
CA THR H 16 -22.85 32.08 -0.88
C THR H 16 -23.06 30.64 -1.35
N LYS H 17 -23.80 29.85 -0.56
CA LYS H 17 -24.07 28.44 -0.89
C LYS H 17 -25.48 28.28 -1.45
N ALA H 18 -26.32 29.31 -1.28
CA ALA H 18 -27.70 29.27 -1.78
C ALA H 18 -28.17 30.67 -2.19
N PHE H 19 -28.39 30.86 -3.49
CA PHE H 19 -28.87 32.14 -3.97
C PHE H 19 -30.39 32.13 -4.02
N ASP H 20 -30.97 33.31 -3.83
CA ASP H 20 -32.39 33.50 -3.92
C ASP H 20 -32.76 33.57 -5.42
N ALA H 21 -33.46 32.56 -5.93
CA ALA H 21 -33.79 32.51 -7.36
C ALA H 21 -34.80 33.59 -7.76
N SER H 22 -35.46 34.22 -6.79
CA SER H 22 -36.47 35.22 -7.13
C SER H 22 -35.88 36.63 -7.22
N ARG H 23 -34.60 36.83 -6.90
CA ARG H 23 -34.04 38.20 -6.95
C ARG H 23 -32.92 38.32 -7.99
N LYS H 24 -33.06 39.27 -8.91
CA LYS H 24 -32.08 39.48 -9.98
C LYS H 24 -31.36 40.81 -9.80
N LEU H 25 -30.14 40.90 -10.33
CA LEU H 25 -29.37 42.14 -10.25
C LEU H 25 -30.00 43.17 -11.20
N PRO H 26 -30.11 44.44 -10.75
CA PRO H 26 -30.63 45.46 -11.64
C PRO H 26 -29.55 45.72 -12.69
N GLU H 27 -29.95 46.18 -13.86
CA GLU H 27 -29.03 46.43 -14.97
C GLU H 27 -27.93 47.41 -14.56
N GLU H 28 -28.18 48.29 -13.60
CA GLU H 28 -27.14 49.23 -13.20
C GLU H 28 -25.96 48.46 -12.58
N LYS H 29 -26.25 47.42 -11.79
CA LYS H 29 -25.22 46.63 -11.11
C LYS H 29 -24.52 45.68 -12.09
N VAL H 30 -25.26 45.14 -13.06
CA VAL H 30 -24.67 44.24 -14.03
C VAL H 30 -23.64 45.02 -14.86
N ALA H 31 -24.00 46.24 -15.23
CA ALA H 31 -23.10 47.10 -16.01
C ALA H 31 -21.88 47.51 -15.16
N ALA H 32 -22.08 47.65 -13.85
CA ALA H 32 -20.96 48.00 -12.97
C ALA H 32 -20.02 46.79 -12.86
N VAL H 33 -20.56 45.59 -12.72
CA VAL H 33 -19.74 44.40 -12.62
C VAL H 33 -18.88 44.25 -13.88
N LYS H 34 -19.46 44.51 -15.05
CA LYS H 34 -18.71 44.33 -16.30
C LYS H 34 -17.59 45.37 -16.43
N GLU H 35 -17.85 46.62 -16.11
CA GLU H 35 -16.81 47.61 -16.22
C GLU H 35 -15.69 47.29 -15.21
N LEU H 36 -16.07 46.89 -14.01
CA LEU H 36 -15.10 46.56 -12.96
C LEU H 36 -14.12 45.46 -13.41
N ILE H 37 -14.60 44.36 -13.97
CA ILE H 37 -13.64 43.29 -14.34
C ILE H 37 -12.89 43.66 -15.63
N ARG H 38 -13.46 44.49 -16.49
CA ARG H 38 -12.77 44.89 -17.73
C ARG H 38 -11.60 45.86 -17.40
N MET H 39 -11.74 46.66 -16.35
CA MET H 39 -10.70 47.65 -16.00
C MET H 39 -9.62 47.07 -15.10
N SER H 40 -9.69 45.78 -14.77
CA SER H 40 -8.72 45.17 -13.89
C SER H 40 -7.30 45.37 -14.42
N ALA H 41 -6.39 45.40 -13.44
CA ALA H 41 -5.00 45.49 -13.73
C ALA H 41 -4.52 44.10 -14.12
N SER H 42 -3.34 44.03 -14.73
CA SER H 42 -2.75 42.78 -15.13
C SER H 42 -1.28 43.04 -15.43
N SER H 43 -0.43 42.03 -15.27
CA SER H 43 0.98 42.21 -15.52
C SER H 43 1.16 42.70 -16.95
N VAL H 44 1.97 43.75 -17.10
CA VAL H 44 2.27 44.42 -18.39
C VAL H 44 0.97 44.68 -19.18
N ASN H 45 -0.15 44.89 -18.50
CA ASN H 45 -1.45 45.18 -19.15
C ASN H 45 -1.81 44.09 -20.17
N SER H 46 -1.41 42.86 -19.88
CA SER H 46 -1.62 41.68 -20.77
C SER H 46 -3.11 41.32 -20.94
N GLN H 47 -3.94 41.66 -19.96
CA GLN H 47 -5.39 41.40 -20.01
C GLN H 47 -5.67 40.06 -20.72
N PRO H 48 -5.04 38.97 -20.26
CA PRO H 48 -5.18 37.67 -20.92
C PRO H 48 -6.47 36.94 -20.52
N TRP H 49 -7.61 37.59 -20.76
CA TRP H 49 -8.88 37.06 -20.34
C TRP H 49 -9.99 37.31 -21.35
N HIS H 50 -11.09 36.63 -21.03
CA HIS H 50 -12.39 36.69 -21.70
C HIS H 50 -13.44 36.33 -20.65
N PHE H 51 -14.61 36.94 -20.73
CA PHE H 51 -15.63 36.68 -19.73
C PHE H 51 -16.94 36.29 -20.40
N ILE H 52 -17.51 35.19 -19.95
CA ILE H 52 -18.81 34.76 -20.38
C ILE H 52 -19.74 35.25 -19.27
N VAL H 53 -20.79 35.97 -19.63
CA VAL H 53 -21.73 36.49 -18.66
C VAL H 53 -23.11 35.91 -19.00
N ALA H 54 -23.58 34.98 -18.19
CA ALA H 54 -24.86 34.36 -18.41
C ALA H 54 -25.92 35.02 -17.53
N SER H 55 -26.98 35.51 -18.18
CA SER H 55 -28.12 36.12 -17.50
C SER H 55 -29.38 35.32 -17.78
N SER H 56 -29.39 34.54 -18.88
CA SER H 56 -30.57 33.73 -19.23
C SER H 56 -30.52 32.36 -18.54
N GLU H 57 -31.69 31.75 -18.43
CA GLU H 57 -31.81 30.44 -17.80
C GLU H 57 -31.09 29.39 -18.66
N GLU H 58 -31.21 29.48 -19.98
CA GLU H 58 -30.55 28.49 -20.85
C GLU H 58 -29.03 28.71 -20.79
N GLY H 59 -28.58 29.94 -20.55
CA GLY H 59 -27.17 30.23 -20.44
C GLY H 59 -26.59 29.64 -19.16
N LYS H 60 -27.33 29.82 -18.07
CA LYS H 60 -26.90 29.28 -16.79
C LYS H 60 -26.88 27.75 -16.87
N ALA H 61 -27.87 27.18 -17.55
CA ALA H 61 -28.00 25.72 -17.71
C ALA H 61 -26.82 25.14 -18.49
N ARG H 62 -26.34 25.86 -19.50
CA ARG H 62 -25.21 25.37 -20.30
C ARG H 62 -23.96 25.28 -19.40
N ILE H 63 -23.76 26.27 -18.54
CA ILE H 63 -22.62 26.32 -17.59
C ILE H 63 -22.73 25.18 -16.56
N ALA H 64 -23.94 25.02 -16.00
CA ALA H 64 -24.25 23.99 -14.99
C ALA H 64 -24.00 22.57 -15.53
N LYS H 65 -23.70 22.44 -16.84
CA LYS H 65 -23.36 21.14 -17.39
C LYS H 65 -21.98 20.73 -16.86
N ALA H 66 -21.19 21.73 -16.47
CA ALA H 66 -19.84 21.50 -15.95
C ALA H 66 -19.84 21.29 -14.43
N THR H 67 -21.02 21.18 -13.80
CA THR H 67 -21.15 20.96 -12.35
C THR H 67 -22.14 19.83 -12.09
N GLN H 68 -21.81 18.65 -12.60
CA GLN H 68 -22.60 17.44 -12.43
C GLN H 68 -21.69 16.41 -11.75
N GLY H 69 -22.24 15.25 -11.39
CA GLY H 69 -21.46 14.23 -10.73
C GLY H 69 -20.85 14.73 -9.43
N GLY H 70 -19.54 14.55 -9.31
CA GLY H 70 -18.81 14.97 -8.11
C GLY H 70 -18.84 16.48 -7.90
N PHE H 71 -19.23 17.25 -8.92
CA PHE H 71 -19.29 18.72 -8.78
C PHE H 71 -20.74 19.20 -8.67
N ALA H 72 -21.68 18.26 -8.50
CA ALA H 72 -23.10 18.58 -8.41
C ALA H 72 -23.39 19.51 -7.24
N PHE H 73 -22.51 19.54 -6.25
CA PHE H 73 -22.77 20.38 -5.10
C PHE H 73 -22.67 21.87 -5.49
N ASN H 74 -22.18 22.19 -6.71
CA ASN H 74 -22.07 23.61 -7.18
C ASN H 74 -23.18 23.98 -8.18
N GLU H 75 -23.95 22.99 -8.61
CA GLU H 75 -25.00 23.18 -9.63
C GLU H 75 -26.04 24.23 -9.23
N ARG H 76 -26.66 24.06 -8.08
CA ARG H 76 -27.72 24.98 -7.64
C ARG H 76 -27.22 26.44 -7.60
N LYS H 77 -25.99 26.67 -7.13
CA LYS H 77 -25.44 28.06 -7.04
C LYS H 77 -25.48 28.73 -8.42
N ILE H 78 -25.19 27.96 -9.45
CA ILE H 78 -25.19 28.48 -10.80
C ILE H 78 -26.62 28.65 -11.32
N LEU H 79 -27.51 27.68 -11.13
CA LEU H 79 -28.88 27.80 -11.67
C LEU H 79 -29.71 28.89 -10.95
N ASP H 80 -29.52 29.06 -9.65
CA ASP H 80 -30.34 30.00 -8.86
C ASP H 80 -29.75 31.42 -8.82
N ALA H 81 -28.50 31.62 -9.21
CA ALA H 81 -27.92 32.97 -9.18
C ALA H 81 -28.55 33.83 -10.29
N SER H 82 -28.42 35.14 -10.15
CA SER H 82 -28.96 36.11 -11.11
C SER H 82 -28.12 36.13 -12.39
N HIS H 83 -26.82 36.26 -12.23
CA HIS H 83 -25.89 36.30 -13.33
C HIS H 83 -24.69 35.41 -13.00
N VAL H 84 -24.10 34.80 -14.02
CA VAL H 84 -22.96 33.95 -13.77
C VAL H 84 -21.81 34.40 -14.67
N VAL H 85 -20.67 34.70 -14.06
CA VAL H 85 -19.51 35.14 -14.81
C VAL H 85 -18.50 33.98 -14.87
N VAL H 86 -18.13 33.58 -16.08
CA VAL H 86 -17.12 32.56 -16.22
C VAL H 86 -15.84 33.27 -16.66
N PHE H 87 -14.84 33.27 -15.78
CA PHE H 87 -13.56 33.86 -16.06
C PHE H 87 -12.72 32.90 -16.89
N CYS H 88 -12.29 33.37 -18.05
CA CYS H 88 -11.50 32.52 -18.92
C CYS H 88 -10.12 33.15 -19.10
N ALA H 89 -9.12 32.29 -19.23
CA ALA H 89 -7.77 32.71 -19.43
C ALA H 89 -7.29 32.29 -20.82
N LYS H 90 -6.40 33.10 -21.42
CA LYS H 90 -5.82 32.74 -22.70
C LYS H 90 -5.01 31.46 -22.50
N THR H 91 -5.01 30.59 -23.50
CA THR H 91 -4.25 29.35 -23.42
C THR H 91 -2.81 29.55 -23.91
N ALA H 92 -2.56 30.63 -24.65
CA ALA H 92 -1.24 30.92 -25.20
C ALA H 92 -1.17 32.41 -25.59
N ILE H 93 0.04 32.89 -25.78
CA ILE H 93 0.27 34.29 -26.11
C ILE H 93 1.45 34.38 -27.09
N ASP H 94 1.25 35.15 -28.17
CA ASP H 94 2.30 35.30 -29.20
C ASP H 94 2.56 36.78 -29.50
N GLU H 95 3.49 37.02 -30.43
CA GLU H 95 3.88 38.37 -30.84
C GLU H 95 2.67 39.11 -31.41
N ALA H 96 1.88 38.45 -32.23
CA ALA H 96 0.72 39.07 -32.85
C ALA H 96 -0.18 39.69 -31.77
N TYR H 97 -0.43 38.97 -30.69
CA TYR H 97 -1.28 39.49 -29.61
C TYR H 97 -0.61 40.70 -28.95
N LEU H 98 0.71 40.67 -28.76
CA LEU H 98 1.40 41.81 -28.13
C LEU H 98 1.36 43.05 -29.06
N LEU H 99 1.30 42.87 -30.37
CA LEU H 99 1.25 44.04 -31.27
C LEU H 99 -0.16 44.64 -31.24
N ASP H 100 -1.17 43.78 -31.19
CA ASP H 100 -2.56 44.28 -31.13
C ASP H 100 -2.71 45.11 -29.85
N LEU H 101 -2.15 44.59 -28.79
CA LEU H 101 -2.17 45.22 -27.49
C LEU H 101 -1.45 46.56 -27.58
N LEU H 102 -0.29 46.55 -28.22
CA LEU H 102 0.50 47.76 -28.35
C LEU H 102 -0.28 48.79 -29.20
N GLU H 103 -0.96 48.29 -30.25
CA GLU H 103 -1.74 49.16 -31.14
C GLU H 103 -2.95 49.73 -30.39
N SER H 104 -3.60 48.96 -29.50
CA SER H 104 -4.76 49.48 -28.75
C SER H 104 -4.33 50.56 -27.75
N GLU H 105 -3.11 50.45 -27.22
CA GLU H 105 -2.58 51.45 -26.27
C GLU H 105 -2.23 52.74 -27.02
N ASP H 106 -1.64 52.61 -28.20
CA ASP H 106 -1.31 53.77 -29.01
C ASP H 106 -2.61 54.52 -29.27
N LYS H 107 -3.64 53.83 -29.78
CA LYS H 107 -4.96 54.46 -30.03
C LYS H 107 -5.54 55.10 -28.77
N ASP H 108 -5.28 54.54 -27.60
CA ASP H 108 -5.82 55.09 -26.34
C ASP H 108 -4.97 56.27 -25.86
N GLY H 109 -3.91 56.62 -26.59
CA GLY H 109 -3.07 57.77 -26.25
C GLY H 109 -2.12 57.48 -25.10
N ARG H 110 -1.71 56.23 -24.97
CA ARG H 110 -0.80 55.78 -23.93
C ARG H 110 0.62 56.32 -24.13
N PHE H 111 1.03 56.53 -25.37
CA PHE H 111 2.41 56.95 -25.62
C PHE H 111 2.50 58.35 -26.22
N ALA H 112 3.34 59.16 -25.59
CA ALA H 112 3.57 60.50 -26.03
C ALA H 112 4.39 60.46 -27.32
N ASP H 113 5.34 59.52 -27.39
CA ASP H 113 6.21 59.38 -28.56
C ASP H 113 6.45 57.91 -28.86
N VAL H 114 7.24 57.63 -29.90
CA VAL H 114 7.49 56.24 -30.30
C VAL H 114 8.45 55.55 -29.33
N GLU H 115 9.36 56.32 -28.69
N GLU H 115 9.34 56.32 -28.69
CA GLU H 115 10.30 55.72 -27.75
CA GLU H 115 10.31 55.77 -27.76
C GLU H 115 9.51 55.04 -26.63
C GLU H 115 9.60 55.11 -26.57
N ALA H 116 8.51 55.74 -26.11
CA ALA H 116 7.70 55.21 -25.01
C ALA H 116 6.94 53.96 -25.50
N LYS H 117 6.51 53.98 -26.76
CA LYS H 117 5.80 52.86 -27.38
C LYS H 117 6.76 51.67 -27.52
N ASN H 118 7.95 51.95 -28.04
CA ASN H 118 8.98 50.92 -28.21
C ASN H 118 9.39 50.35 -26.85
N GLY H 119 9.51 51.21 -25.84
CA GLY H 119 9.90 50.80 -24.49
C GLY H 119 8.87 49.87 -23.86
N MET H 120 7.59 50.21 -24.00
CA MET H 120 6.48 49.41 -23.47
C MET H 120 6.50 48.02 -24.12
N HIS H 121 6.79 47.98 -25.42
CA HIS H 121 6.81 46.72 -26.17
C HIS H 121 8.01 45.85 -25.77
N ALA H 122 9.15 46.47 -25.47
CA ALA H 122 10.36 45.73 -25.07
C ALA H 122 10.19 45.21 -23.63
N GLY H 123 9.55 46.02 -22.79
CA GLY H 123 9.31 45.65 -21.40
C GLY H 123 8.35 44.47 -21.34
N ARG H 124 7.22 44.60 -22.02
CA ARG H 124 6.22 43.55 -22.06
C ARG H 124 6.79 42.30 -22.75
N SER H 125 7.43 42.46 -23.90
CA SER H 125 7.98 41.30 -24.59
C SER H 125 8.96 40.56 -23.67
N PHE H 126 9.65 41.29 -22.80
CA PHE H 126 10.61 40.66 -21.89
C PHE H 126 9.87 39.70 -20.95
N PHE H 127 8.89 40.22 -20.22
CA PHE H 127 8.14 39.39 -19.29
C PHE H 127 7.50 38.23 -20.04
N VAL H 128 6.76 38.52 -21.10
CA VAL H 128 6.07 37.45 -21.84
C VAL H 128 7.06 36.35 -22.27
N ASN H 129 8.15 36.73 -22.95
CA ASN H 129 9.12 35.73 -23.40
C ASN H 129 9.71 34.98 -22.20
N MET H 130 9.91 35.65 -21.06
CA MET H 130 10.46 34.97 -19.88
C MET H 130 9.55 33.83 -19.46
N HIS H 131 8.25 34.12 -19.38
CA HIS H 131 7.27 33.15 -18.98
C HIS H 131 7.09 32.08 -20.07
N ARG H 132 7.07 32.44 -21.35
CA ARG H 132 6.85 31.42 -22.39
C ARG H 132 8.04 30.45 -22.50
N PHE H 133 9.29 30.96 -22.45
CA PHE H 133 10.44 30.11 -22.73
C PHE H 133 11.44 29.88 -21.58
N ASP H 134 11.49 30.71 -20.54
CA ASP H 134 12.49 30.48 -19.49
C ASP H 134 11.83 29.78 -18.31
N LEU H 135 10.69 30.30 -17.87
CA LEU H 135 9.96 29.68 -16.76
C LEU H 135 8.99 28.64 -17.35
N LYS H 136 8.56 28.83 -18.60
CA LYS H 136 7.65 27.87 -19.29
C LYS H 136 6.37 27.68 -18.47
N ASP H 137 5.81 28.77 -17.96
CA ASP H 137 4.61 28.76 -17.13
C ASP H 137 3.64 29.86 -17.60
N ALA H 138 3.73 30.21 -18.89
CA ALA H 138 2.93 31.29 -19.46
C ALA H 138 1.44 31.09 -19.16
N HIS H 139 0.93 29.87 -19.34
CA HIS H 139 -0.49 29.63 -19.08
C HIS H 139 -0.82 29.93 -17.61
N HIS H 140 0.00 29.42 -16.69
CA HIS H 140 -0.22 29.68 -15.26
C HIS H 140 -0.07 31.16 -14.93
N TRP H 141 0.90 31.80 -15.59
CA TRP H 141 1.15 33.21 -15.39
C TRP H 141 -0.10 34.03 -15.79
N MET H 142 -0.68 33.69 -16.93
CA MET H 142 -1.88 34.39 -17.39
C MET H 142 -3.07 34.06 -16.48
N GLU H 143 -3.21 32.83 -16.02
CA GLU H 143 -4.32 32.51 -15.11
C GLU H 143 -4.20 33.34 -13.82
N LYS H 144 -2.97 33.57 -13.35
CA LYS H 144 -2.77 34.38 -12.13
C LYS H 144 -3.38 35.77 -12.30
N GLN H 145 -3.23 36.38 -13.50
CA GLN H 145 -3.78 37.71 -13.75
C GLN H 145 -5.31 37.59 -13.68
N VAL H 146 -5.83 36.49 -14.20
CA VAL H 146 -7.30 36.24 -14.18
C VAL H 146 -7.76 36.10 -12.72
N TYR H 147 -7.03 35.38 -11.89
CA TYR H 147 -7.42 35.26 -10.47
C TYR H 147 -7.38 36.61 -9.76
N LEU H 148 -6.42 37.46 -10.15
CA LEU H 148 -6.32 38.81 -9.58
C LEU H 148 -7.64 39.55 -9.89
N ASN H 149 -8.08 39.39 -11.11
CA ASN H 149 -9.31 40.00 -11.59
C ASN H 149 -10.48 39.48 -10.73
N VAL H 150 -10.57 38.16 -10.53
CA VAL H 150 -11.63 37.57 -9.68
C VAL H 150 -11.67 38.27 -8.33
N GLY H 151 -10.49 38.51 -7.75
CA GLY H 151 -10.37 39.15 -6.45
C GLY H 151 -11.01 40.53 -6.43
N THR H 152 -10.80 41.29 -7.49
CA THR H 152 -11.38 42.61 -7.60
C THR H 152 -12.91 42.49 -7.62
N LEU H 153 -13.43 41.47 -8.33
CA LEU H 153 -14.91 41.27 -8.41
C LEU H 153 -15.48 40.85 -7.05
N LEU H 154 -14.83 39.93 -6.35
CA LEU H 154 -15.33 39.47 -5.04
C LEU H 154 -15.42 40.64 -4.07
N LEU H 155 -14.42 41.52 -4.04
CA LEU H 155 -14.52 42.64 -3.09
C LEU H 155 -15.51 43.68 -3.63
N GLY H 156 -15.45 43.90 -4.94
CA GLY H 156 -16.34 44.84 -5.60
C GLY H 156 -17.79 44.44 -5.43
N ALA H 157 -18.09 43.17 -5.67
CA ALA H 157 -19.45 42.70 -5.47
C ALA H 157 -19.88 43.02 -4.04
N SER H 158 -19.00 42.76 -3.06
CA SER H 158 -19.36 43.02 -1.66
C SER H 158 -19.62 44.53 -1.42
N ALA H 159 -18.83 45.41 -2.03
CA ALA H 159 -19.01 46.86 -1.86
C ALA H 159 -20.30 47.34 -2.54
N MET H 160 -20.82 46.58 -3.51
CA MET H 160 -22.06 46.92 -4.21
C MET H 160 -23.25 46.20 -3.54
N GLU H 161 -23.00 45.47 -2.45
CA GLU H 161 -24.04 44.73 -1.71
C GLU H 161 -24.61 43.60 -2.58
N ILE H 162 -23.72 42.95 -3.33
CA ILE H 162 -24.06 41.85 -4.21
C ILE H 162 -23.41 40.58 -3.64
N ASP H 163 -24.17 39.49 -3.56
CA ASP H 163 -23.60 38.24 -3.05
C ASP H 163 -22.87 37.52 -4.20
N ALA H 164 -21.81 36.80 -3.88
CA ALA H 164 -21.02 36.09 -4.87
C ALA H 164 -20.40 34.83 -4.25
N VAL H 165 -19.78 34.03 -5.09
CA VAL H 165 -19.09 32.81 -4.63
C VAL H 165 -18.15 32.39 -5.76
N PRO H 166 -16.84 32.35 -5.50
CA PRO H 166 -15.90 31.89 -6.52
C PRO H 166 -15.99 30.36 -6.59
N ILE H 167 -15.95 29.79 -7.79
CA ILE H 167 -16.07 28.34 -7.93
C ILE H 167 -14.95 27.77 -8.79
N GLU H 168 -14.28 26.76 -8.23
CA GLU H 168 -13.21 26.00 -8.94
C GLU H 168 -13.72 24.59 -9.19
N GLY H 169 -14.75 24.21 -8.44
CA GLY H 169 -15.30 22.86 -8.54
C GLY H 169 -16.24 22.68 -9.72
N PHE H 170 -15.66 22.61 -10.90
CA PHE H 170 -16.39 22.43 -12.11
C PHE H 170 -15.47 21.71 -13.09
N ASP H 171 -16.07 21.05 -14.07
CA ASP H 171 -15.32 20.33 -15.08
C ASP H 171 -15.01 21.31 -16.23
N ALA H 172 -13.78 21.81 -16.26
CA ALA H 172 -13.39 22.81 -17.28
C ALA H 172 -13.40 22.22 -18.69
N LYS H 173 -13.18 20.93 -18.83
CA LYS H 173 -13.23 20.34 -20.17
C LYS H 173 -14.66 20.43 -20.71
N VAL H 174 -15.63 20.09 -19.90
CA VAL H 174 -17.02 20.14 -20.33
C VAL H 174 -17.38 21.60 -20.63
N LEU H 175 -17.05 22.51 -19.74
CA LEU H 175 -17.43 23.91 -19.93
C LEU H 175 -16.72 24.49 -21.17
N ASP H 176 -15.43 24.18 -21.34
CA ASP H 176 -14.71 24.70 -22.49
C ASP H 176 -15.33 24.17 -23.78
N GLU H 177 -15.62 22.88 -23.83
CA GLU H 177 -16.18 22.30 -25.06
C GLU H 177 -17.58 22.87 -25.34
N GLU H 178 -18.36 23.06 -24.29
CA GLU H 178 -19.70 23.63 -24.44
C GLU H 178 -19.66 24.96 -25.20
N PHE H 179 -18.62 25.77 -24.98
CA PHE H 179 -18.55 27.08 -25.62
C PHE H 179 -17.44 27.16 -26.68
N GLY H 180 -16.84 26.04 -27.07
CA GLY H 180 -15.75 26.06 -28.07
C GLY H 180 -14.61 26.99 -27.66
N LEU H 181 -14.29 27.02 -26.36
CA LEU H 181 -13.25 27.95 -25.84
C LEU H 181 -11.83 27.55 -26.26
N ARG H 182 -11.49 26.30 -26.24
CA ARG H 182 -10.10 25.94 -26.56
C ARG H 182 -9.78 26.29 -28.02
N GLU H 183 -10.77 26.21 -28.89
CA GLU H 183 -10.56 26.57 -30.30
C GLU H 183 -10.30 28.07 -30.44
N LYS H 184 -10.94 28.89 -29.60
CA LYS H 184 -10.76 30.34 -29.62
C LYS H 184 -9.52 30.77 -28.83
N GLY H 185 -8.78 29.84 -28.24
CA GLY H 185 -7.60 30.21 -27.48
C GLY H 185 -7.91 30.59 -26.03
N PHE H 186 -8.99 30.05 -25.43
CA PHE H 186 -9.32 30.38 -24.04
C PHE H 186 -9.71 29.14 -23.24
N THR H 187 -9.61 29.22 -21.93
CA THR H 187 -9.99 28.08 -21.05
C THR H 187 -10.62 28.65 -19.76
N SER H 188 -11.70 28.00 -19.33
CA SER H 188 -12.43 28.42 -18.12
C SER H 188 -11.60 28.09 -16.87
N VAL H 189 -11.49 29.04 -15.92
CA VAL H 189 -10.69 28.77 -14.69
C VAL H 189 -11.52 29.03 -13.43
N VAL H 190 -12.43 30.01 -13.42
CA VAL H 190 -13.23 30.27 -12.23
C VAL H 190 -14.63 30.77 -12.62
N ILE H 191 -15.64 30.27 -11.93
CA ILE H 191 -17.03 30.65 -12.17
C ILE H 191 -17.46 31.51 -10.98
N VAL H 192 -18.10 32.64 -11.23
CA VAL H 192 -18.55 33.45 -10.12
C VAL H 192 -20.01 33.82 -10.31
N PRO H 193 -20.89 33.08 -9.65
CA PRO H 193 -22.31 33.38 -9.70
C PRO H 193 -22.55 34.64 -8.85
N LEU H 194 -23.42 35.51 -9.32
CA LEU H 194 -23.74 36.77 -8.64
C LEU H 194 -25.24 36.85 -8.38
N GLY H 195 -25.62 37.39 -7.25
CA GLY H 195 -27.03 37.54 -6.93
C GLY H 195 -27.22 37.96 -5.48
N TYR H 196 -28.27 37.42 -4.85
CA TYR H 196 -28.56 37.68 -3.45
C TYR H 196 -28.80 36.32 -2.79
N HIS H 197 -28.24 36.12 -1.60
CA HIS H 197 -28.38 34.85 -0.90
C HIS H 197 -29.80 34.72 -0.32
N SER H 198 -30.30 33.49 -0.23
CA SER H 198 -31.61 33.25 0.37
C SER H 198 -31.42 33.22 1.89
N GLU H 199 -32.51 33.28 2.64
CA GLU H 199 -32.45 33.25 4.11
C GLU H 199 -31.98 31.86 4.57
N ASP H 200 -32.20 30.84 3.75
CA ASP H 200 -31.82 29.44 4.05
C ASP H 200 -30.32 29.21 3.84
N ASP H 201 -29.53 30.24 3.50
CA ASP H 201 -28.08 30.00 3.32
C ASP H 201 -27.46 29.78 4.71
N PHE H 202 -27.06 28.54 4.96
CA PHE H 202 -26.47 28.17 6.25
C PHE H 202 -25.12 28.88 6.44
N ASN H 203 -24.36 29.01 5.36
CA ASN H 203 -23.04 29.60 5.43
C ASN H 203 -23.13 31.11 5.72
N ALA H 204 -24.28 31.72 5.47
CA ALA H 204 -24.45 33.15 5.75
C ALA H 204 -24.50 33.39 7.26
N LYS H 205 -24.89 32.37 8.04
CA LYS H 205 -25.00 32.48 9.51
C LYS H 205 -23.74 31.96 10.20
N LEU H 206 -22.71 31.56 9.44
CA LEU H 206 -21.49 31.05 10.05
C LEU H 206 -20.44 32.16 10.15
N PRO H 207 -19.65 32.13 11.24
CA PRO H 207 -18.59 33.12 11.43
C PRO H 207 -17.50 32.85 10.38
N LYS H 208 -16.80 33.89 9.96
CA LYS H 208 -15.74 33.76 8.98
C LYS H 208 -14.47 33.27 9.70
N SER H 209 -13.76 32.33 9.10
CA SER H 209 -12.54 31.80 9.76
C SER H 209 -11.30 32.09 8.93
N ARG H 210 -10.32 32.70 9.56
CA ARG H 210 -9.06 33.01 8.92
C ARG H 210 -7.93 32.88 9.94
N TRP H 211 -6.70 32.70 9.45
CA TRP H 211 -5.57 32.67 10.35
C TRP H 211 -5.55 34.00 11.11
N SER H 212 -4.83 34.09 12.23
CA SER H 212 -4.76 35.36 12.96
C SER H 212 -3.67 36.25 12.32
N ALA H 213 -3.74 37.54 12.62
CA ALA H 213 -2.80 38.51 12.11
C ALA H 213 -1.37 38.17 12.51
N GLU H 214 -1.17 37.74 13.75
CA GLU H 214 0.18 37.43 14.22
C GLU H 214 0.76 36.26 13.41
N THR H 215 -0.10 35.44 12.81
CA THR H 215 0.35 34.29 12.05
C THR H 215 0.68 34.66 10.59
N VAL H 216 -0.09 35.56 9.99
CA VAL H 216 0.11 35.86 8.56
C VAL H 216 0.91 37.14 8.32
N PHE H 217 1.24 37.96 9.34
CA PHE H 217 1.99 39.21 9.07
C PHE H 217 3.35 39.26 9.76
N THR H 218 4.28 39.89 9.03
CA THR H 218 5.62 40.19 9.46
C THR H 218 5.82 41.67 9.17
N GLU H 219 5.83 42.49 10.23
CA GLU H 219 6.00 43.93 10.08
C GLU H 219 7.49 44.27 10.23
N ILE H 220 7.99 45.15 9.37
CA ILE H 220 9.41 45.56 9.37
C ILE H 220 9.51 47.05 9.02
#